data_3I18
# 
_entry.id   3I18 
# 
_audit_conform.dict_name       mmcif_pdbx.dic 
_audit_conform.dict_version    5.397 
_audit_conform.dict_location   http://mmcif.pdb.org/dictionaries/ascii/mmcif_pdbx.dic 
# 
loop_
_database_2.database_id 
_database_2.database_code 
_database_2.pdbx_database_accession 
_database_2.pdbx_DOI 
PDB   3I18         pdb_00003i18 10.2210/pdb3i18/pdb 
RCSB  RCSB053836   ?            ?                   
WWPDB D_1000053836 ?            ?                   
# 
loop_
_pdbx_audit_revision_history.ordinal 
_pdbx_audit_revision_history.data_content_type 
_pdbx_audit_revision_history.major_revision 
_pdbx_audit_revision_history.minor_revision 
_pdbx_audit_revision_history.revision_date 
1 'Structure model' 1 0 2009-07-14 
2 'Structure model' 1 1 2011-07-13 
3 'Structure model' 1 2 2019-07-24 
4 'Structure model' 1 3 2024-10-30 
# 
_pdbx_audit_revision_details.ordinal             1 
_pdbx_audit_revision_details.revision_ordinal    1 
_pdbx_audit_revision_details.data_content_type   'Structure model' 
_pdbx_audit_revision_details.provider            repository 
_pdbx_audit_revision_details.type                'Initial release' 
_pdbx_audit_revision_details.description         ? 
_pdbx_audit_revision_details.details             ? 
# 
loop_
_pdbx_audit_revision_group.ordinal 
_pdbx_audit_revision_group.revision_ordinal 
_pdbx_audit_revision_group.data_content_type 
_pdbx_audit_revision_group.group 
1 2 'Structure model' 'Version format compliance' 
2 3 'Structure model' 'Data collection'           
3 3 'Structure model' 'Derived calculations'      
4 3 'Structure model' 'Refinement description'    
5 4 'Structure model' 'Data collection'           
6 4 'Structure model' 'Database references'       
7 4 'Structure model' 'Derived calculations'      
8 4 'Structure model' 'Structure summary'         
# 
loop_
_pdbx_audit_revision_category.ordinal 
_pdbx_audit_revision_category.revision_ordinal 
_pdbx_audit_revision_category.data_content_type 
_pdbx_audit_revision_category.category 
1 3 'Structure model' software                  
2 3 'Structure model' struct_conn               
3 4 'Structure model' chem_comp_atom            
4 4 'Structure model' chem_comp_bond            
5 4 'Structure model' database_2                
6 4 'Structure model' pdbx_entry_details        
7 4 'Structure model' pdbx_modification_feature 
8 4 'Structure model' struct_ref_seq_dif        
9 4 'Structure model' struct_site               
# 
loop_
_pdbx_audit_revision_item.ordinal 
_pdbx_audit_revision_item.revision_ordinal 
_pdbx_audit_revision_item.data_content_type 
_pdbx_audit_revision_item.item 
1  3 'Structure model' '_software.contact_author'                     
2  3 'Structure model' '_software.contact_author_email'               
3  3 'Structure model' '_software.language'                           
4  3 'Structure model' '_software.location'                           
5  3 'Structure model' '_software.name'                               
6  3 'Structure model' '_software.type'                               
7  3 'Structure model' '_software.version'                            
8  3 'Structure model' '_struct_conn.pdbx_leaving_atom_flag'          
9  4 'Structure model' '_database_2.pdbx_DOI'                         
10 4 'Structure model' '_database_2.pdbx_database_accession'          
11 4 'Structure model' '_pdbx_entry_details.has_protein_modification' 
12 4 'Structure model' '_struct_ref_seq_dif.details'                  
13 4 'Structure model' '_struct_site.pdbx_auth_asym_id'               
14 4 'Structure model' '_struct_site.pdbx_auth_comp_id'               
15 4 'Structure model' '_struct_site.pdbx_auth_seq_id'                
# 
_pdbx_database_status.entry_id                        3I18 
_pdbx_database_status.deposit_site                    RCSB 
_pdbx_database_status.process_site                    RCSB 
_pdbx_database_status.recvd_initial_deposition_date   2009-06-25 
_pdbx_database_status.status_code                     REL 
_pdbx_database_status.status_code_sf                  REL 
_pdbx_database_status.status_code_mr                  ? 
_pdbx_database_status.SG_entry                        Y 
_pdbx_database_status.pdb_format_compatible           Y 
_pdbx_database_status.status_code_cs                  ? 
_pdbx_database_status.methods_development_category    ? 
_pdbx_database_status.status_code_nmr_data            ? 
# 
_pdbx_database_related.db_name        TargetDB 
_pdbx_database_related.db_id          LmR166B 
_pdbx_database_related.details        . 
_pdbx_database_related.content_type   unspecified 
# 
loop_
_audit_author.name 
_audit_author.pdbx_ordinal 
'Forouhar, F.'                                    1  
'Lew, S.'                                         2  
'Seetharaman, J.'                                 3  
'Janjua, J.'                                      4  
'Xiao, R.'                                        5  
'Ciccosanti, C.'                                  6  
'Zhao, L.'                                        7  
'Everett, J.K.'                                   8  
'Nair, R.'                                        9  
'Acton, T.B.'                                     10 
'Rost, B.'                                        11 
'Montelione, G.T.'                                12 
'Tong, L.'                                        13 
'Hunt, J.F.'                                      14 
'Northeast Structural Genomics Consortium (NESG)' 15 
# 
_citation.id                        primary 
_citation.title                     'Northeast Structural Genomics Consortium Target LmR166B' 
_citation.journal_abbrev            'To be Published' 
_citation.journal_volume            ? 
_citation.page_first                ? 
_citation.page_last                 ? 
_citation.year                      ? 
_citation.journal_id_ASTM           ? 
_citation.country                   ? 
_citation.journal_id_ISSN           ? 
_citation.journal_id_CSD            0353 
_citation.book_publisher            ? 
_citation.pdbx_database_id_PubMed   ? 
_citation.pdbx_database_id_DOI      ? 
# 
loop_
_citation_author.citation_id 
_citation_author.name 
_citation_author.ordinal 
_citation_author.identifier_ORCID 
primary 'Forouhar, F.'     1  ? 
primary 'Lew, S.'          2  ? 
primary 'Seetharaman, J.'  3  ? 
primary 'Janjua, J.'       4  ? 
primary 'Xiao, R.'         5  ? 
primary 'Ciccosanti, C.'   6  ? 
primary 'Zhao, L.'         7  ? 
primary 'Everett, J.K.'    8  ? 
primary 'Nair, R.'         9  ? 
primary 'Acton, T.B.'      10 ? 
primary 'Rost, B.'         11 ? 
primary 'Montelione, G.T.' 12 ? 
primary 'Tong, L.'         13 ? 
primary 'Hunt, J.F.'       14 ? 
# 
loop_
_entity.id 
_entity.type 
_entity.src_method 
_entity.pdbx_description 
_entity.formula_weight 
_entity.pdbx_number_of_molecules 
_entity.pdbx_ec 
_entity.pdbx_mutation 
_entity.pdbx_fragment 
_entity.details 
1 polymer     man 'Lmo2051 protein' 11204.261 1   ? ? 'PDZ domain' ? 
2 non-polymer syn 'BROMIDE ION'     79.904    1   ? ? ?            ? 
3 water       nat water             18.015    122 ? ? ?            ? 
# 
_entity_poly.entity_id                      1 
_entity_poly.type                           'polypeptide(L)' 
_entity_poly.nstd_linkage                   no 
_entity_poly.nstd_monomer                   yes 
_entity_poly.pdbx_seq_one_letter_code       
;(MSE)VKVTYDGVYV(MSE)SVKDDVPAADVLHAGDLITEIDGNAFKSSQEFIDYIHSKKVGDTVKINYKHGDKNEQADI
KLTAIDKKGTPGIGITLVDDLEHHHHHH
;
_entity_poly.pdbx_seq_one_letter_code_can   
;MVKVTYDGVYVMSVKDDVPAADVLHAGDLITEIDGNAFKSSQEFIDYIHSKKVGDTVKINYKHGDKNEQADIKLTAIDKK
GTPGIGITLVDDLEHHHHHH
;
_entity_poly.pdbx_strand_id                 A 
_entity_poly.pdbx_target_identifier         LmR166B 
# 
loop_
_pdbx_entity_nonpoly.entity_id 
_pdbx_entity_nonpoly.name 
_pdbx_entity_nonpoly.comp_id 
2 'BROMIDE ION' BR  
3 water         HOH 
# 
loop_
_entity_poly_seq.entity_id 
_entity_poly_seq.num 
_entity_poly_seq.mon_id 
_entity_poly_seq.hetero 
1 1   MSE n 
1 2   VAL n 
1 3   LYS n 
1 4   VAL n 
1 5   THR n 
1 6   TYR n 
1 7   ASP n 
1 8   GLY n 
1 9   VAL n 
1 10  TYR n 
1 11  VAL n 
1 12  MSE n 
1 13  SER n 
1 14  VAL n 
1 15  LYS n 
1 16  ASP n 
1 17  ASP n 
1 18  VAL n 
1 19  PRO n 
1 20  ALA n 
1 21  ALA n 
1 22  ASP n 
1 23  VAL n 
1 24  LEU n 
1 25  HIS n 
1 26  ALA n 
1 27  GLY n 
1 28  ASP n 
1 29  LEU n 
1 30  ILE n 
1 31  THR n 
1 32  GLU n 
1 33  ILE n 
1 34  ASP n 
1 35  GLY n 
1 36  ASN n 
1 37  ALA n 
1 38  PHE n 
1 39  LYS n 
1 40  SER n 
1 41  SER n 
1 42  GLN n 
1 43  GLU n 
1 44  PHE n 
1 45  ILE n 
1 46  ASP n 
1 47  TYR n 
1 48  ILE n 
1 49  HIS n 
1 50  SER n 
1 51  LYS n 
1 52  LYS n 
1 53  VAL n 
1 54  GLY n 
1 55  ASP n 
1 56  THR n 
1 57  VAL n 
1 58  LYS n 
1 59  ILE n 
1 60  ASN n 
1 61  TYR n 
1 62  LYS n 
1 63  HIS n 
1 64  GLY n 
1 65  ASP n 
1 66  LYS n 
1 67  ASN n 
1 68  GLU n 
1 69  GLN n 
1 70  ALA n 
1 71  ASP n 
1 72  ILE n 
1 73  LYS n 
1 74  LEU n 
1 75  THR n 
1 76  ALA n 
1 77  ILE n 
1 78  ASP n 
1 79  LYS n 
1 80  LYS n 
1 81  GLY n 
1 82  THR n 
1 83  PRO n 
1 84  GLY n 
1 85  ILE n 
1 86  GLY n 
1 87  ILE n 
1 88  THR n 
1 89  LEU n 
1 90  VAL n 
1 91  ASP n 
1 92  ASP n 
1 93  LEU n 
1 94  GLU n 
1 95  HIS n 
1 96  HIS n 
1 97  HIS n 
1 98  HIS n 
1 99  HIS n 
1 100 HIS n 
# 
_entity_src_gen.entity_id                          1 
_entity_src_gen.pdbx_src_id                        1 
_entity_src_gen.pdbx_alt_source_flag               sample 
_entity_src_gen.pdbx_seq_type                      ? 
_entity_src_gen.pdbx_beg_seq_num                   ? 
_entity_src_gen.pdbx_end_seq_num                   ? 
_entity_src_gen.gene_src_common_name               ? 
_entity_src_gen.gene_src_genus                     ? 
_entity_src_gen.pdbx_gene_src_gene                 lmo2051 
_entity_src_gen.gene_src_species                   ? 
_entity_src_gen.gene_src_strain                    EGD-e 
_entity_src_gen.gene_src_tissue                    ? 
_entity_src_gen.gene_src_tissue_fraction           ? 
_entity_src_gen.gene_src_details                   ? 
_entity_src_gen.pdbx_gene_src_fragment             ? 
_entity_src_gen.pdbx_gene_src_scientific_name      'Listeria monocytogenes' 
_entity_src_gen.pdbx_gene_src_ncbi_taxonomy_id     1639 
_entity_src_gen.pdbx_gene_src_variant              ? 
_entity_src_gen.pdbx_gene_src_cell_line            ? 
_entity_src_gen.pdbx_gene_src_atcc                 ? 
_entity_src_gen.pdbx_gene_src_organ                ? 
_entity_src_gen.pdbx_gene_src_organelle            ? 
_entity_src_gen.pdbx_gene_src_cell                 ? 
_entity_src_gen.pdbx_gene_src_cellular_location    ? 
_entity_src_gen.host_org_common_name               ? 
_entity_src_gen.pdbx_host_org_scientific_name      'Escherichia coli' 
_entity_src_gen.pdbx_host_org_ncbi_taxonomy_id     562 
_entity_src_gen.host_org_genus                     ? 
_entity_src_gen.pdbx_host_org_gene                 ? 
_entity_src_gen.pdbx_host_org_organ                ? 
_entity_src_gen.host_org_species                   ? 
_entity_src_gen.pdbx_host_org_tissue               ? 
_entity_src_gen.pdbx_host_org_tissue_fraction      ? 
_entity_src_gen.pdbx_host_org_strain               'BL21(DE3)+ Magic' 
_entity_src_gen.pdbx_host_org_variant              ? 
_entity_src_gen.pdbx_host_org_cell_line            ? 
_entity_src_gen.pdbx_host_org_atcc                 ? 
_entity_src_gen.pdbx_host_org_culture_collection   ? 
_entity_src_gen.pdbx_host_org_cell                 ? 
_entity_src_gen.pdbx_host_org_organelle            ? 
_entity_src_gen.pdbx_host_org_cellular_location    ? 
_entity_src_gen.pdbx_host_org_vector_type          pET21 
_entity_src_gen.pdbx_host_org_vector               ? 
_entity_src_gen.host_org_details                   ? 
_entity_src_gen.expression_system_id               ? 
_entity_src_gen.plasmid_name                       BL21 
_entity_src_gen.plasmid_details                    ? 
_entity_src_gen.pdbx_description                   ? 
# 
loop_
_chem_comp.id 
_chem_comp.type 
_chem_comp.mon_nstd_flag 
_chem_comp.name 
_chem_comp.pdbx_synonyms 
_chem_comp.formula 
_chem_comp.formula_weight 
ALA 'L-peptide linking' y ALANINE          ? 'C3 H7 N O2'     89.093  
ASN 'L-peptide linking' y ASPARAGINE       ? 'C4 H8 N2 O3'    132.118 
ASP 'L-peptide linking' y 'ASPARTIC ACID'  ? 'C4 H7 N O4'     133.103 
BR  non-polymer         . 'BROMIDE ION'    ? 'Br -1'          79.904  
GLN 'L-peptide linking' y GLUTAMINE        ? 'C5 H10 N2 O3'   146.144 
GLU 'L-peptide linking' y 'GLUTAMIC ACID'  ? 'C5 H9 N O4'     147.129 
GLY 'peptide linking'   y GLYCINE          ? 'C2 H5 N O2'     75.067  
HIS 'L-peptide linking' y HISTIDINE        ? 'C6 H10 N3 O2 1' 156.162 
HOH non-polymer         . WATER            ? 'H2 O'           18.015  
ILE 'L-peptide linking' y ISOLEUCINE       ? 'C6 H13 N O2'    131.173 
LEU 'L-peptide linking' y LEUCINE          ? 'C6 H13 N O2'    131.173 
LYS 'L-peptide linking' y LYSINE           ? 'C6 H15 N2 O2 1' 147.195 
MSE 'L-peptide linking' n SELENOMETHIONINE ? 'C5 H11 N O2 Se' 196.106 
PHE 'L-peptide linking' y PHENYLALANINE    ? 'C9 H11 N O2'    165.189 
PRO 'L-peptide linking' y PROLINE          ? 'C5 H9 N O2'     115.130 
SER 'L-peptide linking' y SERINE           ? 'C3 H7 N O3'     105.093 
THR 'L-peptide linking' y THREONINE        ? 'C4 H9 N O3'     119.119 
TYR 'L-peptide linking' y TYROSINE         ? 'C9 H11 N O3'    181.189 
VAL 'L-peptide linking' y VALINE           ? 'C5 H11 N O2'    117.146 
# 
loop_
_pdbx_poly_seq_scheme.asym_id 
_pdbx_poly_seq_scheme.entity_id 
_pdbx_poly_seq_scheme.seq_id 
_pdbx_poly_seq_scheme.mon_id 
_pdbx_poly_seq_scheme.ndb_seq_num 
_pdbx_poly_seq_scheme.pdb_seq_num 
_pdbx_poly_seq_scheme.auth_seq_num 
_pdbx_poly_seq_scheme.pdb_mon_id 
_pdbx_poly_seq_scheme.auth_mon_id 
_pdbx_poly_seq_scheme.pdb_strand_id 
_pdbx_poly_seq_scheme.pdb_ins_code 
_pdbx_poly_seq_scheme.hetero 
A 1 1   MSE 1   1   ?   ?   ?   A . n 
A 1 2   VAL 2   2   2   VAL VAL A . n 
A 1 3   LYS 3   3   3   LYS LYS A . n 
A 1 4   VAL 4   4   4   VAL VAL A . n 
A 1 5   THR 5   5   5   THR THR A . n 
A 1 6   TYR 6   6   6   TYR TYR A . n 
A 1 7   ASP 7   7   7   ASP ASP A . n 
A 1 8   GLY 8   8   8   GLY GLY A . n 
A 1 9   VAL 9   9   9   VAL VAL A . n 
A 1 10  TYR 10  10  10  TYR TYR A . n 
A 1 11  VAL 11  11  11  VAL VAL A . n 
A 1 12  MSE 12  12  12  MSE MSE A . n 
A 1 13  SER 13  13  13  SER SER A . n 
A 1 14  VAL 14  14  14  VAL VAL A . n 
A 1 15  LYS 15  15  15  LYS LYS A . n 
A 1 16  ASP 16  16  16  ASP ASP A . n 
A 1 17  ASP 17  17  17  ASP ASP A . n 
A 1 18  VAL 18  18  18  VAL VAL A . n 
A 1 19  PRO 19  19  19  PRO PRO A . n 
A 1 20  ALA 20  20  20  ALA ALA A . n 
A 1 21  ALA 21  21  21  ALA ALA A . n 
A 1 22  ASP 22  22  22  ASP ASP A . n 
A 1 23  VAL 23  23  23  VAL VAL A . n 
A 1 24  LEU 24  24  24  LEU LEU A . n 
A 1 25  HIS 25  25  25  HIS HIS A . n 
A 1 26  ALA 26  26  26  ALA ALA A . n 
A 1 27  GLY 27  27  27  GLY GLY A . n 
A 1 28  ASP 28  28  28  ASP ASP A . n 
A 1 29  LEU 29  29  29  LEU LEU A . n 
A 1 30  ILE 30  30  30  ILE ILE A . n 
A 1 31  THR 31  31  31  THR THR A . n 
A 1 32  GLU 32  32  32  GLU GLU A . n 
A 1 33  ILE 33  33  33  ILE ILE A . n 
A 1 34  ASP 34  34  34  ASP ASP A . n 
A 1 35  GLY 35  35  35  GLY GLY A . n 
A 1 36  ASN 36  36  36  ASN ASN A . n 
A 1 37  ALA 37  37  37  ALA ALA A . n 
A 1 38  PHE 38  38  38  PHE PHE A . n 
A 1 39  LYS 39  39  39  LYS LYS A . n 
A 1 40  SER 40  40  40  SER SER A . n 
A 1 41  SER 41  41  41  SER SER A . n 
A 1 42  GLN 42  42  42  GLN GLN A . n 
A 1 43  GLU 43  43  43  GLU GLU A . n 
A 1 44  PHE 44  44  44  PHE PHE A . n 
A 1 45  ILE 45  45  45  ILE ILE A . n 
A 1 46  ASP 46  46  46  ASP ASP A . n 
A 1 47  TYR 47  47  47  TYR TYR A . n 
A 1 48  ILE 48  48  48  ILE ILE A . n 
A 1 49  HIS 49  49  49  HIS HIS A . n 
A 1 50  SER 50  50  50  SER SER A . n 
A 1 51  LYS 51  51  51  LYS LYS A . n 
A 1 52  LYS 52  52  52  LYS LYS A . n 
A 1 53  VAL 53  53  53  VAL VAL A . n 
A 1 54  GLY 54  54  54  GLY GLY A . n 
A 1 55  ASP 55  55  55  ASP ASP A . n 
A 1 56  THR 56  56  56  THR THR A . n 
A 1 57  VAL 57  57  57  VAL VAL A . n 
A 1 58  LYS 58  58  58  LYS LYS A . n 
A 1 59  ILE 59  59  59  ILE ILE A . n 
A 1 60  ASN 60  60  60  ASN ASN A . n 
A 1 61  TYR 61  61  61  TYR TYR A . n 
A 1 62  LYS 62  62  62  LYS LYS A . n 
A 1 63  HIS 63  63  63  HIS HIS A . n 
A 1 64  GLY 64  64  64  GLY GLY A . n 
A 1 65  ASP 65  65  65  ASP ASP A . n 
A 1 66  LYS 66  66  66  LYS LYS A . n 
A 1 67  ASN 67  67  67  ASN ASN A . n 
A 1 68  GLU 68  68  68  GLU GLU A . n 
A 1 69  GLN 69  69  69  GLN GLN A . n 
A 1 70  ALA 70  70  70  ALA ALA A . n 
A 1 71  ASP 71  71  71  ASP ASP A . n 
A 1 72  ILE 72  72  72  ILE ILE A . n 
A 1 73  LYS 73  73  73  LYS LYS A . n 
A 1 74  LEU 74  74  74  LEU LEU A . n 
A 1 75  THR 75  75  75  THR THR A . n 
A 1 76  ALA 76  76  76  ALA ALA A . n 
A 1 77  ILE 77  77  77  ILE ILE A . n 
A 1 78  ASP 78  78  78  ASP ASP A . n 
A 1 79  LYS 79  79  79  LYS LYS A . n 
A 1 80  LYS 80  80  80  LYS LYS A . n 
A 1 81  GLY 81  81  81  GLY GLY A . n 
A 1 82  THR 82  82  82  THR THR A . n 
A 1 83  PRO 83  83  83  PRO PRO A . n 
A 1 84  GLY 84  84  84  GLY GLY A . n 
A 1 85  ILE 85  85  85  ILE ILE A . n 
A 1 86  GLY 86  86  86  GLY GLY A . n 
A 1 87  ILE 87  87  87  ILE ILE A . n 
A 1 88  THR 88  88  88  THR THR A . n 
A 1 89  LEU 89  89  89  LEU LEU A . n 
A 1 90  VAL 90  90  90  VAL VAL A . n 
A 1 91  ASP 91  91  91  ASP ASP A . n 
A 1 92  ASP 92  92  92  ASP ASP A . n 
A 1 93  LEU 93  93  93  LEU LEU A . n 
A 1 94  GLU 94  94  ?   ?   ?   A . n 
A 1 95  HIS 95  95  ?   ?   ?   A . n 
A 1 96  HIS 96  96  ?   ?   ?   A . n 
A 1 97  HIS 97  97  ?   ?   ?   A . n 
A 1 98  HIS 98  98  98  HIS HIS A . n 
A 1 99  HIS 99  99  99  HIS HIS A . n 
A 1 100 HIS 100 100 100 HIS HIS A . n 
# 
loop_
_pdbx_nonpoly_scheme.asym_id 
_pdbx_nonpoly_scheme.entity_id 
_pdbx_nonpoly_scheme.mon_id 
_pdbx_nonpoly_scheme.ndb_seq_num 
_pdbx_nonpoly_scheme.pdb_seq_num 
_pdbx_nonpoly_scheme.auth_seq_num 
_pdbx_nonpoly_scheme.pdb_mon_id 
_pdbx_nonpoly_scheme.auth_mon_id 
_pdbx_nonpoly_scheme.pdb_strand_id 
_pdbx_nonpoly_scheme.pdb_ins_code 
B 2 BR  1   101 101 BR  BR  A . 
C 3 HOH 1   102 102 HOH HOH A . 
C 3 HOH 2   103 103 HOH HOH A . 
C 3 HOH 3   104 104 HOH HOH A . 
C 3 HOH 4   105 105 HOH HOH A . 
C 3 HOH 5   106 106 HOH HOH A . 
C 3 HOH 6   107 107 HOH HOH A . 
C 3 HOH 7   108 108 HOH HOH A . 
C 3 HOH 8   109 109 HOH HOH A . 
C 3 HOH 9   110 110 HOH HOH A . 
C 3 HOH 10  111 111 HOH HOH A . 
C 3 HOH 11  112 112 HOH HOH A . 
C 3 HOH 12  113 113 HOH HOH A . 
C 3 HOH 13  114 114 HOH HOH A . 
C 3 HOH 14  115 115 HOH HOH A . 
C 3 HOH 15  116 116 HOH HOH A . 
C 3 HOH 16  117 117 HOH HOH A . 
C 3 HOH 17  118 118 HOH HOH A . 
C 3 HOH 18  119 119 HOH HOH A . 
C 3 HOH 19  120 120 HOH HOH A . 
C 3 HOH 20  121 121 HOH HOH A . 
C 3 HOH 21  122 122 HOH HOH A . 
C 3 HOH 22  123 123 HOH HOH A . 
C 3 HOH 23  124 124 HOH HOH A . 
C 3 HOH 24  125 125 HOH HOH A . 
C 3 HOH 25  126 126 HOH HOH A . 
C 3 HOH 26  127 127 HOH HOH A . 
C 3 HOH 27  128 128 HOH HOH A . 
C 3 HOH 28  129 129 HOH HOH A . 
C 3 HOH 29  130 130 HOH HOH A . 
C 3 HOH 30  131 131 HOH HOH A . 
C 3 HOH 31  132 132 HOH HOH A . 
C 3 HOH 32  133 133 HOH HOH A . 
C 3 HOH 33  134 134 HOH HOH A . 
C 3 HOH 34  135 135 HOH HOH A . 
C 3 HOH 35  136 136 HOH HOH A . 
C 3 HOH 36  137 137 HOH HOH A . 
C 3 HOH 37  138 138 HOH HOH A . 
C 3 HOH 38  139 139 HOH HOH A . 
C 3 HOH 39  140 140 HOH HOH A . 
C 3 HOH 40  141 141 HOH HOH A . 
C 3 HOH 41  142 142 HOH HOH A . 
C 3 HOH 42  143 143 HOH HOH A . 
C 3 HOH 43  144 144 HOH HOH A . 
C 3 HOH 44  145 145 HOH HOH A . 
C 3 HOH 45  146 146 HOH HOH A . 
C 3 HOH 46  147 147 HOH HOH A . 
C 3 HOH 47  148 148 HOH HOH A . 
C 3 HOH 48  149 149 HOH HOH A . 
C 3 HOH 49  150 150 HOH HOH A . 
C 3 HOH 50  151 151 HOH HOH A . 
C 3 HOH 51  152 152 HOH HOH A . 
C 3 HOH 52  153 153 HOH HOH A . 
C 3 HOH 53  154 154 HOH HOH A . 
C 3 HOH 54  155 155 HOH HOH A . 
C 3 HOH 55  156 156 HOH HOH A . 
C 3 HOH 56  157 157 HOH HOH A . 
C 3 HOH 57  158 158 HOH HOH A . 
C 3 HOH 58  159 159 HOH HOH A . 
C 3 HOH 59  160 160 HOH HOH A . 
C 3 HOH 60  161 161 HOH HOH A . 
C 3 HOH 61  162 162 HOH HOH A . 
C 3 HOH 62  163 163 HOH HOH A . 
C 3 HOH 63  164 164 HOH HOH A . 
C 3 HOH 64  165 165 HOH HOH A . 
C 3 HOH 65  166 166 HOH HOH A . 
C 3 HOH 66  167 167 HOH HOH A . 
C 3 HOH 67  168 168 HOH HOH A . 
C 3 HOH 68  169 169 HOH HOH A . 
C 3 HOH 69  170 170 HOH HOH A . 
C 3 HOH 70  171 171 HOH HOH A . 
C 3 HOH 71  172 172 HOH HOH A . 
C 3 HOH 72  173 173 HOH HOH A . 
C 3 HOH 73  174 174 HOH HOH A . 
C 3 HOH 74  175 175 HOH HOH A . 
C 3 HOH 75  176 176 HOH HOH A . 
C 3 HOH 76  177 177 HOH HOH A . 
C 3 HOH 77  178 178 HOH HOH A . 
C 3 HOH 78  179 179 HOH HOH A . 
C 3 HOH 79  180 180 HOH HOH A . 
C 3 HOH 80  181 181 HOH HOH A . 
C 3 HOH 81  182 182 HOH HOH A . 
C 3 HOH 82  183 183 HOH HOH A . 
C 3 HOH 83  184 184 HOH HOH A . 
C 3 HOH 84  185 185 HOH HOH A . 
C 3 HOH 85  186 186 HOH HOH A . 
C 3 HOH 86  187 187 HOH HOH A . 
C 3 HOH 87  188 188 HOH HOH A . 
C 3 HOH 88  189 189 HOH HOH A . 
C 3 HOH 89  190 190 HOH HOH A . 
C 3 HOH 90  191 191 HOH HOH A . 
C 3 HOH 91  192 192 HOH HOH A . 
C 3 HOH 92  193 193 HOH HOH A . 
C 3 HOH 93  194 194 HOH HOH A . 
C 3 HOH 94  195 195 HOH HOH A . 
C 3 HOH 95  196 196 HOH HOH A . 
C 3 HOH 96  197 197 HOH HOH A . 
C 3 HOH 97  198 198 HOH HOH A . 
C 3 HOH 98  199 199 HOH HOH A . 
C 3 HOH 99  200 200 HOH HOH A . 
C 3 HOH 100 201 201 HOH HOH A . 
C 3 HOH 101 202 202 HOH HOH A . 
C 3 HOH 102 203 203 HOH HOH A . 
C 3 HOH 103 204 204 HOH HOH A . 
C 3 HOH 104 205 205 HOH HOH A . 
C 3 HOH 105 206 206 HOH HOH A . 
C 3 HOH 106 207 207 HOH HOH A . 
C 3 HOH 107 208 208 HOH HOH A . 
C 3 HOH 108 209 209 HOH HOH A . 
C 3 HOH 109 210 210 HOH HOH A . 
C 3 HOH 110 211 211 HOH HOH A . 
C 3 HOH 111 212 212 HOH HOH A . 
C 3 HOH 112 213 213 HOH HOH A . 
C 3 HOH 113 214 214 HOH HOH A . 
C 3 HOH 114 215 215 HOH HOH A . 
C 3 HOH 115 216 216 HOH HOH A . 
C 3 HOH 116 217 217 HOH HOH A . 
C 3 HOH 117 218 218 HOH HOH A . 
C 3 HOH 118 219 219 HOH HOH A . 
C 3 HOH 119 220 220 HOH HOH A . 
C 3 HOH 120 221 221 HOH HOH A . 
C 3 HOH 121 222 222 HOH HOH A . 
C 3 HOH 122 223 223 HOH HOH A . 
# 
loop_
_software.name 
_software.version 
_software.date 
_software.type 
_software.contact_author 
_software.contact_author_email 
_software.classification 
_software.location 
_software.language 
_software.citation_id 
_software.pdbx_ordinal 
CNS         '1.2 & XtalView' ?                 ?       ?                 ?                        refinement        ? ?          ? 
1 
PDB_EXTRACT 3.00             'March. 27, 2007' package PDB               sw-help@rcsb.rutgers.edu 'data extraction' 
http://pdb.rutgers.edu/software/ C++        ? 2 
ADSC        Quantum          ?                 ?       ?                 ?                        'data collection' ? ?          ? 
3 
DENZO       .                ?                 ?       ?                 ?                        'data reduction'  ? ?          ? 
4 
SCALEPACK   .                ?                 ?       ?                 ?                        'data scaling'    ? ?          ? 
5 
SOLVE       .                ?                 ?       ?                 ?                        phasing           ? ?          ? 
6 
RESOLVE     .                ?                 ?       ?                 ?                        phasing           ? ?          ? 
7 
REFMAC      .                ?                 program 'Murshudov, G.N.' ccp4@dl.ac.uk            refinement        
http://www.ccp4.ac.uk/main.html  Fortran_77 ? 8 
# 
_cell.entry_id           3I18 
_cell.length_a           35.705 
_cell.length_b           90.475 
_cell.length_c           51.811 
_cell.angle_alpha        90.00 
_cell.angle_beta         90.00 
_cell.angle_gamma        90.00 
_cell.Z_PDB              8 
_cell.pdbx_unique_axis   ? 
_cell.length_a_esd       ? 
_cell.length_b_esd       ? 
_cell.length_c_esd       ? 
_cell.angle_alpha_esd    ? 
_cell.angle_beta_esd     ? 
_cell.angle_gamma_esd    ? 
# 
_symmetry.entry_id                         3I18 
_symmetry.space_group_name_H-M             'C 2 2 21' 
_symmetry.pdbx_full_space_group_name_H-M   ? 
_symmetry.cell_setting                     ? 
_symmetry.Int_Tables_number                20 
_symmetry.space_group_name_Hall            ? 
# 
_exptl.crystals_number   1 
_exptl.entry_id          3I18 
_exptl.method            'X-RAY DIFFRACTION' 
# 
_exptl_crystal.id                    1 
_exptl_crystal.density_Matthews      1.87 
_exptl_crystal.density_meas          ? 
_exptl_crystal.density_percent_sol   34.13 
_exptl_crystal.description           ? 
_exptl_crystal.F_000                 ? 
_exptl_crystal.preparation           ? 
# 
_exptl_crystal_grow.crystal_id      1 
_exptl_crystal_grow.method          'microbatch, under oil' 
_exptl_crystal_grow.pH              7.5 
_exptl_crystal_grow.temp            291 
_exptl_crystal_grow.pdbx_details    
;Protein solution: 100mM NaCl, 5mM DTT, 0.02% NaN3, 10mM Tris-HCl (pH 7.5), Reservoir solution: 30% w/v Polyethylene glycol monomethyl ether 2k and 150mM Potassium Bromide, microbatch, under oil, temperature 291K
;
_exptl_crystal_grow.temp_details    ? 
_exptl_crystal_grow.pdbx_pH_range   ? 
# 
_diffrn.id                     1 
_diffrn.ambient_temp           100 
_diffrn.ambient_temp_details   ? 
_diffrn.crystal_id             1 
# 
_diffrn_detector.diffrn_id              1 
_diffrn_detector.detector               CCD 
_diffrn_detector.type                   'ADSC QUANTUM 4' 
_diffrn_detector.pdbx_collection_date   2009-06-23 
_diffrn_detector.details                mirrors 
# 
_diffrn_radiation.diffrn_id                        1 
_diffrn_radiation.pdbx_diffrn_protocol             'SINGLE WAVELENGTH' 
_diffrn_radiation.monochromator                    'Si 111 CHANNEL' 
_diffrn_radiation.wavelength_id                    1 
_diffrn_radiation.pdbx_monochromatic_or_laue_m_l   M 
_diffrn_radiation.pdbx_scattering_type             x-ray 
# 
_diffrn_radiation_wavelength.id           1 
_diffrn_radiation_wavelength.wavelength   0.97947 
_diffrn_radiation_wavelength.wt           1.0 
# 
_diffrn_source.diffrn_id                   1 
_diffrn_source.source                      SYNCHROTRON 
_diffrn_source.type                        'NSLS BEAMLINE X4A' 
_diffrn_source.pdbx_wavelength_list        0.97947 
_diffrn_source.pdbx_wavelength             ? 
_diffrn_source.pdbx_synchrotron_site       NSLS 
_diffrn_source.pdbx_synchrotron_beamline   X4A 
# 
_reflns.entry_id                     3I18 
_reflns.B_iso_Wilson_estimate        10.700 
_reflns.observed_criterion_sigma_F   2.0 
_reflns.observed_criterion_sigma_I   2.0 
_reflns.d_resolution_high            1.7 
_reflns.d_resolution_low             30 
_reflns.number_all                   17896 
_reflns.number_obs                   14872 
_reflns.percent_possible_obs         83.1 
_reflns.pdbx_Rmerge_I_obs            0.047 
_reflns.pdbx_Rsym_value              0.054 
_reflns.pdbx_netI_over_sigmaI        32.6 
_reflns.pdbx_redundancy              4.3 
_reflns.R_free_details               ? 
_reflns.limit_h_max                  ? 
_reflns.limit_h_min                  ? 
_reflns.limit_k_max                  ? 
_reflns.limit_k_min                  ? 
_reflns.limit_l_max                  ? 
_reflns.limit_l_min                  ? 
_reflns.observed_criterion_F_max     ? 
_reflns.observed_criterion_F_min     ? 
_reflns.pdbx_chi_squared             ? 
_reflns.pdbx_scaling_rejects         ? 
_reflns.pdbx_diffrn_id               1 
_reflns.pdbx_ordinal                 1 
# 
_reflns_shell.d_res_high             1.7 
_reflns_shell.d_res_low              2.0 
_reflns_shell.percent_possible_obs   ? 
_reflns_shell.percent_possible_all   61.2 
_reflns_shell.Rmerge_I_obs           0.083 
_reflns_shell.meanI_over_sigI_obs    9.4 
_reflns_shell.pdbx_Rsym_value        0.106 
_reflns_shell.pdbx_redundancy        2.5 
_reflns_shell.number_unique_all      1784 
_reflns_shell.number_measured_all    ? 
_reflns_shell.number_measured_obs    ? 
_reflns_shell.number_unique_obs      ? 
_reflns_shell.pdbx_chi_squared       ? 
_reflns_shell.pdbx_diffrn_id         ? 
_reflns_shell.pdbx_ordinal           1 
# 
_refine.entry_id                                 3I18 
_refine.ls_d_res_high                            1.700 
_refine.ls_d_res_low                             17.850 
_refine.pdbx_ls_sigma_F                          2.00 
_refine.pdbx_data_cutoff_high_absF               586592.500 
_refine.pdbx_data_cutoff_low_absF                0.000 
_refine.ls_percent_reflns_obs                    83.100 
_refine.ls_number_reflns_obs                     14838 
_refine.pdbx_ls_cross_valid_method               THROUGHOUT 
_refine.pdbx_R_Free_selection_details            RANDOM 
_refine.ls_R_factor_R_work                       0.193 
_refine.ls_R_factor_R_free                       0.226 
_refine.ls_percent_reflns_R_free                 5.000 
_refine.ls_number_reflns_R_free                  735 
_refine.ls_R_factor_R_free_error                 0.008 
_refine.B_iso_mean                               18.600 
_refine.solvent_model_param_bsol                 33.418 
_refine.solvent_model_param_ksol                 0.350 
_refine.pdbx_isotropic_thermal_model             RESTRAINED 
_refine.aniso_B[1][1]                            -0.480 
_refine.aniso_B[2][2]                            -1.650 
_refine.aniso_B[3][3]                            2.130 
_refine.aniso_B[1][2]                            0.000 
_refine.aniso_B[1][3]                            0.000 
_refine.aniso_B[2][3]                            0.000 
_refine.solvent_model_details                    'FLAT MODEL' 
_refine.pdbx_ls_sigma_I                          2.00 
_refine.ls_number_reflns_all                     17855 
_refine.ls_R_factor_all                          0.195 
_refine.ls_R_factor_obs                          0.194 
_refine.ls_redundancy_reflns_obs                 ? 
_refine.ls_number_parameters                     ? 
_refine.ls_number_restraints                     ? 
_refine.ls_R_factor_R_free_error_details         ? 
_refine.pdbx_method_to_determine_struct          SAD 
_refine.pdbx_starting_model                      ? 
_refine.pdbx_stereochem_target_val_spec_case     ? 
_refine.pdbx_stereochemistry_target_values       'Engh & Huber' 
_refine.occupancy_max                            ? 
_refine.occupancy_min                            ? 
_refine.details                                  ? 
_refine.B_iso_min                                ? 
_refine.B_iso_max                                ? 
_refine.correlation_coeff_Fo_to_Fc               ? 
_refine.correlation_coeff_Fo_to_Fc_free          ? 
_refine.pdbx_solvent_vdw_probe_radii             ? 
_refine.pdbx_solvent_ion_probe_radii             ? 
_refine.pdbx_solvent_shrinkage_radii             ? 
_refine.overall_SU_R_Cruickshank_DPI             ? 
_refine.overall_SU_R_free                        ? 
_refine.overall_SU_ML                            ? 
_refine.overall_SU_B                             ? 
_refine.pdbx_overall_ESU_R_Free                  ? 
_refine.pdbx_data_cutoff_high_rms_absF           ? 
_refine.pdbx_overall_ESU_R                       ? 
_refine.ls_wR_factor_R_free                      ? 
_refine.ls_wR_factor_R_work                      ? 
_refine.overall_FOM_free_R_set                   ? 
_refine.overall_FOM_work_R_set                   ? 
_refine.pdbx_overall_phase_error                 ? 
_refine.pdbx_refine_id                           'X-RAY DIFFRACTION' 
_refine.pdbx_diffrn_id                           1 
_refine.pdbx_TLS_residual_ADP_flag               ? 
_refine.pdbx_overall_SU_R_free_Cruickshank_DPI   ? 
_refine.pdbx_overall_SU_R_Blow_DPI               ? 
_refine.pdbx_overall_SU_R_free_Blow_DPI          ? 
# 
_refine_analyze.entry_id                        3I18 
_refine_analyze.Luzzati_coordinate_error_obs    0.180 
_refine_analyze.Luzzati_sigma_a_obs             0.050 
_refine_analyze.Luzzati_d_res_low_obs           5.000 
_refine_analyze.Luzzati_coordinate_error_free   0.230 
_refine_analyze.Luzzati_sigma_a_free            0.110 
_refine_analyze.Luzzati_d_res_low_free          ? 
_refine_analyze.number_disordered_residues      ? 
_refine_analyze.occupancy_sum_non_hydrogen      ? 
_refine_analyze.occupancy_sum_hydrogen          ? 
_refine_analyze.pdbx_Luzzati_d_res_high_obs     ? 
_refine_analyze.pdbx_refine_id                  'X-RAY DIFFRACTION' 
# 
_refine_hist.pdbx_refine_id                   'X-RAY DIFFRACTION' 
_refine_hist.cycle_id                         LAST 
_refine_hist.pdbx_number_atoms_protein        735 
_refine_hist.pdbx_number_atoms_nucleic_acid   0 
_refine_hist.pdbx_number_atoms_ligand         1 
_refine_hist.number_atoms_solvent             122 
_refine_hist.number_atoms_total               858 
_refine_hist.d_res_high                       1.700 
_refine_hist.d_res_low                        17.850 
# 
loop_
_refine_ls_restr.type 
_refine_ls_restr.number 
_refine_ls_restr.dev_ideal 
_refine_ls_restr.dev_ideal_target 
_refine_ls_restr.weight 
_refine_ls_restr.pdbx_refine_id 
_refine_ls_restr.pdbx_restraint_function 
c_bond_d           ? 0.005  ? ? 'X-RAY DIFFRACTION' ? 
c_angle_deg        ? 1.100  ? ? 'X-RAY DIFFRACTION' ? 
c_dihedral_angle_d ? 24.900 ? ? 'X-RAY DIFFRACTION' ? 
c_improper_angle_d ? 0.700  ? ? 'X-RAY DIFFRACTION' ? 
# 
_refine_ls_shell.d_res_high                       1.700 
_refine_ls_shell.d_res_low                        1.760 
_refine_ls_shell.pdbx_total_number_of_bins_used   10 
_refine_ls_shell.percent_reflns_obs               61.500 
_refine_ls_shell.number_reflns_R_work             1022 
_refine_ls_shell.R_factor_all                     ? 
_refine_ls_shell.R_factor_R_work                  0.171 
_refine_ls_shell.R_factor_R_free                  0.243 
_refine_ls_shell.percent_reflns_R_free            6.500 
_refine_ls_shell.number_reflns_R_free             71 
_refine_ls_shell.R_factor_R_free_error            0.029 
_refine_ls_shell.number_reflns_all                ? 
_refine_ls_shell.number_reflns_obs                1093 
_refine_ls_shell.redundancy_reflns_obs            ? 
_refine_ls_shell.pdbx_refine_id                   'X-RAY DIFFRACTION' 
# 
_struct.entry_id                  3I18 
_struct.title                     
;Crystal Structure of the PDZ domain of the SdrC-like protein (Lmo2051) from Listeria monocytogenes, Northeast Structural Genomics Consortium Target LmR166B
;
_struct.pdbx_model_details        ? 
_struct.pdbx_CASP_flag            ? 
_struct.pdbx_model_type_details   ? 
# 
_struct_keywords.entry_id        3I18 
_struct_keywords.text            
;alpha-beta protein, Structural Genomics, PSI-2, Protein Structure Initiative, Northeast Structural Genomics Consortium, NESG, UNKNOWN FUNCTION
;
_struct_keywords.pdbx_keywords   'STRUCTURAL GENOMICS, UNKNOWN FUNCTION' 
# 
loop_
_struct_asym.id 
_struct_asym.pdbx_blank_PDB_chainid_flag 
_struct_asym.pdbx_modified 
_struct_asym.entity_id 
_struct_asym.details 
A N N 1 ? 
B N N 2 ? 
C N N 3 ? 
# 
_struct_ref.id                         1 
_struct_ref.db_name                    UNP 
_struct_ref.db_code                    Q8Y5K8_LISMO 
_struct_ref.pdbx_db_accession          Q8Y5K8 
_struct_ref.entity_id                  1 
_struct_ref.pdbx_seq_one_letter_code   
;VKVTYDGVYVLSVKDDVPAADVLHAGDLITEIDGNAFKSSQEFIDYIHSKKVGDTVKINYKHGDKNEQADIKLTAIDKKG
TPGIGITLVDD
;
_struct_ref.pdbx_align_begin           124 
_struct_ref.pdbx_db_isoform            ? 
# 
_struct_ref_seq.align_id                      1 
_struct_ref_seq.ref_id                        1 
_struct_ref_seq.pdbx_PDB_id_code              3I18 
_struct_ref_seq.pdbx_strand_id                A 
_struct_ref_seq.seq_align_beg                 2 
_struct_ref_seq.pdbx_seq_align_beg_ins_code   ? 
_struct_ref_seq.seq_align_end                 92 
_struct_ref_seq.pdbx_seq_align_end_ins_code   ? 
_struct_ref_seq.pdbx_db_accession             Q8Y5K8 
_struct_ref_seq.db_align_beg                  124 
_struct_ref_seq.pdbx_db_align_beg_ins_code    ? 
_struct_ref_seq.db_align_end                  214 
_struct_ref_seq.pdbx_db_align_end_ins_code    ? 
_struct_ref_seq.pdbx_auth_seq_align_beg       2 
_struct_ref_seq.pdbx_auth_seq_align_end       92 
# 
loop_
_struct_ref_seq_dif.align_id 
_struct_ref_seq_dif.pdbx_pdb_id_code 
_struct_ref_seq_dif.mon_id 
_struct_ref_seq_dif.pdbx_pdb_strand_id 
_struct_ref_seq_dif.seq_num 
_struct_ref_seq_dif.pdbx_pdb_ins_code 
_struct_ref_seq_dif.pdbx_seq_db_name 
_struct_ref_seq_dif.pdbx_seq_db_accession_code 
_struct_ref_seq_dif.db_mon_id 
_struct_ref_seq_dif.pdbx_seq_db_seq_num 
_struct_ref_seq_dif.details 
_struct_ref_seq_dif.pdbx_auth_seq_num 
_struct_ref_seq_dif.pdbx_ordinal 
1 3I18 MSE A 1  ? UNP Q8Y5K8 ?   ?   'initiating methionine' 1  1  
1 3I18 MSE A 12 ? UNP Q8Y5K8 LEU 134 'SEE REMARK 999'        12 2  
1 3I18 LEU A 93 ? UNP Q8Y5K8 ?   ?   'expression tag'        93 3  
1 3I18 GLU A 94 ? UNP Q8Y5K8 ?   ?   'expression tag'        94 4  
1 3I18 HIS A 95 ? UNP Q8Y5K8 ?   ?   'expression tag'        95 5  
1 3I18 HIS A 96 ? UNP Q8Y5K8 ?   ?   'expression tag'        96 6  
1 3I18 HIS A 97 ? UNP Q8Y5K8 ?   ?   'expression tag'        97 7  
1 3I18 HIS A 98 ? UNP Q8Y5K8 ?   ?   'expression tag'        98 8  
1 3I18 HIS A 99 ? UNP Q8Y5K8 ?   ?   'expression tag'        99 9  
1 3I18 HIS A 97 ? UNP Q8Y5K8 ?   ?   'expression tag'        97 10 
# 
_pdbx_struct_assembly.id                   1 
_pdbx_struct_assembly.details              author_and_software_defined_assembly 
_pdbx_struct_assembly.method_details       PISA 
_pdbx_struct_assembly.oligomeric_details   monomeric 
_pdbx_struct_assembly.oligomeric_count     1 
# 
_pdbx_struct_assembly_gen.assembly_id       1 
_pdbx_struct_assembly_gen.oper_expression   1 
_pdbx_struct_assembly_gen.asym_id_list      A,B,C 
# 
_pdbx_struct_oper_list.id                   1 
_pdbx_struct_oper_list.type                 'identity operation' 
_pdbx_struct_oper_list.name                 1_555 
_pdbx_struct_oper_list.symmetry_operation   x,y,z 
_pdbx_struct_oper_list.matrix[1][1]         1.0000000000 
_pdbx_struct_oper_list.matrix[1][2]         0.0000000000 
_pdbx_struct_oper_list.matrix[1][3]         0.0000000000 
_pdbx_struct_oper_list.vector[1]            0.0000000000 
_pdbx_struct_oper_list.matrix[2][1]         0.0000000000 
_pdbx_struct_oper_list.matrix[2][2]         1.0000000000 
_pdbx_struct_oper_list.matrix[2][3]         0.0000000000 
_pdbx_struct_oper_list.vector[2]            0.0000000000 
_pdbx_struct_oper_list.matrix[3][1]         0.0000000000 
_pdbx_struct_oper_list.matrix[3][2]         0.0000000000 
_pdbx_struct_oper_list.matrix[3][3]         1.0000000000 
_pdbx_struct_oper_list.vector[3]            0.0000000000 
# 
_struct_biol.id        1 
_struct_biol.details   ? 
# 
loop_
_struct_conf.conf_type_id 
_struct_conf.id 
_struct_conf.pdbx_PDB_helix_id 
_struct_conf.beg_label_comp_id 
_struct_conf.beg_label_asym_id 
_struct_conf.beg_label_seq_id 
_struct_conf.pdbx_beg_PDB_ins_code 
_struct_conf.end_label_comp_id 
_struct_conf.end_label_asym_id 
_struct_conf.end_label_seq_id 
_struct_conf.pdbx_end_PDB_ins_code 
_struct_conf.beg_auth_comp_id 
_struct_conf.beg_auth_asym_id 
_struct_conf.beg_auth_seq_id 
_struct_conf.end_auth_comp_id 
_struct_conf.end_auth_asym_id 
_struct_conf.end_auth_seq_id 
_struct_conf.pdbx_PDB_helix_class 
_struct_conf.details 
_struct_conf.pdbx_PDB_helix_length 
HELX_P HELX_P1 1 VAL A 18 ? VAL A 23 ? VAL A 18 VAL A 23 5 ? 6  
HELX_P HELX_P2 2 SER A 40 ? SER A 50 ? SER A 40 SER A 50 1 ? 11 
HELX_P HELX_P3 3 ASP A 91 ? LEU A 93 ? ASP A 91 LEU A 93 5 ? 3  
# 
_struct_conf_type.id          HELX_P 
_struct_conf_type.criteria    ? 
_struct_conf_type.reference   ? 
# 
loop_
_struct_conn.id 
_struct_conn.conn_type_id 
_struct_conn.pdbx_leaving_atom_flag 
_struct_conn.pdbx_PDB_id 
_struct_conn.ptnr1_label_asym_id 
_struct_conn.ptnr1_label_comp_id 
_struct_conn.ptnr1_label_seq_id 
_struct_conn.ptnr1_label_atom_id 
_struct_conn.pdbx_ptnr1_label_alt_id 
_struct_conn.pdbx_ptnr1_PDB_ins_code 
_struct_conn.pdbx_ptnr1_standard_comp_id 
_struct_conn.ptnr1_symmetry 
_struct_conn.ptnr2_label_asym_id 
_struct_conn.ptnr2_label_comp_id 
_struct_conn.ptnr2_label_seq_id 
_struct_conn.ptnr2_label_atom_id 
_struct_conn.pdbx_ptnr2_label_alt_id 
_struct_conn.pdbx_ptnr2_PDB_ins_code 
_struct_conn.ptnr1_auth_asym_id 
_struct_conn.ptnr1_auth_comp_id 
_struct_conn.ptnr1_auth_seq_id 
_struct_conn.ptnr2_auth_asym_id 
_struct_conn.ptnr2_auth_comp_id 
_struct_conn.ptnr2_auth_seq_id 
_struct_conn.ptnr2_symmetry 
_struct_conn.pdbx_ptnr3_label_atom_id 
_struct_conn.pdbx_ptnr3_label_seq_id 
_struct_conn.pdbx_ptnr3_label_comp_id 
_struct_conn.pdbx_ptnr3_label_asym_id 
_struct_conn.pdbx_ptnr3_label_alt_id 
_struct_conn.pdbx_ptnr3_PDB_ins_code 
_struct_conn.details 
_struct_conn.pdbx_dist_value 
_struct_conn.pdbx_value_order 
_struct_conn.pdbx_role 
covale1 covale both ? A VAL 11 C ? ? ? 1_555 A MSE 12 N ? ? A VAL 11 A MSE 12 1_555 ? ? ? ? ? ? ? 1.329 ? ? 
covale2 covale both ? A MSE 12 C ? ? ? 1_555 A SER 13 N ? ? A MSE 12 A SER 13 1_555 ? ? ? ? ? ? ? 1.326 ? ? 
# 
_struct_conn_type.id          covale 
_struct_conn_type.criteria    ? 
_struct_conn_type.reference   ? 
# 
_pdbx_modification_feature.ordinal                            1 
_pdbx_modification_feature.label_comp_id                      MSE 
_pdbx_modification_feature.label_asym_id                      A 
_pdbx_modification_feature.label_seq_id                       12 
_pdbx_modification_feature.label_alt_id                       ? 
_pdbx_modification_feature.modified_residue_label_comp_id     . 
_pdbx_modification_feature.modified_residue_label_asym_id     . 
_pdbx_modification_feature.modified_residue_label_seq_id      . 
_pdbx_modification_feature.modified_residue_label_alt_id      . 
_pdbx_modification_feature.auth_comp_id                       MSE 
_pdbx_modification_feature.auth_asym_id                       A 
_pdbx_modification_feature.auth_seq_id                        12 
_pdbx_modification_feature.PDB_ins_code                       ? 
_pdbx_modification_feature.symmetry                           1_555 
_pdbx_modification_feature.modified_residue_auth_comp_id      . 
_pdbx_modification_feature.modified_residue_auth_asym_id      . 
_pdbx_modification_feature.modified_residue_auth_seq_id       . 
_pdbx_modification_feature.modified_residue_PDB_ins_code      . 
_pdbx_modification_feature.modified_residue_symmetry          . 
_pdbx_modification_feature.comp_id_linking_atom               . 
_pdbx_modification_feature.modified_residue_id_linking_atom   . 
_pdbx_modification_feature.modified_residue_id                MET 
_pdbx_modification_feature.ref_pcm_id                         1 
_pdbx_modification_feature.ref_comp_id                        MSE 
_pdbx_modification_feature.type                               Selenomethionine 
_pdbx_modification_feature.category                           'Named protein modification' 
# 
loop_
_struct_sheet.id 
_struct_sheet.type 
_struct_sheet.number_strands 
_struct_sheet.details 
A ? 5 ? 
B ? 2 ? 
# 
loop_
_struct_sheet_order.sheet_id 
_struct_sheet_order.range_id_1 
_struct_sheet_order.range_id_2 
_struct_sheet_order.offset 
_struct_sheet_order.sense 
A 1 2 ? anti-parallel 
A 2 3 ? anti-parallel 
A 3 4 ? anti-parallel 
A 4 5 ? anti-parallel 
B 1 2 ? anti-parallel 
# 
loop_
_struct_sheet_range.sheet_id 
_struct_sheet_range.id 
_struct_sheet_range.beg_label_comp_id 
_struct_sheet_range.beg_label_asym_id 
_struct_sheet_range.beg_label_seq_id 
_struct_sheet_range.pdbx_beg_PDB_ins_code 
_struct_sheet_range.end_label_comp_id 
_struct_sheet_range.end_label_asym_id 
_struct_sheet_range.end_label_seq_id 
_struct_sheet_range.pdbx_end_PDB_ins_code 
_struct_sheet_range.beg_auth_comp_id 
_struct_sheet_range.beg_auth_asym_id 
_struct_sheet_range.beg_auth_seq_id 
_struct_sheet_range.end_auth_comp_id 
_struct_sheet_range.end_auth_asym_id 
_struct_sheet_range.end_auth_seq_id 
A 1 LYS A 66 ? LYS A 73 ? LYS A 66 LYS A 73 
A 2 THR A 56 ? HIS A 63 ? THR A 56 HIS A 63 
A 3 LEU A 29 ? ILE A 33 ? LEU A 29 ILE A 33 
A 4 VAL A 9  ? VAL A 14 ? VAL A 9  VAL A 14 
A 5 ILE A 87 ? LEU A 89 ? ILE A 87 LEU A 89 
B 1 THR A 75 ? ALA A 76 ? THR A 75 ALA A 76 
B 2 PRO A 83 ? GLY A 84 ? PRO A 83 GLY A 84 
# 
loop_
_pdbx_struct_sheet_hbond.sheet_id 
_pdbx_struct_sheet_hbond.range_id_1 
_pdbx_struct_sheet_hbond.range_id_2 
_pdbx_struct_sheet_hbond.range_1_label_atom_id 
_pdbx_struct_sheet_hbond.range_1_label_comp_id 
_pdbx_struct_sheet_hbond.range_1_label_asym_id 
_pdbx_struct_sheet_hbond.range_1_label_seq_id 
_pdbx_struct_sheet_hbond.range_1_PDB_ins_code 
_pdbx_struct_sheet_hbond.range_1_auth_atom_id 
_pdbx_struct_sheet_hbond.range_1_auth_comp_id 
_pdbx_struct_sheet_hbond.range_1_auth_asym_id 
_pdbx_struct_sheet_hbond.range_1_auth_seq_id 
_pdbx_struct_sheet_hbond.range_2_label_atom_id 
_pdbx_struct_sheet_hbond.range_2_label_comp_id 
_pdbx_struct_sheet_hbond.range_2_label_asym_id 
_pdbx_struct_sheet_hbond.range_2_label_seq_id 
_pdbx_struct_sheet_hbond.range_2_PDB_ins_code 
_pdbx_struct_sheet_hbond.range_2_auth_atom_id 
_pdbx_struct_sheet_hbond.range_2_auth_comp_id 
_pdbx_struct_sheet_hbond.range_2_auth_asym_id 
_pdbx_struct_sheet_hbond.range_2_auth_seq_id 
A 1 2 O GLU A 68 ? O GLU A 68 N TYR A 61 ? N TYR A 61 
A 2 3 O ASN A 60 ? O ASN A 60 N THR A 31 ? N THR A 31 
A 3 4 O ILE A 30 ? O ILE A 30 N VAL A 9  ? N VAL A 9  
A 4 5 N MSE A 12 ? N MSE A 12 O THR A 88 ? O THR A 88 
B 1 2 N THR A 75 ? N THR A 75 O GLY A 84 ? O GLY A 84 
# 
_struct_site.id                   AC1 
_struct_site.pdbx_evidence_code   Software 
_struct_site.pdbx_auth_asym_id    A 
_struct_site.pdbx_auth_comp_id    BR 
_struct_site.pdbx_auth_seq_id     101 
_struct_site.pdbx_auth_ins_code   ? 
_struct_site.pdbx_num_residues    3 
_struct_site.details              'BINDING SITE FOR RESIDUE BR A 101' 
# 
loop_
_struct_site_gen.id 
_struct_site_gen.site_id 
_struct_site_gen.pdbx_num_res 
_struct_site_gen.label_comp_id 
_struct_site_gen.label_asym_id 
_struct_site_gen.label_seq_id 
_struct_site_gen.pdbx_auth_ins_code 
_struct_site_gen.auth_comp_id 
_struct_site_gen.auth_asym_id 
_struct_site_gen.auth_seq_id 
_struct_site_gen.label_atom_id 
_struct_site_gen.label_alt_id 
_struct_site_gen.symmetry 
_struct_site_gen.details 
1 AC1 3 VAL A 9  ? VAL A 9  . ? 1_555 ? 
2 AC1 3 TYR A 10 ? TYR A 10 . ? 1_555 ? 
3 AC1 3 ASP A 91 ? ASP A 91 . ? 1_555 ? 
# 
_pdbx_entry_details.entry_id                   3I18 
_pdbx_entry_details.compound_details           ? 
_pdbx_entry_details.source_details             ? 
_pdbx_entry_details.nonpolymer_details         ? 
_pdbx_entry_details.sequence_details           
'LEU134 WAS MUTATED TO MET SO THAT THE STRUCTURE COULD BE DETERMINED USING SE ANOMALOUS SIGNAL.' 
_pdbx_entry_details.has_ligand_of_interest     ? 
_pdbx_entry_details.has_protein_modification   Y 
# 
loop_
_pdbx_validate_torsion.id 
_pdbx_validate_torsion.PDB_model_num 
_pdbx_validate_torsion.auth_comp_id 
_pdbx_validate_torsion.auth_asym_id 
_pdbx_validate_torsion.auth_seq_id 
_pdbx_validate_torsion.PDB_ins_code 
_pdbx_validate_torsion.label_alt_id 
_pdbx_validate_torsion.phi 
_pdbx_validate_torsion.psi 
1 1 VAL A 23 ? ? -132.13 -58.16 
2 1 ASP A 65 ? ? -140.79 37.08  
# 
_pdbx_SG_project.id                    1 
_pdbx_SG_project.project_name          'PSI, Protein Structure Initiative' 
_pdbx_SG_project.full_name_of_center   'Northeast Structural Genomics Consortium' 
_pdbx_SG_project.initial_of_center     NESG 
# 
_pdbx_struct_mod_residue.id               1 
_pdbx_struct_mod_residue.label_asym_id    A 
_pdbx_struct_mod_residue.label_comp_id    MSE 
_pdbx_struct_mod_residue.label_seq_id     12 
_pdbx_struct_mod_residue.auth_asym_id     A 
_pdbx_struct_mod_residue.auth_comp_id     MSE 
_pdbx_struct_mod_residue.auth_seq_id      12 
_pdbx_struct_mod_residue.PDB_ins_code     ? 
_pdbx_struct_mod_residue.parent_comp_id   MET 
_pdbx_struct_mod_residue.details          SELENOMETHIONINE 
# 
loop_
_pdbx_unobs_or_zero_occ_residues.id 
_pdbx_unobs_or_zero_occ_residues.PDB_model_num 
_pdbx_unobs_or_zero_occ_residues.polymer_flag 
_pdbx_unobs_or_zero_occ_residues.occupancy_flag 
_pdbx_unobs_or_zero_occ_residues.auth_asym_id 
_pdbx_unobs_or_zero_occ_residues.auth_comp_id 
_pdbx_unobs_or_zero_occ_residues.auth_seq_id 
_pdbx_unobs_or_zero_occ_residues.PDB_ins_code 
_pdbx_unobs_or_zero_occ_residues.label_asym_id 
_pdbx_unobs_or_zero_occ_residues.label_comp_id 
_pdbx_unobs_or_zero_occ_residues.label_seq_id 
1 1 Y 1 A MSE 1  ? A MSE 1  
2 1 Y 1 A GLU 94 ? A GLU 94 
3 1 Y 1 A HIS 95 ? A HIS 95 
4 1 Y 1 A HIS 96 ? A HIS 96 
5 1 Y 1 A HIS 97 ? A HIS 97 
# 
loop_
_chem_comp_atom.comp_id 
_chem_comp_atom.atom_id 
_chem_comp_atom.type_symbol 
_chem_comp_atom.pdbx_aromatic_flag 
_chem_comp_atom.pdbx_stereo_config 
_chem_comp_atom.pdbx_ordinal 
ALA N    N  N N 1   
ALA CA   C  N S 2   
ALA C    C  N N 3   
ALA O    O  N N 4   
ALA CB   C  N N 5   
ALA OXT  O  N N 6   
ALA H    H  N N 7   
ALA H2   H  N N 8   
ALA HA   H  N N 9   
ALA HB1  H  N N 10  
ALA HB2  H  N N 11  
ALA HB3  H  N N 12  
ALA HXT  H  N N 13  
ASN N    N  N N 14  
ASN CA   C  N S 15  
ASN C    C  N N 16  
ASN O    O  N N 17  
ASN CB   C  N N 18  
ASN CG   C  N N 19  
ASN OD1  O  N N 20  
ASN ND2  N  N N 21  
ASN OXT  O  N N 22  
ASN H    H  N N 23  
ASN H2   H  N N 24  
ASN HA   H  N N 25  
ASN HB2  H  N N 26  
ASN HB3  H  N N 27  
ASN HD21 H  N N 28  
ASN HD22 H  N N 29  
ASN HXT  H  N N 30  
ASP N    N  N N 31  
ASP CA   C  N S 32  
ASP C    C  N N 33  
ASP O    O  N N 34  
ASP CB   C  N N 35  
ASP CG   C  N N 36  
ASP OD1  O  N N 37  
ASP OD2  O  N N 38  
ASP OXT  O  N N 39  
ASP H    H  N N 40  
ASP H2   H  N N 41  
ASP HA   H  N N 42  
ASP HB2  H  N N 43  
ASP HB3  H  N N 44  
ASP HD2  H  N N 45  
ASP HXT  H  N N 46  
BR  BR   BR N N 47  
GLN N    N  N N 48  
GLN CA   C  N S 49  
GLN C    C  N N 50  
GLN O    O  N N 51  
GLN CB   C  N N 52  
GLN CG   C  N N 53  
GLN CD   C  N N 54  
GLN OE1  O  N N 55  
GLN NE2  N  N N 56  
GLN OXT  O  N N 57  
GLN H    H  N N 58  
GLN H2   H  N N 59  
GLN HA   H  N N 60  
GLN HB2  H  N N 61  
GLN HB3  H  N N 62  
GLN HG2  H  N N 63  
GLN HG3  H  N N 64  
GLN HE21 H  N N 65  
GLN HE22 H  N N 66  
GLN HXT  H  N N 67  
GLU N    N  N N 68  
GLU CA   C  N S 69  
GLU C    C  N N 70  
GLU O    O  N N 71  
GLU CB   C  N N 72  
GLU CG   C  N N 73  
GLU CD   C  N N 74  
GLU OE1  O  N N 75  
GLU OE2  O  N N 76  
GLU OXT  O  N N 77  
GLU H    H  N N 78  
GLU H2   H  N N 79  
GLU HA   H  N N 80  
GLU HB2  H  N N 81  
GLU HB3  H  N N 82  
GLU HG2  H  N N 83  
GLU HG3  H  N N 84  
GLU HE2  H  N N 85  
GLU HXT  H  N N 86  
GLY N    N  N N 87  
GLY CA   C  N N 88  
GLY C    C  N N 89  
GLY O    O  N N 90  
GLY OXT  O  N N 91  
GLY H    H  N N 92  
GLY H2   H  N N 93  
GLY HA2  H  N N 94  
GLY HA3  H  N N 95  
GLY HXT  H  N N 96  
HIS N    N  N N 97  
HIS CA   C  N S 98  
HIS C    C  N N 99  
HIS O    O  N N 100 
HIS CB   C  N N 101 
HIS CG   C  Y N 102 
HIS ND1  N  Y N 103 
HIS CD2  C  Y N 104 
HIS CE1  C  Y N 105 
HIS NE2  N  Y N 106 
HIS OXT  O  N N 107 
HIS H    H  N N 108 
HIS H2   H  N N 109 
HIS HA   H  N N 110 
HIS HB2  H  N N 111 
HIS HB3  H  N N 112 
HIS HD1  H  N N 113 
HIS HD2  H  N N 114 
HIS HE1  H  N N 115 
HIS HE2  H  N N 116 
HIS HXT  H  N N 117 
HOH O    O  N N 118 
HOH H1   H  N N 119 
HOH H2   H  N N 120 
ILE N    N  N N 121 
ILE CA   C  N S 122 
ILE C    C  N N 123 
ILE O    O  N N 124 
ILE CB   C  N S 125 
ILE CG1  C  N N 126 
ILE CG2  C  N N 127 
ILE CD1  C  N N 128 
ILE OXT  O  N N 129 
ILE H    H  N N 130 
ILE H2   H  N N 131 
ILE HA   H  N N 132 
ILE HB   H  N N 133 
ILE HG12 H  N N 134 
ILE HG13 H  N N 135 
ILE HG21 H  N N 136 
ILE HG22 H  N N 137 
ILE HG23 H  N N 138 
ILE HD11 H  N N 139 
ILE HD12 H  N N 140 
ILE HD13 H  N N 141 
ILE HXT  H  N N 142 
LEU N    N  N N 143 
LEU CA   C  N S 144 
LEU C    C  N N 145 
LEU O    O  N N 146 
LEU CB   C  N N 147 
LEU CG   C  N N 148 
LEU CD1  C  N N 149 
LEU CD2  C  N N 150 
LEU OXT  O  N N 151 
LEU H    H  N N 152 
LEU H2   H  N N 153 
LEU HA   H  N N 154 
LEU HB2  H  N N 155 
LEU HB3  H  N N 156 
LEU HG   H  N N 157 
LEU HD11 H  N N 158 
LEU HD12 H  N N 159 
LEU HD13 H  N N 160 
LEU HD21 H  N N 161 
LEU HD22 H  N N 162 
LEU HD23 H  N N 163 
LEU HXT  H  N N 164 
LYS N    N  N N 165 
LYS CA   C  N S 166 
LYS C    C  N N 167 
LYS O    O  N N 168 
LYS CB   C  N N 169 
LYS CG   C  N N 170 
LYS CD   C  N N 171 
LYS CE   C  N N 172 
LYS NZ   N  N N 173 
LYS OXT  O  N N 174 
LYS H    H  N N 175 
LYS H2   H  N N 176 
LYS HA   H  N N 177 
LYS HB2  H  N N 178 
LYS HB3  H  N N 179 
LYS HG2  H  N N 180 
LYS HG3  H  N N 181 
LYS HD2  H  N N 182 
LYS HD3  H  N N 183 
LYS HE2  H  N N 184 
LYS HE3  H  N N 185 
LYS HZ1  H  N N 186 
LYS HZ2  H  N N 187 
LYS HZ3  H  N N 188 
LYS HXT  H  N N 189 
MSE N    N  N N 190 
MSE CA   C  N S 191 
MSE C    C  N N 192 
MSE O    O  N N 193 
MSE OXT  O  N N 194 
MSE CB   C  N N 195 
MSE CG   C  N N 196 
MSE SE   SE N N 197 
MSE CE   C  N N 198 
MSE H    H  N N 199 
MSE H2   H  N N 200 
MSE HA   H  N N 201 
MSE HXT  H  N N 202 
MSE HB2  H  N N 203 
MSE HB3  H  N N 204 
MSE HG2  H  N N 205 
MSE HG3  H  N N 206 
MSE HE1  H  N N 207 
MSE HE2  H  N N 208 
MSE HE3  H  N N 209 
PHE N    N  N N 210 
PHE CA   C  N S 211 
PHE C    C  N N 212 
PHE O    O  N N 213 
PHE CB   C  N N 214 
PHE CG   C  Y N 215 
PHE CD1  C  Y N 216 
PHE CD2  C  Y N 217 
PHE CE1  C  Y N 218 
PHE CE2  C  Y N 219 
PHE CZ   C  Y N 220 
PHE OXT  O  N N 221 
PHE H    H  N N 222 
PHE H2   H  N N 223 
PHE HA   H  N N 224 
PHE HB2  H  N N 225 
PHE HB3  H  N N 226 
PHE HD1  H  N N 227 
PHE HD2  H  N N 228 
PHE HE1  H  N N 229 
PHE HE2  H  N N 230 
PHE HZ   H  N N 231 
PHE HXT  H  N N 232 
PRO N    N  N N 233 
PRO CA   C  N S 234 
PRO C    C  N N 235 
PRO O    O  N N 236 
PRO CB   C  N N 237 
PRO CG   C  N N 238 
PRO CD   C  N N 239 
PRO OXT  O  N N 240 
PRO H    H  N N 241 
PRO HA   H  N N 242 
PRO HB2  H  N N 243 
PRO HB3  H  N N 244 
PRO HG2  H  N N 245 
PRO HG3  H  N N 246 
PRO HD2  H  N N 247 
PRO HD3  H  N N 248 
PRO HXT  H  N N 249 
SER N    N  N N 250 
SER CA   C  N S 251 
SER C    C  N N 252 
SER O    O  N N 253 
SER CB   C  N N 254 
SER OG   O  N N 255 
SER OXT  O  N N 256 
SER H    H  N N 257 
SER H2   H  N N 258 
SER HA   H  N N 259 
SER HB2  H  N N 260 
SER HB3  H  N N 261 
SER HG   H  N N 262 
SER HXT  H  N N 263 
THR N    N  N N 264 
THR CA   C  N S 265 
THR C    C  N N 266 
THR O    O  N N 267 
THR CB   C  N R 268 
THR OG1  O  N N 269 
THR CG2  C  N N 270 
THR OXT  O  N N 271 
THR H    H  N N 272 
THR H2   H  N N 273 
THR HA   H  N N 274 
THR HB   H  N N 275 
THR HG1  H  N N 276 
THR HG21 H  N N 277 
THR HG22 H  N N 278 
THR HG23 H  N N 279 
THR HXT  H  N N 280 
TYR N    N  N N 281 
TYR CA   C  N S 282 
TYR C    C  N N 283 
TYR O    O  N N 284 
TYR CB   C  N N 285 
TYR CG   C  Y N 286 
TYR CD1  C  Y N 287 
TYR CD2  C  Y N 288 
TYR CE1  C  Y N 289 
TYR CE2  C  Y N 290 
TYR CZ   C  Y N 291 
TYR OH   O  N N 292 
TYR OXT  O  N N 293 
TYR H    H  N N 294 
TYR H2   H  N N 295 
TYR HA   H  N N 296 
TYR HB2  H  N N 297 
TYR HB3  H  N N 298 
TYR HD1  H  N N 299 
TYR HD2  H  N N 300 
TYR HE1  H  N N 301 
TYR HE2  H  N N 302 
TYR HH   H  N N 303 
TYR HXT  H  N N 304 
VAL N    N  N N 305 
VAL CA   C  N S 306 
VAL C    C  N N 307 
VAL O    O  N N 308 
VAL CB   C  N N 309 
VAL CG1  C  N N 310 
VAL CG2  C  N N 311 
VAL OXT  O  N N 312 
VAL H    H  N N 313 
VAL H2   H  N N 314 
VAL HA   H  N N 315 
VAL HB   H  N N 316 
VAL HG11 H  N N 317 
VAL HG12 H  N N 318 
VAL HG13 H  N N 319 
VAL HG21 H  N N 320 
VAL HG22 H  N N 321 
VAL HG23 H  N N 322 
VAL HXT  H  N N 323 
# 
loop_
_chem_comp_bond.comp_id 
_chem_comp_bond.atom_id_1 
_chem_comp_bond.atom_id_2 
_chem_comp_bond.value_order 
_chem_comp_bond.pdbx_aromatic_flag 
_chem_comp_bond.pdbx_stereo_config 
_chem_comp_bond.pdbx_ordinal 
ALA N   CA   sing N N 1   
ALA N   H    sing N N 2   
ALA N   H2   sing N N 3   
ALA CA  C    sing N N 4   
ALA CA  CB   sing N N 5   
ALA CA  HA   sing N N 6   
ALA C   O    doub N N 7   
ALA C   OXT  sing N N 8   
ALA CB  HB1  sing N N 9   
ALA CB  HB2  sing N N 10  
ALA CB  HB3  sing N N 11  
ALA OXT HXT  sing N N 12  
ASN N   CA   sing N N 13  
ASN N   H    sing N N 14  
ASN N   H2   sing N N 15  
ASN CA  C    sing N N 16  
ASN CA  CB   sing N N 17  
ASN CA  HA   sing N N 18  
ASN C   O    doub N N 19  
ASN C   OXT  sing N N 20  
ASN CB  CG   sing N N 21  
ASN CB  HB2  sing N N 22  
ASN CB  HB3  sing N N 23  
ASN CG  OD1  doub N N 24  
ASN CG  ND2  sing N N 25  
ASN ND2 HD21 sing N N 26  
ASN ND2 HD22 sing N N 27  
ASN OXT HXT  sing N N 28  
ASP N   CA   sing N N 29  
ASP N   H    sing N N 30  
ASP N   H2   sing N N 31  
ASP CA  C    sing N N 32  
ASP CA  CB   sing N N 33  
ASP CA  HA   sing N N 34  
ASP C   O    doub N N 35  
ASP C   OXT  sing N N 36  
ASP CB  CG   sing N N 37  
ASP CB  HB2  sing N N 38  
ASP CB  HB3  sing N N 39  
ASP CG  OD1  doub N N 40  
ASP CG  OD2  sing N N 41  
ASP OD2 HD2  sing N N 42  
ASP OXT HXT  sing N N 43  
GLN N   CA   sing N N 44  
GLN N   H    sing N N 45  
GLN N   H2   sing N N 46  
GLN CA  C    sing N N 47  
GLN CA  CB   sing N N 48  
GLN CA  HA   sing N N 49  
GLN C   O    doub N N 50  
GLN C   OXT  sing N N 51  
GLN CB  CG   sing N N 52  
GLN CB  HB2  sing N N 53  
GLN CB  HB3  sing N N 54  
GLN CG  CD   sing N N 55  
GLN CG  HG2  sing N N 56  
GLN CG  HG3  sing N N 57  
GLN CD  OE1  doub N N 58  
GLN CD  NE2  sing N N 59  
GLN NE2 HE21 sing N N 60  
GLN NE2 HE22 sing N N 61  
GLN OXT HXT  sing N N 62  
GLU N   CA   sing N N 63  
GLU N   H    sing N N 64  
GLU N   H2   sing N N 65  
GLU CA  C    sing N N 66  
GLU CA  CB   sing N N 67  
GLU CA  HA   sing N N 68  
GLU C   O    doub N N 69  
GLU C   OXT  sing N N 70  
GLU CB  CG   sing N N 71  
GLU CB  HB2  sing N N 72  
GLU CB  HB3  sing N N 73  
GLU CG  CD   sing N N 74  
GLU CG  HG2  sing N N 75  
GLU CG  HG3  sing N N 76  
GLU CD  OE1  doub N N 77  
GLU CD  OE2  sing N N 78  
GLU OE2 HE2  sing N N 79  
GLU OXT HXT  sing N N 80  
GLY N   CA   sing N N 81  
GLY N   H    sing N N 82  
GLY N   H2   sing N N 83  
GLY CA  C    sing N N 84  
GLY CA  HA2  sing N N 85  
GLY CA  HA3  sing N N 86  
GLY C   O    doub N N 87  
GLY C   OXT  sing N N 88  
GLY OXT HXT  sing N N 89  
HIS N   CA   sing N N 90  
HIS N   H    sing N N 91  
HIS N   H2   sing N N 92  
HIS CA  C    sing N N 93  
HIS CA  CB   sing N N 94  
HIS CA  HA   sing N N 95  
HIS C   O    doub N N 96  
HIS C   OXT  sing N N 97  
HIS CB  CG   sing N N 98  
HIS CB  HB2  sing N N 99  
HIS CB  HB3  sing N N 100 
HIS CG  ND1  sing Y N 101 
HIS CG  CD2  doub Y N 102 
HIS ND1 CE1  doub Y N 103 
HIS ND1 HD1  sing N N 104 
HIS CD2 NE2  sing Y N 105 
HIS CD2 HD2  sing N N 106 
HIS CE1 NE2  sing Y N 107 
HIS CE1 HE1  sing N N 108 
HIS NE2 HE2  sing N N 109 
HIS OXT HXT  sing N N 110 
HOH O   H1   sing N N 111 
HOH O   H2   sing N N 112 
ILE N   CA   sing N N 113 
ILE N   H    sing N N 114 
ILE N   H2   sing N N 115 
ILE CA  C    sing N N 116 
ILE CA  CB   sing N N 117 
ILE CA  HA   sing N N 118 
ILE C   O    doub N N 119 
ILE C   OXT  sing N N 120 
ILE CB  CG1  sing N N 121 
ILE CB  CG2  sing N N 122 
ILE CB  HB   sing N N 123 
ILE CG1 CD1  sing N N 124 
ILE CG1 HG12 sing N N 125 
ILE CG1 HG13 sing N N 126 
ILE CG2 HG21 sing N N 127 
ILE CG2 HG22 sing N N 128 
ILE CG2 HG23 sing N N 129 
ILE CD1 HD11 sing N N 130 
ILE CD1 HD12 sing N N 131 
ILE CD1 HD13 sing N N 132 
ILE OXT HXT  sing N N 133 
LEU N   CA   sing N N 134 
LEU N   H    sing N N 135 
LEU N   H2   sing N N 136 
LEU CA  C    sing N N 137 
LEU CA  CB   sing N N 138 
LEU CA  HA   sing N N 139 
LEU C   O    doub N N 140 
LEU C   OXT  sing N N 141 
LEU CB  CG   sing N N 142 
LEU CB  HB2  sing N N 143 
LEU CB  HB3  sing N N 144 
LEU CG  CD1  sing N N 145 
LEU CG  CD2  sing N N 146 
LEU CG  HG   sing N N 147 
LEU CD1 HD11 sing N N 148 
LEU CD1 HD12 sing N N 149 
LEU CD1 HD13 sing N N 150 
LEU CD2 HD21 sing N N 151 
LEU CD2 HD22 sing N N 152 
LEU CD2 HD23 sing N N 153 
LEU OXT HXT  sing N N 154 
LYS N   CA   sing N N 155 
LYS N   H    sing N N 156 
LYS N   H2   sing N N 157 
LYS CA  C    sing N N 158 
LYS CA  CB   sing N N 159 
LYS CA  HA   sing N N 160 
LYS C   O    doub N N 161 
LYS C   OXT  sing N N 162 
LYS CB  CG   sing N N 163 
LYS CB  HB2  sing N N 164 
LYS CB  HB3  sing N N 165 
LYS CG  CD   sing N N 166 
LYS CG  HG2  sing N N 167 
LYS CG  HG3  sing N N 168 
LYS CD  CE   sing N N 169 
LYS CD  HD2  sing N N 170 
LYS CD  HD3  sing N N 171 
LYS CE  NZ   sing N N 172 
LYS CE  HE2  sing N N 173 
LYS CE  HE3  sing N N 174 
LYS NZ  HZ1  sing N N 175 
LYS NZ  HZ2  sing N N 176 
LYS NZ  HZ3  sing N N 177 
LYS OXT HXT  sing N N 178 
MSE N   CA   sing N N 179 
MSE N   H    sing N N 180 
MSE N   H2   sing N N 181 
MSE CA  C    sing N N 182 
MSE CA  CB   sing N N 183 
MSE CA  HA   sing N N 184 
MSE C   O    doub N N 185 
MSE C   OXT  sing N N 186 
MSE OXT HXT  sing N N 187 
MSE CB  CG   sing N N 188 
MSE CB  HB2  sing N N 189 
MSE CB  HB3  sing N N 190 
MSE CG  SE   sing N N 191 
MSE CG  HG2  sing N N 192 
MSE CG  HG3  sing N N 193 
MSE SE  CE   sing N N 194 
MSE CE  HE1  sing N N 195 
MSE CE  HE2  sing N N 196 
MSE CE  HE3  sing N N 197 
PHE N   CA   sing N N 198 
PHE N   H    sing N N 199 
PHE N   H2   sing N N 200 
PHE CA  C    sing N N 201 
PHE CA  CB   sing N N 202 
PHE CA  HA   sing N N 203 
PHE C   O    doub N N 204 
PHE C   OXT  sing N N 205 
PHE CB  CG   sing N N 206 
PHE CB  HB2  sing N N 207 
PHE CB  HB3  sing N N 208 
PHE CG  CD1  doub Y N 209 
PHE CG  CD2  sing Y N 210 
PHE CD1 CE1  sing Y N 211 
PHE CD1 HD1  sing N N 212 
PHE CD2 CE2  doub Y N 213 
PHE CD2 HD2  sing N N 214 
PHE CE1 CZ   doub Y N 215 
PHE CE1 HE1  sing N N 216 
PHE CE2 CZ   sing Y N 217 
PHE CE2 HE2  sing N N 218 
PHE CZ  HZ   sing N N 219 
PHE OXT HXT  sing N N 220 
PRO N   CA   sing N N 221 
PRO N   CD   sing N N 222 
PRO N   H    sing N N 223 
PRO CA  C    sing N N 224 
PRO CA  CB   sing N N 225 
PRO CA  HA   sing N N 226 
PRO C   O    doub N N 227 
PRO C   OXT  sing N N 228 
PRO CB  CG   sing N N 229 
PRO CB  HB2  sing N N 230 
PRO CB  HB3  sing N N 231 
PRO CG  CD   sing N N 232 
PRO CG  HG2  sing N N 233 
PRO CG  HG3  sing N N 234 
PRO CD  HD2  sing N N 235 
PRO CD  HD3  sing N N 236 
PRO OXT HXT  sing N N 237 
SER N   CA   sing N N 238 
SER N   H    sing N N 239 
SER N   H2   sing N N 240 
SER CA  C    sing N N 241 
SER CA  CB   sing N N 242 
SER CA  HA   sing N N 243 
SER C   O    doub N N 244 
SER C   OXT  sing N N 245 
SER CB  OG   sing N N 246 
SER CB  HB2  sing N N 247 
SER CB  HB3  sing N N 248 
SER OG  HG   sing N N 249 
SER OXT HXT  sing N N 250 
THR N   CA   sing N N 251 
THR N   H    sing N N 252 
THR N   H2   sing N N 253 
THR CA  C    sing N N 254 
THR CA  CB   sing N N 255 
THR CA  HA   sing N N 256 
THR C   O    doub N N 257 
THR C   OXT  sing N N 258 
THR CB  OG1  sing N N 259 
THR CB  CG2  sing N N 260 
THR CB  HB   sing N N 261 
THR OG1 HG1  sing N N 262 
THR CG2 HG21 sing N N 263 
THR CG2 HG22 sing N N 264 
THR CG2 HG23 sing N N 265 
THR OXT HXT  sing N N 266 
TYR N   CA   sing N N 267 
TYR N   H    sing N N 268 
TYR N   H2   sing N N 269 
TYR CA  C    sing N N 270 
TYR CA  CB   sing N N 271 
TYR CA  HA   sing N N 272 
TYR C   O    doub N N 273 
TYR C   OXT  sing N N 274 
TYR CB  CG   sing N N 275 
TYR CB  HB2  sing N N 276 
TYR CB  HB3  sing N N 277 
TYR CG  CD1  doub Y N 278 
TYR CG  CD2  sing Y N 279 
TYR CD1 CE1  sing Y N 280 
TYR CD1 HD1  sing N N 281 
TYR CD2 CE2  doub Y N 282 
TYR CD2 HD2  sing N N 283 
TYR CE1 CZ   doub Y N 284 
TYR CE1 HE1  sing N N 285 
TYR CE2 CZ   sing Y N 286 
TYR CE2 HE2  sing N N 287 
TYR CZ  OH   sing N N 288 
TYR OH  HH   sing N N 289 
TYR OXT HXT  sing N N 290 
VAL N   CA   sing N N 291 
VAL N   H    sing N N 292 
VAL N   H2   sing N N 293 
VAL CA  C    sing N N 294 
VAL CA  CB   sing N N 295 
VAL CA  HA   sing N N 296 
VAL C   O    doub N N 297 
VAL C   OXT  sing N N 298 
VAL CB  CG1  sing N N 299 
VAL CB  CG2  sing N N 300 
VAL CB  HB   sing N N 301 
VAL CG1 HG11 sing N N 302 
VAL CG1 HG12 sing N N 303 
VAL CG1 HG13 sing N N 304 
VAL CG2 HG21 sing N N 305 
VAL CG2 HG22 sing N N 306 
VAL CG2 HG23 sing N N 307 
VAL OXT HXT  sing N N 308 
# 
_atom_sites.entry_id                    3I18 
_atom_sites.fract_transf_matrix[1][1]   0.02450053 
_atom_sites.fract_transf_matrix[1][2]   -0.01003195 
_atom_sites.fract_transf_matrix[1][3]   0.00913654 
_atom_sites.fract_transf_matrix[2][1]   -0.00123134 
_atom_sites.fract_transf_matrix[2][2]   0.00559923 
_atom_sites.fract_transf_matrix[2][3]   0.00944993 
_atom_sites.fract_transf_matrix[3][1]   -0.00910046 
_atom_sites.fract_transf_matrix[3][2]   -0.01513713 
_atom_sites.fract_transf_matrix[3][3]   0.00778317 
_atom_sites.fract_transf_vector[1]      0.278709 
_atom_sites.fract_transf_vector[2]      0.361810 
_atom_sites.fract_transf_vector[3]      0.449618 
# 
loop_
_atom_type.symbol 
BR 
C  
N  
O  
SE 
# 
loop_
_atom_site.group_PDB 
_atom_site.id 
_atom_site.type_symbol 
_atom_site.label_atom_id 
_atom_site.label_alt_id 
_atom_site.label_comp_id 
_atom_site.label_asym_id 
_atom_site.label_entity_id 
_atom_site.label_seq_id 
_atom_site.pdbx_PDB_ins_code 
_atom_site.Cartn_x 
_atom_site.Cartn_y 
_atom_site.Cartn_z 
_atom_site.occupancy 
_atom_site.B_iso_or_equiv 
_atom_site.pdbx_formal_charge 
_atom_site.auth_seq_id 
_atom_site.auth_comp_id 
_atom_site.auth_asym_id 
_atom_site.auth_atom_id 
_atom_site.pdbx_PDB_model_num 
ATOM   1   N  N   . VAL A 1 2   ? 16.249  -20.288 9.370   1.00 41.44 ? 2   VAL A N   1 
ATOM   2   C  CA  . VAL A 1 2   ? 14.992  -19.497 9.250   1.00 37.65 ? 2   VAL A CA  1 
ATOM   3   C  C   . VAL A 1 2   ? 15.130  -18.140 9.934   1.00 39.48 ? 2   VAL A C   1 
ATOM   4   O  O   . VAL A 1 2   ? 15.477  -18.057 11.113  1.00 41.02 ? 2   VAL A O   1 
ATOM   5   C  CB  . VAL A 1 2   ? 13.799  -20.260 9.871   1.00 40.05 ? 2   VAL A CB  1 
ATOM   6   C  CG1 . VAL A 1 2   ? 14.124  -20.660 11.301  1.00 42.20 ? 2   VAL A CG1 1 
ATOM   7   C  CG2 . VAL A 1 2   ? 12.548  -19.402 9.827   1.00 35.38 ? 2   VAL A CG2 1 
ATOM   8   N  N   . LYS A 1 3   ? 14.855  -17.078 9.181   1.00 39.63 ? 3   LYS A N   1 
ATOM   9   C  CA  . LYS A 1 3   ? 14.946  -15.717 9.698   1.00 36.72 ? 3   LYS A CA  1 
ATOM   10  C  C   . LYS A 1 3   ? 13.591  -15.205 10.174  1.00 37.86 ? 3   LYS A C   1 
ATOM   11  O  O   . LYS A 1 3   ? 12.551  -15.779 9.847   1.00 32.63 ? 3   LYS A O   1 
ATOM   12  C  CB  . LYS A 1 3   ? 15.515  -14.793 8.617   1.00 43.56 ? 3   LYS A CB  1 
ATOM   13  C  CG  . LYS A 1 3   ? 14.909  -15.001 7.235   1.00 42.55 ? 3   LYS A CG  1 
ATOM   14  C  CD  . LYS A 1 3   ? 15.803  -14.428 6.140   1.00 45.91 ? 3   LYS A CD  1 
ATOM   15  C  CE  . LYS A 1 3   ? 15.298  -14.805 4.751   1.00 39.42 ? 3   LYS A CE  1 
ATOM   16  N  NZ  . LYS A 1 3   ? 16.216  -14.359 3.665   1.00 31.29 ? 3   LYS A NZ  1 
ATOM   17  N  N   . VAL A 1 4   ? 13.615  -14.129 10.955  1.00 33.86 ? 4   VAL A N   1 
ATOM   18  C  CA  . VAL A 1 4   ? 12.397  -13.533 11.492  1.00 30.25 ? 4   VAL A CA  1 
ATOM   19  C  C   . VAL A 1 4   ? 11.352  -13.373 10.389  1.00 28.15 ? 4   VAL A C   1 
ATOM   20  O  O   . VAL A 1 4   ? 11.687  -13.108 9.230   1.00 22.31 ? 4   VAL A O   1 
ATOM   21  C  CB  . VAL A 1 4   ? 12.695  -12.156 12.132  1.00 36.47 ? 4   VAL A CB  1 
ATOM   22  C  CG1 . VAL A 1 4   ? 13.203  -11.187 11.073  1.00 46.20 ? 4   VAL A CG1 1 
ATOM   23  C  CG2 . VAL A 1 4   ? 11.446  -11.612 12.811  1.00 37.12 ? 4   VAL A CG2 1 
ATOM   24  N  N   . THR A 1 5   ? 10.085  -13.545 10.749  1.00 25.17 ? 5   THR A N   1 
ATOM   25  C  CA  . THR A 1 5   ? 9.008   -13.442 9.776   1.00 21.15 ? 5   THR A CA  1 
ATOM   26  C  C   . THR A 1 5   ? 8.529   -12.010 9.562   1.00 22.72 ? 5   THR A C   1 
ATOM   27  O  O   . THR A 1 5   ? 8.346   -11.250 10.512  1.00 25.39 ? 5   THR A O   1 
ATOM   28  C  CB  . THR A 1 5   ? 7.804   -14.329 10.181  1.00 31.08 ? 5   THR A CB  1 
ATOM   29  O  OG1 . THR A 1 5   ? 6.764   -14.207 9.202   1.00 33.06 ? 5   THR A OG1 1 
ATOM   30  C  CG2 . THR A 1 5   ? 7.273   -13.922 11.540  1.00 36.97 ? 5   THR A CG2 1 
ATOM   31  N  N   . TYR A 1 6   ? 8.355   -11.649 8.296   1.00 18.52 ? 6   TYR A N   1 
ATOM   32  C  CA  . TYR A 1 6   ? 7.885   -10.321 7.909   1.00 15.37 ? 6   TYR A CA  1 
ATOM   33  C  C   . TYR A 1 6   ? 6.456   -10.510 7.401   1.00 20.22 ? 6   TYR A C   1 
ATOM   34  O  O   . TYR A 1 6   ? 6.242   -11.189 6.403   1.00 14.62 ? 6   TYR A O   1 
ATOM   35  C  CB  . TYR A 1 6   ? 8.769   -9.768  6.790   1.00 15.72 ? 6   TYR A CB  1 
ATOM   36  C  CG  . TYR A 1 6   ? 8.340   -8.416  6.274   1.00 10.52 ? 6   TYR A CG  1 
ATOM   37  C  CD1 . TYR A 1 6   ? 8.355   -7.294  7.106   1.00 22.41 ? 6   TYR A CD1 1 
ATOM   38  C  CD2 . TYR A 1 6   ? 7.924   -8.253  4.952   1.00 16.42 ? 6   TYR A CD2 1 
ATOM   39  C  CE1 . TYR A 1 6   ? 7.969   -6.040  6.634   1.00 20.53 ? 6   TYR A CE1 1 
ATOM   40  C  CE2 . TYR A 1 6   ? 7.536   -7.005  4.467   1.00 19.22 ? 6   TYR A CE2 1 
ATOM   41  C  CZ  . TYR A 1 6   ? 7.561   -5.907  5.311   1.00 22.32 ? 6   TYR A CZ  1 
ATOM   42  O  OH  . TYR A 1 6   ? 7.191   -4.671  4.834   1.00 19.01 ? 6   TYR A OH  1 
ATOM   43  N  N   . ASP A 1 7   ? 5.484   -9.914  8.085   1.00 20.73 ? 7   ASP A N   1 
ATOM   44  C  CA  . ASP A 1 7   ? 4.087   -10.065 7.695   1.00 22.66 ? 7   ASP A CA  1 
ATOM   45  C  C   . ASP A 1 7   ? 3.646   -9.127  6.574   1.00 19.80 ? 7   ASP A C   1 
ATOM   46  O  O   . ASP A 1 7   ? 2.733   -9.452  5.817   1.00 27.48 ? 7   ASP A O   1 
ATOM   47  C  CB  . ASP A 1 7   ? 3.179   -9.857  8.908   1.00 30.80 ? 7   ASP A CB  1 
ATOM   48  C  CG  . ASP A 1 7   ? 3.552   -10.749 10.077  1.00 42.98 ? 7   ASP A CG  1 
ATOM   49  O  OD1 . ASP A 1 7   ? 3.689   -11.975 9.872   1.00 40.49 ? 7   ASP A OD1 1 
ATOM   50  O  OD2 . ASP A 1 7   ? 3.700   -10.219 11.199  1.00 44.69 ? 7   ASP A OD2 1 
ATOM   51  N  N   . GLY A 1 8   ? 4.294   -7.972  6.469   1.00 16.87 ? 8   GLY A N   1 
ATOM   52  C  CA  . GLY A 1 8   ? 3.933   -7.010  5.442   1.00 19.75 ? 8   GLY A CA  1 
ATOM   53  C  C   . GLY A 1 8   ? 4.020   -5.586  5.960   1.00 22.74 ? 8   GLY A C   1 
ATOM   54  O  O   . GLY A 1 8   ? 4.824   -5.286  6.844   1.00 19.38 ? 8   GLY A O   1 
ATOM   55  N  N   . VAL A 1 9   ? 3.192   -4.701  5.415   1.00 14.83 ? 9   VAL A N   1 
ATOM   56  C  CA  . VAL A 1 9   ? 3.195   -3.305  5.838   1.00 12.79 ? 9   VAL A CA  1 
ATOM   57  C  C   . VAL A 1 9   ? 1.868   -2.905  6.495   1.00 9.32  ? 9   VAL A C   1 
ATOM   58  O  O   . VAL A 1 9   ? 0.796   -3.221  5.984   1.00 14.05 ? 9   VAL A O   1 
ATOM   59  C  CB  . VAL A 1 9   ? 3.486   -2.369  4.632   1.00 7.98  ? 9   VAL A CB  1 
ATOM   60  C  CG1 . VAL A 1 9   ? 2.402   -2.516  3.571   1.00 15.67 ? 9   VAL A CG1 1 
ATOM   61  C  CG2 . VAL A 1 9   ? 3.571   -0.929  5.100   1.00 28.07 ? 9   VAL A CG2 1 
ATOM   62  N  N   . TYR A 1 10  ? 1.943   -2.224  7.637   1.00 13.20 ? 10  TYR A N   1 
ATOM   63  C  CA  . TYR A 1 10  ? 0.734   -1.779  8.330   1.00 9.23  ? 10  TYR A CA  1 
ATOM   64  C  C   . TYR A 1 10  ? 0.400   -0.348  7.929   1.00 14.57 ? 10  TYR A C   1 
ATOM   65  O  O   . TYR A 1 10  ? 1.259   0.535   7.971   1.00 17.09 ? 10  TYR A O   1 
ATOM   66  C  CB  . TYR A 1 10  ? 0.913   -1.850  9.851   1.00 19.01 ? 10  TYR A CB  1 
ATOM   67  C  CG  . TYR A 1 10  ? 0.996   -3.257  10.393  1.00 19.35 ? 10  TYR A CG  1 
ATOM   68  C  CD1 . TYR A 1 10  ? 2.204   -3.953  10.400  1.00 27.06 ? 10  TYR A CD1 1 
ATOM   69  C  CD2 . TYR A 1 10  ? -0.142  -3.907  10.872  1.00 28.95 ? 10  TYR A CD2 1 
ATOM   70  C  CE1 . TYR A 1 10  ? 2.275   -5.263  10.870  1.00 26.42 ? 10  TYR A CE1 1 
ATOM   71  C  CE2 . TYR A 1 10  ? -0.083  -5.217  11.340  1.00 23.51 ? 10  TYR A CE2 1 
ATOM   72  C  CZ  . TYR A 1 10  ? 1.126   -5.885  11.336  1.00 32.76 ? 10  TYR A CZ  1 
ATOM   73  O  OH  . TYR A 1 10  ? 1.184   -7.186  11.786  1.00 34.89 ? 10  TYR A OH  1 
ATOM   74  N  N   . VAL A 1 11  ? -0.850  -0.129  7.536   1.00 10.37 ? 11  VAL A N   1 
ATOM   75  C  CA  . VAL A 1 11  ? -1.313  1.190   7.120   1.00 12.00 ? 11  VAL A CA  1 
ATOM   76  C  C   . VAL A 1 11  ? -1.547  2.064   8.353   1.00 15.83 ? 11  VAL A C   1 
ATOM   77  O  O   . VAL A 1 11  ? -2.172  1.629   9.317   1.00 17.12 ? 11  VAL A O   1 
ATOM   78  C  CB  . VAL A 1 11  ? -2.636  1.082   6.325   1.00 15.47 ? 11  VAL A CB  1 
ATOM   79  C  CG1 . VAL A 1 11  ? -3.136  2.467   5.944   1.00 18.98 ? 11  VAL A CG1 1 
ATOM   80  C  CG2 . VAL A 1 11  ? -2.420  0.236   5.081   1.00 11.03 ? 11  VAL A CG2 1 
HETATM 81  N  N   . MSE A 1 12  ? -1.051  3.296   8.323   1.00 20.94 ? 12  MSE A N   1 
HETATM 82  C  CA  . MSE A 1 12  ? -1.217  4.187   9.466   1.00 24.38 ? 12  MSE A CA  1 
HETATM 83  C  C   . MSE A 1 12  ? -2.176  5.328   9.194   1.00 23.29 ? 12  MSE A C   1 
HETATM 84  O  O   . MSE A 1 12  ? -2.744  5.905   10.119  1.00 30.48 ? 12  MSE A O   1 
HETATM 85  C  CB  . MSE A 1 12  ? 0.134   4.754   9.898   1.00 31.28 ? 12  MSE A CB  1 
HETATM 86  C  CG  . MSE A 1 12  ? 0.035   5.763   11.024  1.00 39.62 ? 12  MSE A CG  1 
HETATM 87  SE SE  . MSE A 1 12  ? 1.727   6.064   11.822  1.00 49.56 ? 12  MSE A SE  1 
HETATM 88  C  CE  . MSE A 1 12  ? 2.548   7.076   10.392  1.00 45.78 ? 12  MSE A CE  1 
ATOM   89  N  N   . SER A 1 13  ? -2.337  5.661   7.920   1.00 15.54 ? 13  SER A N   1 
ATOM   90  C  CA  . SER A 1 13  ? -3.235  6.731   7.509   1.00 14.39 ? 13  SER A CA  1 
ATOM   91  C  C   . SER A 1 13  ? -3.558  6.564   6.031   1.00 14.03 ? 13  SER A C   1 
ATOM   92  O  O   . SER A 1 13  ? -2.722  6.095   5.262   1.00 10.99 ? 13  SER A O   1 
ATOM   93  C  CB  . SER A 1 13  ? -2.581  8.094   7.726   1.00 19.94 ? 13  SER A CB  1 
ATOM   94  O  OG  . SER A 1 13  ? -3.391  9.130   7.197   1.00 33.57 ? 13  SER A OG  1 
ATOM   95  N  N   . VAL A 1 14  ? -4.768  6.957   5.645   1.00 10.62 ? 14  VAL A N   1 
ATOM   96  C  CA  . VAL A 1 14  ? -5.217  6.859   4.264   1.00 11.13 ? 14  VAL A CA  1 
ATOM   97  C  C   . VAL A 1 14  ? -5.825  8.196   3.846   1.00 9.45  ? 14  VAL A C   1 
ATOM   98  O  O   . VAL A 1 14  ? -6.669  8.737   4.560   1.00 13.47 ? 14  VAL A O   1 
ATOM   99  C  CB  . VAL A 1 14  ? -6.299  5.756   4.107   1.00 12.68 ? 14  VAL A CB  1 
ATOM   100 C  CG1 . VAL A 1 14  ? -6.658  5.580   2.644   1.00 14.96 ? 14  VAL A CG1 1 
ATOM   101 C  CG2 . VAL A 1 14  ? -5.796  4.432   4.699   1.00 11.52 ? 14  VAL A CG2 1 
ATOM   102 N  N   . LYS A 1 15  ? -5.389  8.750   2.717   1.00 9.62  ? 15  LYS A N   1 
ATOM   103 C  CA  . LYS A 1 15  ? -5.962  10.016  2.243   1.00 13.09 ? 15  LYS A CA  1 
ATOM   104 C  C   . LYS A 1 15  ? -7.453  9.780   2.023   1.00 12.75 ? 15  LYS A C   1 
ATOM   105 O  O   . LYS A 1 15  ? -7.836  8.812   1.376   1.00 17.51 ? 15  LYS A O   1 
ATOM   106 C  CB  . LYS A 1 15  ? -5.330  10.436  0.916   1.00 18.38 ? 15  LYS A CB  1 
ATOM   107 C  CG  . LYS A 1 15  ? -3.991  11.140  1.026   1.00 22.24 ? 15  LYS A CG  1 
ATOM   108 C  CD  . LYS A 1 15  ? -3.405  11.345  -0.362  1.00 25.37 ? 15  LYS A CD  1 
ATOM   109 C  CE  . LYS A 1 15  ? -2.245  12.312  -0.341  1.00 35.30 ? 15  LYS A CE  1 
ATOM   110 N  NZ  . LYS A 1 15  ? -2.720  13.697  -0.079  1.00 36.09 ? 15  LYS A NZ  1 
ATOM   111 N  N   . ASP A 1 16  ? -8.291  10.677  2.534   1.00 19.87 ? 16  ASP A N   1 
ATOM   112 C  CA  . ASP A 1 16  ? -9.740  10.528  2.409   1.00 19.72 ? 16  ASP A CA  1 
ATOM   113 C  C   . ASP A 1 16  ? -10.339 10.909  1.059   1.00 22.79 ? 16  ASP A C   1 
ATOM   114 O  O   . ASP A 1 16  ? -11.541 10.752  0.850   1.00 23.74 ? 16  ASP A O   1 
ATOM   115 C  CB  . ASP A 1 16  ? -10.442 11.337  3.500   1.00 27.31 ? 16  ASP A CB  1 
ATOM   116 C  CG  . ASP A 1 16  ? -10.010 12.787  3.515   1.00 31.84 ? 16  ASP A CG  1 
ATOM   117 O  OD1 . ASP A 1 16  ? -9.880  13.384  2.421   1.00 31.06 ? 16  ASP A OD1 1 
ATOM   118 O  OD2 . ASP A 1 16  ? -9.810  13.339  4.619   1.00 47.19 ? 16  ASP A OD2 1 
ATOM   119 N  N   . ASP A 1 17  ? -9.515  11.405  0.144   1.00 13.74 ? 17  ASP A N   1 
ATOM   120 C  CA  . ASP A 1 17  ? -10.011 11.812  -1.167  1.00 13.70 ? 17  ASP A CA  1 
ATOM   121 C  C   . ASP A 1 17  ? -9.358  11.062  -2.323  1.00 17.20 ? 17  ASP A C   1 
ATOM   122 O  O   . ASP A 1 17  ? -9.277  11.575  -3.440  1.00 16.40 ? 17  ASP A O   1 
ATOM   123 C  CB  . ASP A 1 17  ? -9.805  13.317  -1.345  1.00 23.43 ? 17  ASP A CB  1 
ATOM   124 C  CG  . ASP A 1 17  ? -8.370  13.739  -1.095  1.00 30.71 ? 17  ASP A CG  1 
ATOM   125 O  OD1 . ASP A 1 17  ? -8.074  14.947  -1.232  1.00 36.18 ? 17  ASP A OD1 1 
ATOM   126 O  OD2 . ASP A 1 17  ? -7.542  12.861  -0.759  1.00 28.91 ? 17  ASP A OD2 1 
ATOM   127 N  N   . VAL A 1 18  ? -8.887  9.849   -2.052  1.00 8.79  ? 18  VAL A N   1 
ATOM   128 C  CA  . VAL A 1 18  ? -8.245  9.036   -3.082  1.00 11.68 ? 18  VAL A CA  1 
ATOM   129 C  C   . VAL A 1 18  ? -8.925  7.671   -3.161  1.00 7.55  ? 18  VAL A C   1 
ATOM   130 O  O   . VAL A 1 18  ? -9.603  7.256   -2.223  1.00 9.47  ? 18  VAL A O   1 
ATOM   131 C  CB  . VAL A 1 18  ? -6.749  8.822   -2.779  1.00 13.88 ? 18  VAL A CB  1 
ATOM   132 C  CG1 . VAL A 1 18  ? -6.026  10.161  -2.751  1.00 18.12 ? 18  VAL A CG1 1 
ATOM   133 C  CG2 . VAL A 1 18  ? -6.585  8.104   -1.447  1.00 9.64  ? 18  VAL A CG2 1 
ATOM   134 N  N   . PRO A 1 19  ? -8.754  6.961   -4.288  1.00 12.03 ? 19  PRO A N   1 
ATOM   135 C  CA  . PRO A 1 19  ? -9.375  5.645   -4.433  1.00 5.75  ? 19  PRO A CA  1 
ATOM   136 C  C   . PRO A 1 19  ? -9.105  4.712   -3.257  1.00 8.27  ? 19  PRO A C   1 
ATOM   137 O  O   . PRO A 1 19  ? -9.979  3.945   -2.858  1.00 9.57  ? 19  PRO A O   1 
ATOM   138 C  CB  . PRO A 1 19  ? -8.779  5.134   -5.737  1.00 10.87 ? 19  PRO A CB  1 
ATOM   139 C  CG  . PRO A 1 19  ? -8.670  6.396   -6.550  1.00 9.42  ? 19  PRO A CG  1 
ATOM   140 C  CD  . PRO A 1 19  ? -8.095  7.373   -5.541  1.00 9.36  ? 19  PRO A CD  1 
ATOM   141 N  N   . ALA A 1 20  ? -7.900  4.776   -2.700  1.00 7.49  ? 20  ALA A N   1 
ATOM   142 C  CA  . ALA A 1 20  ? -7.556  3.917   -1.571  1.00 6.23  ? 20  ALA A CA  1 
ATOM   143 C  C   . ALA A 1 20  ? -8.529  4.059   -0.395  1.00 12.34 ? 20  ALA A C   1 
ATOM   144 O  O   . ALA A 1 20  ? -8.777  3.096   0.328   1.00 13.91 ? 20  ALA A O   1 
ATOM   145 C  CB  . ALA A 1 20  ? -6.129  4.209   -1.109  1.00 11.20 ? 20  ALA A CB  1 
ATOM   146 N  N   . ALA A 1 21  ? -9.085  5.252   -0.204  1.00 8.61  ? 21  ALA A N   1 
ATOM   147 C  CA  . ALA A 1 21  ? -10.009 5.488   0.899   1.00 6.86  ? 21  ALA A CA  1 
ATOM   148 C  C   . ALA A 1 21  ? -11.286 4.657   0.795   1.00 12.42 ? 21  ALA A C   1 
ATOM   149 O  O   . ALA A 1 21  ? -12.016 4.508   1.774   1.00 17.89 ? 21  ALA A O   1 
ATOM   150 C  CB  . ALA A 1 21  ? -10.365 6.969   0.976   1.00 11.85 ? 21  ALA A CB  1 
ATOM   151 N  N   . ASP A 1 22  ? -11.552 4.118   -0.389  1.00 14.21 ? 22  ASP A N   1 
ATOM   152 C  CA  . ASP A 1 22  ? -12.745 3.318   -0.609  1.00 19.06 ? 22  ASP A CA  1 
ATOM   153 C  C   . ASP A 1 22  ? -12.455 1.827   -0.414  1.00 19.31 ? 22  ASP A C   1 
ATOM   154 O  O   . ASP A 1 22  ? -13.332 0.989   -0.619  1.00 23.06 ? 22  ASP A O   1 
ATOM   155 C  CB  . ASP A 1 22  ? -13.277 3.587   -2.023  1.00 22.87 ? 22  ASP A CB  1 
ATOM   156 C  CG  . ASP A 1 22  ? -14.766 3.889   -2.042  1.00 30.31 ? 22  ASP A CG  1 
ATOM   157 O  OD1 . ASP A 1 22  ? -15.257 4.560   -1.110  1.00 32.42 ? 22  ASP A OD1 1 
ATOM   158 O  OD2 . ASP A 1 22  ? -15.441 3.469   -3.003  1.00 31.77 ? 22  ASP A OD2 1 
ATOM   159 N  N   . VAL A 1 23  ? -11.230 1.507   0.000   1.00 18.27 ? 23  VAL A N   1 
ATOM   160 C  CA  . VAL A 1 23  ? -10.815 0.118   0.220   1.00 11.61 ? 23  VAL A CA  1 
ATOM   161 C  C   . VAL A 1 23  ? -10.103 -0.118  1.557   1.00 19.14 ? 23  VAL A C   1 
ATOM   162 O  O   . VAL A 1 23  ? -10.537 -0.936  2.369   1.00 17.34 ? 23  VAL A O   1 
ATOM   163 C  CB  . VAL A 1 23  ? -9.847  -0.365  -0.894  1.00 15.64 ? 23  VAL A CB  1 
ATOM   164 C  CG1 . VAL A 1 23  ? -9.351  -1.770  -0.583  1.00 10.60 ? 23  VAL A CG1 1 
ATOM   165 C  CG2 . VAL A 1 23  ? -10.529 -0.328  -2.243  1.00 9.71  ? 23  VAL A CG2 1 
ATOM   166 N  N   . LEU A 1 24  ? -9.000  0.597   1.774   1.00 10.58 ? 24  LEU A N   1 
ATOM   167 C  CA  . LEU A 1 24  ? -8.197  0.434   2.985   1.00 7.01  ? 24  LEU A CA  1 
ATOM   168 C  C   . LEU A 1 24  ? -8.618  1.307   4.160   1.00 12.28 ? 24  LEU A C   1 
ATOM   169 O  O   . LEU A 1 24  ? -9.315  2.310   3.997   1.00 16.06 ? 24  LEU A O   1 
ATOM   170 C  CB  . LEU A 1 24  ? -6.721  0.713   2.660   1.00 9.66  ? 24  LEU A CB  1 
ATOM   171 C  CG  . LEU A 1 24  ? -6.066  -0.141  1.568   1.00 12.44 ? 24  LEU A CG  1 
ATOM   172 C  CD1 . LEU A 1 24  ? -4.693  0.405   1.240   1.00 10.13 ? 24  LEU A CD1 1 
ATOM   173 C  CD2 . LEU A 1 24  ? -5.983  -1.591  2.036   1.00 12.36 ? 24  LEU A CD2 1 
ATOM   174 N  N   . HIS A 1 25  ? -8.188  0.903   5.350   1.00 14.54 ? 25  HIS A N   1 
ATOM   175 C  CA  . HIS A 1 25  ? -8.466  1.642   6.574   1.00 14.36 ? 25  HIS A CA  1 
ATOM   176 C  C   . HIS A 1 25  ? -7.220  1.599   7.444   1.00 12.53 ? 25  HIS A C   1 
ATOM   177 O  O   . HIS A 1 25  ? -6.377  0.710   7.297   1.00 16.91 ? 25  HIS A O   1 
ATOM   178 C  CB  . HIS A 1 25  ? -9.648  1.030   7.337   1.00 13.20 ? 25  HIS A CB  1 
ATOM   179 C  CG  . HIS A 1 25  ? -10.984 1.311   6.722   1.00 20.12 ? 25  HIS A CG  1 
ATOM   180 N  ND1 . HIS A 1 25  ? -11.573 0.474   5.799   1.00 16.75 ? 25  HIS A ND1 1 
ATOM   181 C  CD2 . HIS A 1 25  ? -11.847 2.341   6.900   1.00 17.37 ? 25  HIS A CD2 1 
ATOM   182 C  CE1 . HIS A 1 25  ? -12.741 0.976   5.434   1.00 25.85 ? 25  HIS A CE1 1 
ATOM   183 N  NE2 . HIS A 1 25  ? -12.929 2.109   6.087   1.00 19.09 ? 25  HIS A NE2 1 
ATOM   184 N  N   . ALA A 1 26  ? -7.096  2.566   8.345   1.00 14.58 ? 26  ALA A N   1 
ATOM   185 C  CA  . ALA A 1 26  ? -5.947  2.618   9.235   1.00 12.89 ? 26  ALA A CA  1 
ATOM   186 C  C   . ALA A 1 26  ? -5.924  1.343   10.066  1.00 16.63 ? 26  ALA A C   1 
ATOM   187 O  O   . ALA A 1 26  ? -6.950  0.930   10.610  1.00 17.64 ? 26  ALA A O   1 
ATOM   188 C  CB  . ALA A 1 26  ? -6.046  3.839   10.134  1.00 10.08 ? 26  ALA A CB  1 
ATOM   189 N  N   . GLY A 1 27  ? -4.755  0.717   10.147  1.00 13.32 ? 27  GLY A N   1 
ATOM   190 C  CA  . GLY A 1 27  ? -4.624  -0.506  10.916  1.00 14.50 ? 27  GLY A CA  1 
ATOM   191 C  C   . GLY A 1 27  ? -4.535  -1.753  10.055  1.00 15.41 ? 27  GLY A C   1 
ATOM   192 O  O   . GLY A 1 27  ? -4.065  -2.793  10.515  1.00 15.71 ? 27  GLY A O   1 
ATOM   193 N  N   . ASP A 1 28  ? -4.983  -1.660  8.808   1.00 12.81 ? 28  ASP A N   1 
ATOM   194 C  CA  . ASP A 1 28  ? -4.939  -2.806  7.909   1.00 10.23 ? 28  ASP A CA  1 
ATOM   195 C  C   . ASP A 1 28  ? -3.507  -3.221  7.606   1.00 12.53 ? 28  ASP A C   1 
ATOM   196 O  O   . ASP A 1 28  ? -2.588  -2.396  7.588   1.00 14.75 ? 28  ASP A O   1 
ATOM   197 C  CB  . ASP A 1 28  ? -5.660  -2.493  6.591   1.00 11.42 ? 28  ASP A CB  1 
ATOM   198 C  CG  . ASP A 1 28  ? -7.154  -2.300  6.769   1.00 11.66 ? 28  ASP A CG  1 
ATOM   199 O  OD1 . ASP A 1 28  ? -7.676  -2.586  7.864   1.00 14.43 ? 28  ASP A OD1 1 
ATOM   200 O  OD2 . ASP A 1 28  ? -7.813  -1.861  5.806   1.00 12.60 ? 28  ASP A OD2 1 
ATOM   201 N  N   . LEU A 1 29  ? -3.321  -4.515  7.383   1.00 7.65  ? 29  LEU A N   1 
ATOM   202 C  CA  . LEU A 1 29  ? -2.008  -5.050  7.056   1.00 9.70  ? 29  LEU A CA  1 
ATOM   203 C  C   . LEU A 1 29  ? -2.020  -5.476  5.598   1.00 10.98 ? 29  LEU A C   1 
ATOM   204 O  O   . LEU A 1 29  ? -2.843  -6.295  5.191   1.00 11.96 ? 29  LEU A O   1 
ATOM   205 C  CB  . LEU A 1 29  ? -1.688  -6.266  7.932   1.00 14.37 ? 29  LEU A CB  1 
ATOM   206 C  CG  . LEU A 1 29  ? -0.453  -7.082  7.542   1.00 19.67 ? 29  LEU A CG  1 
ATOM   207 C  CD1 . LEU A 1 29  ? 0.815   -6.267  7.724   1.00 16.62 ? 29  LEU A CD1 1 
ATOM   208 C  CD2 . LEU A 1 29  ? -0.393  -8.345  8.398   1.00 24.32 ? 29  LEU A CD2 1 
ATOM   209 N  N   . ILE A 1 30  ? -1.114  -4.907  4.811   1.00 9.65  ? 30  ILE A N   1 
ATOM   210 C  CA  . ILE A 1 30  ? -1.017  -5.262  3.396   1.00 10.22 ? 30  ILE A CA  1 
ATOM   211 C  C   . ILE A 1 30  ? 0.034   -6.360  3.288   1.00 5.70  ? 30  ILE A C   1 
ATOM   212 O  O   . ILE A 1 30  ? 1.185   -6.167  3.683   1.00 9.64  ? 30  ILE A O   1 
ATOM   213 C  CB  . ILE A 1 30  ? -0.589  -4.060  2.543   1.00 3.95  ? 30  ILE A CB  1 
ATOM   214 C  CG1 . ILE A 1 30  ? -1.675  -2.976  2.593   1.00 4.58  ? 30  ILE A CG1 1 
ATOM   215 C  CG2 . ILE A 1 30  ? -0.339  -4.511  1.117   1.00 7.02  ? 30  ILE A CG2 1 
ATOM   216 C  CD1 . ILE A 1 30  ? -1.299  -1.689  1.840   1.00 4.04  ? 30  ILE A CD1 1 
ATOM   217 N  N   . THR A 1 31  ? -0.365  -7.511  2.751   1.00 9.57  ? 31  THR A N   1 
ATOM   218 C  CA  . THR A 1 31  ? 0.526   -8.658  2.630   1.00 9.84  ? 31  THR A CA  1 
ATOM   219 C  C   . THR A 1 31  ? 1.105   -8.908  1.245   1.00 8.39  ? 31  THR A C   1 
ATOM   220 O  O   . THR A 1 31  ? 2.183   -9.480  1.122   1.00 8.69  ? 31  THR A O   1 
ATOM   221 C  CB  . THR A 1 31  ? -0.189  -9.942  3.101   1.00 7.24  ? 31  THR A CB  1 
ATOM   222 O  OG1 . THR A 1 31  ? -1.383  -10.140 2.330   1.00 13.90 ? 31  THR A OG1 1 
ATOM   223 C  CG2 . THR A 1 31  ? -0.565  -9.825  4.568   1.00 14.38 ? 31  THR A CG2 1 
ATOM   224 N  N   . GLU A 1 32  ? 0.397   -8.483  0.206   1.00 9.43  ? 32  GLU A N   1 
ATOM   225 C  CA  . GLU A 1 32  ? 0.871   -8.673  -1.157  1.00 6.13  ? 32  GLU A CA  1 
ATOM   226 C  C   . GLU A 1 32  ? 0.370   -7.559  -2.058  1.00 9.81  ? 32  GLU A C   1 
ATOM   227 O  O   . GLU A 1 32  ? -0.697  -6.986  -1.832  1.00 9.59  ? 32  GLU A O   1 
ATOM   228 C  CB  . GLU A 1 32  ? 0.410   -10.027 -1.716  1.00 7.91  ? 32  GLU A CB  1 
ATOM   229 C  CG  . GLU A 1 32  ? 1.029   -11.241 -1.031  1.00 8.67  ? 32  GLU A CG  1 
ATOM   230 C  CD  . GLU A 1 32  ? 0.806   -12.538 -1.794  1.00 28.53 ? 32  GLU A CD  1 
ATOM   231 O  OE1 . GLU A 1 32  ? 1.366   -13.575 -1.372  1.00 43.88 ? 32  GLU A OE1 1 
ATOM   232 O  OE2 . GLU A 1 32  ? 0.080   -12.535 -2.808  1.00 21.38 ? 32  GLU A OE2 1 
ATOM   233 N  N   . ILE A 1 33  ? 1.172   -7.237  -3.061  1.00 5.14  ? 33  ILE A N   1 
ATOM   234 C  CA  . ILE A 1 33  ? 0.817   -6.220  -4.035  1.00 7.85  ? 33  ILE A CA  1 
ATOM   235 C  C   . ILE A 1 33  ? 1.136   -6.838  -5.400  1.00 18.29 ? 33  ILE A C   1 
ATOM   236 O  O   . ILE A 1 33  ? 2.242   -7.331  -5.637  1.00 14.93 ? 33  ILE A O   1 
ATOM   237 C  CB  . ILE A 1 33  ? 1.607   -4.904  -3.787  1.00 6.74  ? 33  ILE A CB  1 
ATOM   238 C  CG1 . ILE A 1 33  ? 1.180   -3.843  -4.801  1.00 9.14  ? 33  ILE A CG1 1 
ATOM   239 C  CG2 . ILE A 1 33  ? 3.111   -5.154  -3.853  1.00 6.59  ? 33  ILE A CG2 1 
ATOM   240 C  CD1 . ILE A 1 33  ? 1.655   -2.439  -4.445  1.00 8.00  ? 33  ILE A CD1 1 
ATOM   241 N  N   . ASP A 1 34  ? 0.135   -6.838  -6.274  1.00 10.72 ? 34  ASP A N   1 
ATOM   242 C  CA  . ASP A 1 34  ? 0.237   -7.410  -7.610  1.00 9.68  ? 34  ASP A CA  1 
ATOM   243 C  C   . ASP A 1 34  ? 0.609   -8.897  -7.607  1.00 13.00 ? 34  ASP A C   1 
ATOM   244 O  O   . ASP A 1 34  ? 1.404   -9.368  -8.425  1.00 11.24 ? 34  ASP A O   1 
ATOM   245 C  CB  . ASP A 1 34  ? 1.193   -6.579  -8.478  1.00 10.32 ? 34  ASP A CB  1 
ATOM   246 C  CG  . ASP A 1 34  ? 0.519   -5.339  -9.052  1.00 11.69 ? 34  ASP A CG  1 
ATOM   247 O  OD1 . ASP A 1 34  ? 1.200   -4.509  -9.694  1.00 11.52 ? 34  ASP A OD1 1 
ATOM   248 O  OD2 . ASP A 1 34  ? -0.708  -5.186  -8.876  1.00 7.57  ? 34  ASP A OD2 1 
ATOM   249 N  N   . GLY A 1 35  ? 0.004   -9.622  -6.667  1.00 13.14 ? 35  GLY A N   1 
ATOM   250 C  CA  . GLY A 1 35  ? 0.202   -11.060 -6.540  1.00 15.86 ? 35  GLY A CA  1 
ATOM   251 C  C   . GLY A 1 35  ? 1.500   -11.539 -5.919  1.00 14.76 ? 35  GLY A C   1 
ATOM   252 O  O   . GLY A 1 35  ? 1.790   -12.741 -5.920  1.00 19.06 ? 35  GLY A O   1 
ATOM   253 N  N   . ASN A 1 36  ? 2.274   -10.616 -5.368  1.00 15.15 ? 36  ASN A N   1 
ATOM   254 C  CA  . ASN A 1 36  ? 3.550   -10.978 -4.776  1.00 19.93 ? 36  ASN A CA  1 
ATOM   255 C  C   . ASN A 1 36  ? 3.777   -10.392 -3.387  1.00 16.33 ? 36  ASN A C   1 
ATOM   256 O  O   . ASN A 1 36  ? 3.336   -9.284  -3.084  1.00 11.15 ? 36  ASN A O   1 
ATOM   257 C  CB  . ASN A 1 36  ? 4.682   -10.546 -5.717  1.00 20.68 ? 36  ASN A CB  1 
ATOM   258 C  CG  . ASN A 1 36  ? 4.665   -11.304 -7.039  1.00 32.86 ? 36  ASN A CG  1 
ATOM   259 O  OD1 . ASN A 1 36  ? 4.887   -12.517 -7.073  1.00 18.03 ? 36  ASN A OD1 1 
ATOM   260 N  ND2 . ASN A 1 36  ? 4.389   -10.595 -8.130  1.00 27.45 ? 36  ASN A ND2 1 
ATOM   261 N  N   . ALA A 1 37  ? 4.454   -11.160 -2.540  1.00 13.71 ? 37  ALA A N   1 
ATOM   262 C  CA  . ALA A 1 37  ? 4.766   -10.721 -1.192  1.00 13.07 ? 37  ALA A CA  1 
ATOM   263 C  C   . ALA A 1 37  ? 6.099   -9.988  -1.269  1.00 17.09 ? 37  ALA A C   1 
ATOM   264 O  O   . ALA A 1 37  ? 6.992   -10.387 -2.018  1.00 34.89 ? 37  ALA A O   1 
ATOM   265 C  CB  . ALA A 1 37  ? 4.882   -11.927 -0.255  1.00 9.19  ? 37  ALA A CB  1 
ATOM   266 N  N   . PHE A 1 38  ? 6.229   -8.915  -0.501  1.00 17.48 ? 38  PHE A N   1 
ATOM   267 C  CA  . PHE A 1 38  ? 7.448   -8.119  -0.473  1.00 11.23 ? 38  PHE A CA  1 
ATOM   268 C  C   . PHE A 1 38  ? 8.135   -8.387  0.857   1.00 14.64 ? 38  PHE A C   1 
ATOM   269 O  O   . PHE A 1 38  ? 7.493   -8.819  1.814   1.00 15.72 ? 38  PHE A O   1 
ATOM   270 C  CB  . PHE A 1 38  ? 7.099   -6.633  -0.602  1.00 11.51 ? 38  PHE A CB  1 
ATOM   271 C  CG  . PHE A 1 38  ? 5.865   -6.236  0.156   1.00 10.92 ? 38  PHE A CG  1 
ATOM   272 C  CD1 . PHE A 1 38  ? 4.601   -6.483  -0.377  1.00 15.36 ? 38  PHE A CD1 1 
ATOM   273 C  CD2 . PHE A 1 38  ? 5.957   -5.671  1.426   1.00 12.44 ? 38  PHE A CD2 1 
ATOM   274 C  CE1 . PHE A 1 38  ? 3.455   -6.165  0.332   1.00 9.14  ? 38  PHE A CE1 1 
ATOM   275 C  CE2 . PHE A 1 38  ? 4.809   -5.352  2.142   1.00 10.45 ? 38  PHE A CE2 1 
ATOM   276 C  CZ  . PHE A 1 38  ? 3.551   -5.608  1.597   1.00 11.03 ? 38  PHE A CZ  1 
ATOM   277 N  N   . LYS A 1 39  ? 9.434   -8.131  0.935   1.00 16.71 ? 39  LYS A N   1 
ATOM   278 C  CA  . LYS A 1 39  ? 10.142  -8.396  2.179   1.00 14.49 ? 39  LYS A CA  1 
ATOM   279 C  C   . LYS A 1 39  ? 10.515  -7.165  2.991   1.00 14.79 ? 39  LYS A C   1 
ATOM   280 O  O   . LYS A 1 39  ? 11.274  -7.263  3.954   1.00 17.33 ? 39  LYS A O   1 
ATOM   281 C  CB  . LYS A 1 39  ? 11.388  -9.237  1.899   1.00 24.81 ? 39  LYS A CB  1 
ATOM   282 C  CG  . LYS A 1 39  ? 11.064  -10.673 1.502   1.00 26.30 ? 39  LYS A CG  1 
ATOM   283 C  CD  . LYS A 1 39  ? 12.315  -11.457 1.181   1.00 34.92 ? 39  LYS A CD  1 
ATOM   284 C  CE  . LYS A 1 39  ? 11.976  -12.869 0.742   1.00 32.14 ? 39  LYS A CE  1 
ATOM   285 N  NZ  . LYS A 1 39  ? 11.100  -12.875 -0.464  1.00 35.92 ? 39  LYS A NZ  1 
ATOM   286 N  N   . SER A 1 40  ? 9.974   -6.012  2.617   1.00 12.44 ? 40  SER A N   1 
ATOM   287 C  CA  . SER A 1 40  ? 10.268  -4.782  3.347   1.00 17.41 ? 40  SER A CA  1 
ATOM   288 C  C   . SER A 1 40  ? 9.439   -3.631  2.817   1.00 19.30 ? 40  SER A C   1 
ATOM   289 O  O   . SER A 1 40  ? 8.939   -3.679  1.695   1.00 14.19 ? 40  SER A O   1 
ATOM   290 C  CB  . SER A 1 40  ? 11.745  -4.425  3.213   1.00 14.79 ? 40  SER A CB  1 
ATOM   291 O  OG  . SER A 1 40  ? 12.026  -3.934  1.913   1.00 20.09 ? 40  SER A OG  1 
ATOM   292 N  N   . SER A 1 41  ? 9.305   -2.587  3.627   1.00 15.42 ? 41  SER A N   1 
ATOM   293 C  CA  . SER A 1 41  ? 8.538   -1.420  3.212   1.00 12.99 ? 41  SER A CA  1 
ATOM   294 C  C   . SER A 1 41  ? 9.242   -0.787  2.013   1.00 12.31 ? 41  SER A C   1 
ATOM   295 O  O   . SER A 1 41  ? 8.596   -0.265  1.103   1.00 9.08  ? 41  SER A O   1 
ATOM   296 C  CB  . SER A 1 41  ? 8.439   -0.410  4.358   1.00 18.15 ? 41  SER A CB  1 
ATOM   297 O  OG  . SER A 1 41  ? 9.724   0.047   4.743   1.00 18.79 ? 41  SER A OG  1 
ATOM   298 N  N   . GLN A 1 42  ? 10.572  -0.845  2.007   1.00 8.70  ? 42  GLN A N   1 
ATOM   299 C  CA  . GLN A 1 42  ? 11.345  -0.283  0.911   1.00 17.22 ? 42  GLN A CA  1 
ATOM   300 C  C   . GLN A 1 42  ? 11.036  -0.965  -0.412  1.00 13.02 ? 42  GLN A C   1 
ATOM   301 O  O   . GLN A 1 42  ? 10.863  -0.297  -1.435  1.00 10.47 ? 42  GLN A O   1 
ATOM   302 C  CB  . GLN A 1 42  ? 12.844  -0.379  1.209   1.00 21.17 ? 42  GLN A CB  1 
ATOM   303 C  CG  . GLN A 1 42  ? 13.264  0.478   2.388   1.00 31.73 ? 42  GLN A CG  1 
ATOM   304 C  CD  . GLN A 1 42  ? 12.976  1.951   2.155   1.00 42.05 ? 42  GLN A CD  1 
ATOM   305 O  OE1 . GLN A 1 42  ? 12.865  2.734   3.103   1.00 44.62 ? 42  GLN A OE1 1 
ATOM   306 N  NE2 . GLN A 1 42  ? 12.861  2.339   0.886   1.00 29.88 ? 42  GLN A NE2 1 
ATOM   307 N  N   . GLU A 1 43  ? 10.965  -2.294  -0.399  1.00 11.53 ? 43  GLU A N   1 
ATOM   308 C  CA  . GLU A 1 43  ? 10.666  -3.024  -1.628  1.00 5.93  ? 43  GLU A CA  1 
ATOM   309 C  C   . GLU A 1 43  ? 9.249   -2.695  -2.083  1.00 9.68  ? 43  GLU A C   1 
ATOM   310 O  O   . GLU A 1 43  ? 8.985   -2.542  -3.278  1.00 9.31  ? 43  GLU A O   1 
ATOM   311 C  CB  . GLU A 1 43  ? 10.784  -4.540  -1.426  1.00 13.76 ? 43  GLU A CB  1 
ATOM   312 C  CG  . GLU A 1 43  ? 10.504  -5.287  -2.727  1.00 17.08 ? 43  GLU A CG  1 
ATOM   313 C  CD  . GLU A 1 43  ? 10.386  -6.789  -2.587  1.00 21.03 ? 43  GLU A CD  1 
ATOM   314 O  OE1 . GLU A 1 43  ? 9.866   -7.411  -3.544  1.00 20.86 ? 43  GLU A OE1 1 
ATOM   315 O  OE2 . GLU A 1 43  ? 10.809  -7.352  -1.548  1.00 17.86 ? 43  GLU A OE2 1 
ATOM   316 N  N   . PHE A 1 44  ? 8.340   -2.605  -1.120  1.00 10.39 ? 44  PHE A N   1 
ATOM   317 C  CA  . PHE A 1 44  ? 6.942   -2.287  -1.397  1.00 7.42  ? 44  PHE A CA  1 
ATOM   318 C  C   . PHE A 1 44  ? 6.857   -0.918  -2.068  1.00 10.23 ? 44  PHE A C   1 
ATOM   319 O  O   . PHE A 1 44  ? 6.203   -0.755  -3.102  1.00 8.72  ? 44  PHE A O   1 
ATOM   320 C  CB  . PHE A 1 44  ? 6.156   -2.314  -0.082  1.00 8.12  ? 44  PHE A CB  1 
ATOM   321 C  CG  . PHE A 1 44  ? 4.721   -1.880  -0.202  1.00 10.85 ? 44  PHE A CG  1 
ATOM   322 C  CD1 . PHE A 1 44  ? 4.331   -0.612  0.210   1.00 9.30  ? 44  PHE A CD1 1 
ATOM   323 C  CD2 . PHE A 1 44  ? 3.747   -2.771  -0.643  1.00 7.31  ? 44  PHE A CD2 1 
ATOM   324 C  CE1 . PHE A 1 44  ? 2.988   -0.239  0.188   1.00 10.13 ? 44  PHE A CE1 1 
ATOM   325 C  CE2 . PHE A 1 44  ? 2.402   -2.410  -0.671  1.00 14.76 ? 44  PHE A CE2 1 
ATOM   326 C  CZ  . PHE A 1 44  ? 2.019   -1.148  -0.252  1.00 9.47  ? 44  PHE A CZ  1 
ATOM   327 N  N   . ILE A 1 45  ? 7.549   0.060   -1.500  1.00 8.91  ? 45  ILE A N   1 
ATOM   328 C  CA  . ILE A 1 45  ? 7.543   1.408   -2.056  1.00 7.43  ? 45  ILE A CA  1 
ATOM   329 C  C   . ILE A 1 45  ? 8.229   1.442   -3.414  1.00 9.42  ? 45  ILE A C   1 
ATOM   330 O  O   . ILE A 1 45  ? 7.714   2.048   -4.352  1.00 8.93  ? 45  ILE A O   1 
ATOM   331 C  CB  . ILE A 1 45  ? 8.243   2.400   -1.106  1.00 10.93 ? 45  ILE A CB  1 
ATOM   332 C  CG1 . ILE A 1 45  ? 7.494   2.441   0.227   1.00 16.35 ? 45  ILE A CG1 1 
ATOM   333 C  CG2 . ILE A 1 45  ? 8.284   3.792   -1.736  1.00 10.41 ? 45  ILE A CG2 1 
ATOM   334 C  CD1 . ILE A 1 45  ? 8.267   3.112   1.342   1.00 15.24 ? 45  ILE A CD1 1 
ATOM   335 N  N   . ASP A 1 46  ? 9.392   0.802   -3.527  1.00 5.51  ? 46  ASP A N   1 
ATOM   336 C  CA  . ASP A 1 46  ? 10.108  0.780   -4.805  1.00 7.11  ? 46  ASP A CA  1 
ATOM   337 C  C   . ASP A 1 46  ? 9.200   0.257   -5.907  1.00 7.91  ? 46  ASP A C   1 
ATOM   338 O  O   . ASP A 1 46  ? 9.182   0.789   -7.014  1.00 9.17  ? 46  ASP A O   1 
ATOM   339 C  CB  . ASP A 1 46  ? 11.342  -0.130  -4.750  1.00 13.17 ? 46  ASP A CB  1 
ATOM   340 C  CG  . ASP A 1 46  ? 12.472  0.453   -3.936  1.00 18.17 ? 46  ASP A CG  1 
ATOM   341 O  OD1 . ASP A 1 46  ? 12.595  1.693   -3.868  1.00 19.87 ? 46  ASP A OD1 1 
ATOM   342 O  OD2 . ASP A 1 46  ? 13.256  -0.344  -3.377  1.00 18.63 ? 46  ASP A OD2 1 
ATOM   343 N  N   . TYR A 1 47  ? 8.456   -0.801  -5.598  1.00 7.03  ? 47  TYR A N   1 
ATOM   344 C  CA  . TYR A 1 47  ? 7.573   -1.399  -6.582  1.00 7.12  ? 47  TYR A CA  1 
ATOM   345 C  C   . TYR A 1 47  ? 6.521   -0.416  -7.069  1.00 13.57 ? 47  TYR A C   1 
ATOM   346 O  O   . TYR A 1 47  ? 6.309   -0.275  -8.277  1.00 11.89 ? 47  TYR A O   1 
ATOM   347 C  CB  . TYR A 1 47  ? 6.903   -2.648  -6.009  1.00 14.05 ? 47  TYR A CB  1 
ATOM   348 C  CG  . TYR A 1 47  ? 6.021   -3.329  -7.019  1.00 8.82  ? 47  TYR A CG  1 
ATOM   349 C  CD1 . TYR A 1 47  ? 4.651   -3.061  -7.073  1.00 9.37  ? 47  TYR A CD1 1 
ATOM   350 C  CD2 . TYR A 1 47  ? 6.567   -4.189  -7.973  1.00 11.00 ? 47  TYR A CD2 1 
ATOM   351 C  CE1 . TYR A 1 47  ? 3.853   -3.627  -8.059  1.00 7.93  ? 47  TYR A CE1 1 
ATOM   352 C  CE2 . TYR A 1 47  ? 5.778   -4.762  -8.962  1.00 18.95 ? 47  TYR A CE2 1 
ATOM   353 C  CZ  . TYR A 1 47  ? 4.424   -4.475  -9.001  1.00 14.90 ? 47  TYR A CZ  1 
ATOM   354 O  OH  . TYR A 1 47  ? 3.643   -5.009  -9.999  1.00 18.64 ? 47  TYR A OH  1 
ATOM   355 N  N   . ILE A 1 48  ? 5.875   0.274   -6.133  1.00 6.30  ? 48  ILE A N   1 
ATOM   356 C  CA  . ILE A 1 48  ? 4.846   1.249   -6.482  1.00 4.84  ? 48  ILE A CA  1 
ATOM   357 C  C   . ILE A 1 48  ? 5.456   2.317   -7.386  1.00 7.98  ? 48  ILE A C   1 
ATOM   358 O  O   . ILE A 1 48  ? 4.875   2.676   -8.410  1.00 7.07  ? 48  ILE A O   1 
ATOM   359 C  CB  . ILE A 1 48  ? 4.252   1.908   -5.208  1.00 8.92  ? 48  ILE A CB  1 
ATOM   360 C  CG1 . ILE A 1 48  ? 3.498   0.853   -4.378  1.00 7.28  ? 48  ILE A CG1 1 
ATOM   361 C  CG2 . ILE A 1 48  ? 3.323   3.038   -5.600  1.00 3.51  ? 48  ILE A CG2 1 
ATOM   362 C  CD1 . ILE A 1 48  ? 3.134   1.306   -2.980  1.00 9.21  ? 48  ILE A CD1 1 
ATOM   363 N  N   . HIS A 1 49  ? 6.643   2.800   -7.017  1.00 8.17  ? 49  HIS A N   1 
ATOM   364 C  CA  . HIS A 1 49  ? 7.323   3.831   -7.805  1.00 9.01  ? 49  HIS A CA  1 
ATOM   365 C  C   . HIS A 1 49  ? 7.707   3.366   -9.207  1.00 11.59 ? 49  HIS A C   1 
ATOM   366 O  O   . HIS A 1 49  ? 7.991   4.191   -10.074 1.00 11.57 ? 49  HIS A O   1 
ATOM   367 C  CB  . HIS A 1 49  ? 8.582   4.325   -7.089  1.00 10.28 ? 49  HIS A CB  1 
ATOM   368 C  CG  . HIS A 1 49  ? 8.309   5.132   -5.858  1.00 8.23  ? 49  HIS A CG  1 
ATOM   369 N  ND1 . HIS A 1 49  ? 9.292   5.846   -5.208  1.00 8.00  ? 49  HIS A ND1 1 
ATOM   370 C  CD2 . HIS A 1 49  ? 7.168   5.341   -5.157  1.00 6.15  ? 49  HIS A CD2 1 
ATOM   371 C  CE1 . HIS A 1 49  ? 8.770   6.462   -4.162  1.00 10.51 ? 49  HIS A CE1 1 
ATOM   372 N  NE2 . HIS A 1 49  ? 7.482   6.173   -4.110  1.00 8.75  ? 49  HIS A NE2 1 
ATOM   373 N  N   . SER A 1 50  ? 7.728   2.055   -9.432  1.00 7.62  ? 50  SER A N   1 
ATOM   374 C  CA  . SER A 1 50  ? 8.075   1.533   -10.746 1.00 3.16  ? 50  SER A CA  1 
ATOM   375 C  C   . SER A 1 50  ? 6.848   1.556   -11.645 1.00 8.86  ? 50  SER A C   1 
ATOM   376 O  O   . SER A 1 50  ? 6.918   1.233   -12.833 1.00 11.27 ? 50  SER A O   1 
ATOM   377 C  CB  . SER A 1 50  ? 8.624   0.099   -10.638 1.00 7.91  ? 50  SER A CB  1 
ATOM   378 O  OG  . SER A 1 50  ? 7.610   -0.856  -10.357 1.00 13.05 ? 50  SER A OG  1 
ATOM   379 N  N   . LYS A 1 51  ? 5.713   1.938   -11.074 1.00 5.25  ? 51  LYS A N   1 
ATOM   380 C  CA  . LYS A 1 51  ? 4.475   2.001   -11.838 1.00 6.40  ? 51  LYS A CA  1 
ATOM   381 C  C   . LYS A 1 51  ? 4.183   3.436   -12.263 1.00 6.62  ? 51  LYS A C   1 
ATOM   382 O  O   . LYS A 1 51  ? 5.016   4.329   -12.080 1.00 11.54 ? 51  LYS A O   1 
ATOM   383 C  CB  . LYS A 1 51  ? 3.324   1.438   -11.001 1.00 5.53  ? 51  LYS A CB  1 
ATOM   384 C  CG  . LYS A 1 51  ? 3.578   0.011   -10.557 1.00 9.67  ? 51  LYS A CG  1 
ATOM   385 C  CD  . LYS A 1 51  ? 3.886   -0.881  -11.759 1.00 20.02 ? 51  LYS A CD  1 
ATOM   386 C  CE  . LYS A 1 51  ? 4.392   -2.249  -11.325 1.00 27.15 ? 51  LYS A CE  1 
ATOM   387 N  NZ  . LYS A 1 51  ? 4.407   -3.245  -12.445 1.00 19.25 ? 51  LYS A NZ  1 
ATOM   388 N  N   . LYS A 1 52  ? 3.004   3.654   -12.834 1.00 6.97  ? 52  LYS A N   1 
ATOM   389 C  CA  . LYS A 1 52  ? 2.611   4.980   -13.301 1.00 8.18  ? 52  LYS A CA  1 
ATOM   390 C  C   . LYS A 1 52  ? 1.306   5.404   -12.664 1.00 8.02  ? 52  LYS A C   1 
ATOM   391 O  O   . LYS A 1 52  ? 0.479   4.561   -12.311 1.00 10.49 ? 52  LYS A O   1 
ATOM   392 C  CB  . LYS A 1 52  ? 2.418   4.974   -14.820 1.00 12.82 ? 52  LYS A CB  1 
ATOM   393 C  CG  . LYS A 1 52  ? 3.628   4.548   -15.626 1.00 22.91 ? 52  LYS A CG  1 
ATOM   394 C  CD  . LYS A 1 52  ? 3.184   3.821   -16.888 1.00 36.57 ? 52  LYS A CD  1 
ATOM   395 C  CE  . LYS A 1 52  ? 2.231   4.656   -17.729 1.00 42.05 ? 52  LYS A CE  1 
ATOM   396 N  NZ  . LYS A 1 52  ? 1.754   3.903   -18.928 1.00 48.59 ? 52  LYS A NZ  1 
ATOM   397 N  N   . VAL A 1 53  ? 1.134   6.715   -12.506 1.00 8.97  ? 53  VAL A N   1 
ATOM   398 C  CA  . VAL A 1 53  ? -0.099  7.258   -11.958 1.00 5.06  ? 53  VAL A CA  1 
ATOM   399 C  C   . VAL A 1 53  ? -1.185  6.727   -12.887 1.00 11.18 ? 53  VAL A C   1 
ATOM   400 O  O   . VAL A 1 53  ? -0.997  6.701   -14.100 1.00 8.36  ? 53  VAL A O   1 
ATOM   401 C  CB  . VAL A 1 53  ? -0.095  8.808   -12.002 1.00 6.90  ? 53  VAL A CB  1 
ATOM   402 C  CG1 . VAL A 1 53  ? -1.464  9.354   -11.600 1.00 7.84  ? 53  VAL A CG1 1 
ATOM   403 C  CG2 . VAL A 1 53  ? 0.982   9.348   -11.072 1.00 12.48 ? 53  VAL A CG2 1 
ATOM   404 N  N   . GLY A 1 54  ? -2.302  6.271   -12.330 1.00 8.27  ? 54  GLY A N   1 
ATOM   405 C  CA  . GLY A 1 54  ? -3.365  5.752   -13.172 1.00 8.34  ? 54  GLY A CA  1 
ATOM   406 C  C   . GLY A 1 54  ? -3.353  4.242   -13.291 1.00 13.90 ? 54  GLY A C   1 
ATOM   407 O  O   . GLY A 1 54  ? -4.348  3.639   -13.701 1.00 12.15 ? 54  GLY A O   1 
ATOM   408 N  N   . ASP A 1 55  ? -2.224  3.625   -12.955 1.00 11.17 ? 55  ASP A N   1 
ATOM   409 C  CA  . ASP A 1 55  ? -2.115  2.165   -13.007 1.00 9.02  ? 55  ASP A CA  1 
ATOM   410 C  C   . ASP A 1 55  ? -2.966  1.585   -11.894 1.00 9.06  ? 55  ASP A C   1 
ATOM   411 O  O   . ASP A 1 55  ? -3.349  2.284   -10.962 1.00 6.81  ? 55  ASP A O   1 
ATOM   412 C  CB  . ASP A 1 55  ? -0.668  1.707   -12.806 1.00 10.01 ? 55  ASP A CB  1 
ATOM   413 C  CG  . ASP A 1 55  ? 0.174   1.838   -14.059 1.00 11.51 ? 55  ASP A CG  1 
ATOM   414 O  OD1 . ASP A 1 55  ? -0.371  2.210   -15.124 1.00 12.55 ? 55  ASP A OD1 1 
ATOM   415 O  OD2 . ASP A 1 55  ? 1.390   1.565   -13.978 1.00 14.37 ? 55  ASP A OD2 1 
ATOM   416 N  N   . THR A 1 56  ? -3.246  0.294   -11.998 1.00 7.89  ? 56  THR A N   1 
ATOM   417 C  CA  . THR A 1 56  ? -4.051  -0.398  -11.012 1.00 5.27  ? 56  THR A CA  1 
ATOM   418 C  C   . THR A 1 56  ? -3.197  -1.453  -10.322 1.00 5.67  ? 56  THR A C   1 
ATOM   419 O  O   . THR A 1 56  ? -2.485  -2.209  -10.986 1.00 9.08  ? 56  THR A O   1 
ATOM   420 C  CB  . THR A 1 56  ? -5.247  -1.101  -11.684 1.00 11.12 ? 56  THR A CB  1 
ATOM   421 O  OG1 . THR A 1 56  ? -6.100  -0.120  -12.287 1.00 11.00 ? 56  THR A OG1 1 
ATOM   422 C  CG2 . THR A 1 56  ? -6.028  -1.908  -10.668 1.00 10.48 ? 56  THR A CG2 1 
ATOM   423 N  N   . VAL A 1 57  ? -3.237  -1.492  -8.994  1.00 8.19  ? 57  VAL A N   1 
ATOM   424 C  CA  . VAL A 1 57  ? -2.478  -2.504  -8.259  1.00 6.66  ? 57  VAL A CA  1 
ATOM   425 C  C   . VAL A 1 57  ? -3.442  -3.395  -7.490  1.00 3.93  ? 57  VAL A C   1 
ATOM   426 O  O   . VAL A 1 57  ? -4.449  -2.921  -6.964  1.00 4.79  ? 57  VAL A O   1 
ATOM   427 C  CB  . VAL A 1 57  ? -1.470  -1.878  -7.246  1.00 4.38  ? 57  VAL A CB  1 
ATOM   428 C  CG1 . VAL A 1 57  ? -0.364  -1.139  -7.990  1.00 7.07  ? 57  VAL A CG1 1 
ATOM   429 C  CG2 . VAL A 1 57  ? -2.183  -0.945  -6.290  1.00 5.95  ? 57  VAL A CG2 1 
ATOM   430 N  N   . LYS A 1 58  ? -3.142  -4.687  -7.436  1.00 5.82  ? 58  LYS A N   1 
ATOM   431 C  CA  . LYS A 1 58  ? -3.981  -5.631  -6.707  1.00 8.56  ? 58  LYS A CA  1 
ATOM   432 C  C   . LYS A 1 58  ? -3.427  -5.692  -5.300  1.00 7.67  ? 58  LYS A C   1 
ATOM   433 O  O   . LYS A 1 58  ? -2.244  -5.978  -5.112  1.00 7.50  ? 58  LYS A O   1 
ATOM   434 C  CB  . LYS A 1 58  ? -3.929  -7.028  -7.341  1.00 10.61 ? 58  LYS A CB  1 
ATOM   435 C  CG  . LYS A 1 58  ? -4.768  -8.065  -6.590  1.00 10.57 ? 58  LYS A CG  1 
ATOM   436 C  CD  . LYS A 1 58  ? -4.958  -9.354  -7.386  1.00 20.67 ? 58  LYS A CD  1 
ATOM   437 C  CE  . LYS A 1 58  ? -3.634  -10.051 -7.656  1.00 29.79 ? 58  LYS A CE  1 
ATOM   438 N  NZ  . LYS A 1 58  ? -3.811  -11.334 -8.410  1.00 17.85 ? 58  LYS A NZ  1 
ATOM   439 N  N   . ILE A 1 59  ? -4.275  -5.422  -4.313  1.00 6.27  ? 59  ILE A N   1 
ATOM   440 C  CA  . ILE A 1 59  ? -3.835  -5.418  -2.925  1.00 9.16  ? 59  ILE A CA  1 
ATOM   441 C  C   . ILE A 1 59  ? -4.501  -6.495  -2.078  1.00 8.94  ? 59  ILE A C   1 
ATOM   442 O  O   . ILE A 1 59  ? -5.729  -6.589  -2.043  1.00 9.57  ? 59  ILE A O   1 
ATOM   443 C  CB  . ILE A 1 59  ? -4.115  -4.035  -2.259  1.00 11.23 ? 59  ILE A CB  1 
ATOM   444 C  CG1 . ILE A 1 59  ? -3.369  -2.918  -2.996  1.00 9.22  ? 59  ILE A CG1 1 
ATOM   445 C  CG2 . ILE A 1 59  ? -3.673  -4.056  -0.803  1.00 14.22 ? 59  ILE A CG2 1 
ATOM   446 C  CD1 . ILE A 1 59  ? -1.859  -2.984  -2.870  1.00 14.43 ? 59  ILE A CD1 1 
ATOM   447 N  N   . ASN A 1 60  ? -3.690  -7.328  -1.423  1.00 8.64  ? 60  ASN A N   1 
ATOM   448 C  CA  . ASN A 1 60  ? -4.220  -8.350  -0.521  1.00 9.65  ? 60  ASN A CA  1 
ATOM   449 C  C   . ASN A 1 60  ? -3.932  -7.790  0.871   1.00 6.42  ? 60  ASN A C   1 
ATOM   450 O  O   . ASN A 1 60  ? -2.790  -7.447  1.186   1.00 8.62  ? 60  ASN A O   1 
ATOM   451 C  CB  . ASN A 1 60  ? -3.504  -9.706  -0.683  1.00 8.03  ? 60  ASN A CB  1 
ATOM   452 C  CG  . ASN A 1 60  ? -3.884  -10.433 -1.965  1.00 12.10 ? 60  ASN A CG  1 
ATOM   453 O  OD1 . ASN A 1 60  ? -3.288  -10.215 -3.014  1.00 13.58 ? 60  ASN A OD1 1 
ATOM   454 N  ND2 . ASN A 1 60  ? -4.889  -11.301 -1.880  1.00 16.98 ? 60  ASN A ND2 1 
ATOM   455 N  N   . TYR A 1 61  ? -4.964  -7.679  1.696   1.00 9.09  ? 61  TYR A N   1 
ATOM   456 C  CA  . TYR A 1 61  ? -4.797  -7.118  3.033   1.00 11.80 ? 61  TYR A CA  1 
ATOM   457 C  C   . TYR A 1 61  ? -5.781  -7.731  4.011   1.00 10.82 ? 61  TYR A C   1 
ATOM   458 O  O   . TYR A 1 61  ? -6.783  -8.315  3.612   1.00 13.74 ? 61  TYR A O   1 
ATOM   459 C  CB  . TYR A 1 61  ? -5.029  -5.601  2.995   1.00 10.47 ? 61  TYR A CB  1 
ATOM   460 C  CG  . TYR A 1 61  ? -6.440  -5.209  2.591   1.00 10.23 ? 61  TYR A CG  1 
ATOM   461 C  CD1 . TYR A 1 61  ? -6.840  -5.235  1.256   1.00 11.95 ? 61  TYR A CD1 1 
ATOM   462 C  CD2 . TYR A 1 61  ? -7.384  -4.854  3.551   1.00 11.30 ? 61  TYR A CD2 1 
ATOM   463 C  CE1 . TYR A 1 61  ? -8.151  -4.916  0.889   1.00 10.32 ? 61  TYR A CE1 1 
ATOM   464 C  CE2 . TYR A 1 61  ? -8.692  -4.538  3.194   1.00 12.08 ? 61  TYR A CE2 1 
ATOM   465 C  CZ  . TYR A 1 61  ? -9.066  -4.571  1.866   1.00 13.53 ? 61  TYR A CZ  1 
ATOM   466 O  OH  . TYR A 1 61  ? -10.360 -4.262  1.510   1.00 18.23 ? 61  TYR A OH  1 
ATOM   467 N  N   . LYS A 1 62  ? -5.493  -7.591  5.299   1.00 12.30 ? 62  LYS A N   1 
ATOM   468 C  CA  . LYS A 1 62  ? -6.376  -8.112  6.325   1.00 16.22 ? 62  LYS A CA  1 
ATOM   469 C  C   . LYS A 1 62  ? -7.040  -6.929  7.005   1.00 15.82 ? 62  LYS A C   1 
ATOM   470 O  O   . LYS A 1 62  ? -6.367  -5.980  7.407   1.00 16.77 ? 62  LYS A O   1 
ATOM   471 C  CB  . LYS A 1 62  ? -5.584  -8.935  7.348   1.00 24.45 ? 62  LYS A CB  1 
ATOM   472 C  CG  . LYS A 1 62  ? -4.430  -8.179  7.965   1.00 30.95 ? 62  LYS A CG  1 
ATOM   473 C  CD  . LYS A 1 62  ? -3.613  -9.042  8.913   1.00 46.01 ? 62  LYS A CD  1 
ATOM   474 C  CE  . LYS A 1 62  ? -4.389  -9.404  10.164  1.00 51.02 ? 62  LYS A CE  1 
ATOM   475 N  NZ  . LYS A 1 62  ? -3.507  -10.089 11.162  1.00 51.96 ? 62  LYS A NZ  1 
ATOM   476 N  N   . HIS A 1 63  ? -8.366  -6.978  7.097   1.00 16.54 ? 63  HIS A N   1 
ATOM   477 C  CA  . HIS A 1 63  ? -9.142  -5.923  7.740   1.00 20.15 ? 63  HIS A CA  1 
ATOM   478 C  C   . HIS A 1 63  ? -9.844  -6.544  8.939   1.00 26.45 ? 63  HIS A C   1 
ATOM   479 O  O   . HIS A 1 63  ? -10.765 -7.345  8.781   1.00 25.30 ? 63  HIS A O   1 
ATOM   480 C  CB  . HIS A 1 63  ? -10.182 -5.343  6.774   1.00 24.08 ? 63  HIS A CB  1 
ATOM   481 C  CG  . HIS A 1 63  ? -10.980 -4.215  7.356   1.00 20.04 ? 63  HIS A CG  1 
ATOM   482 N  ND1 . HIS A 1 63  ? -10.391 -3.107  7.922   1.00 22.57 ? 63  HIS A ND1 1 
ATOM   483 C  CD2 . HIS A 1 63  ? -12.316 -4.030  7.464   1.00 22.07 ? 63  HIS A CD2 1 
ATOM   484 C  CE1 . HIS A 1 63  ? -11.331 -2.286  8.359   1.00 19.53 ? 63  HIS A CE1 1 
ATOM   485 N  NE2 . HIS A 1 63  ? -12.506 -2.822  8.093   1.00 28.47 ? 63  HIS A NE2 1 
ATOM   486 N  N   . GLY A 1 64  ? -9.393  -6.182  10.135  1.00 28.51 ? 64  GLY A N   1 
ATOM   487 C  CA  . GLY A 1 64  ? -9.989  -6.725  11.343  1.00 35.90 ? 64  GLY A CA  1 
ATOM   488 C  C   . GLY A 1 64  ? -9.611  -8.181  11.539  1.00 40.11 ? 64  GLY A C   1 
ATOM   489 O  O   . GLY A 1 64  ? -8.583  -8.490  12.142  1.00 48.62 ? 64  GLY A O   1 
ATOM   490 N  N   . ASP A 1 65  ? -10.445 -9.079  11.027  1.00 39.08 ? 65  ASP A N   1 
ATOM   491 C  CA  . ASP A 1 65  ? -10.192 -10.507 11.143  1.00 42.93 ? 65  ASP A CA  1 
ATOM   492 C  C   . ASP A 1 65  ? -10.569 -11.245 9.861   1.00 42.34 ? 65  ASP A C   1 
ATOM   493 O  O   . ASP A 1 65  ? -11.081 -12.366 9.897   1.00 44.92 ? 65  ASP A O   1 
ATOM   494 C  CB  . ASP A 1 65  ? -10.962 -11.088 12.336  1.00 50.62 ? 65  ASP A CB  1 
ATOM   495 C  CG  . ASP A 1 65  ? -12.440 -10.752 12.301  1.00 58.78 ? 65  ASP A CG  1 
ATOM   496 O  OD1 . ASP A 1 65  ? -13.124 -11.149 11.331  1.00 59.60 ? 65  ASP A OD1 1 
ATOM   497 O  OD2 . ASP A 1 65  ? -12.920 -10.088 13.246  1.00 67.85 ? 65  ASP A OD2 1 
ATOM   498 N  N   . LYS A 1 66  ? -10.313 -10.602 8.726   1.00 34.06 ? 66  LYS A N   1 
ATOM   499 C  CA  . LYS A 1 66  ? -10.604 -11.192 7.426   1.00 31.98 ? 66  LYS A CA  1 
ATOM   500 C  C   . LYS A 1 66  ? -9.611  -10.743 6.360   1.00 23.88 ? 66  LYS A C   1 
ATOM   501 O  O   . LYS A 1 66  ? -9.257  -9.567  6.277   1.00 21.26 ? 66  LYS A O   1 
ATOM   502 C  CB  . LYS A 1 66  ? -12.033 -10.853 6.990   1.00 35.14 ? 66  LYS A CB  1 
ATOM   503 C  CG  . LYS A 1 66  ? -13.091 -11.748 7.625   1.00 40.15 ? 66  LYS A CG  1 
ATOM   504 C  CD  . LYS A 1 66  ? -14.481 -11.472 7.073   1.00 34.38 ? 66  LYS A CD  1 
ATOM   505 C  CE  . LYS A 1 66  ? -15.010 -10.135 7.561   1.00 43.20 ? 66  LYS A CE  1 
ATOM   506 N  NZ  . LYS A 1 66  ? -15.105 -10.100 9.049   1.00 42.92 ? 66  LYS A NZ  1 
ATOM   507 N  N   . ASN A 1 67  ? -9.159  -11.699 5.555   1.00 19.66 ? 67  ASN A N   1 
ATOM   508 C  CA  . ASN A 1 67  ? -8.209  -11.434 4.482   1.00 18.90 ? 67  ASN A CA  1 
ATOM   509 C  C   . ASN A 1 67  ? -8.969  -11.019 3.235   1.00 22.76 ? 67  ASN A C   1 
ATOM   510 O  O   . ASN A 1 67  ? -9.648  -11.831 2.605   1.00 22.21 ? 67  ASN A O   1 
ATOM   511 C  CB  . ASN A 1 67  ? -7.376  -12.686 4.201   1.00 19.11 ? 67  ASN A CB  1 
ATOM   512 C  CG  . ASN A 1 67  ? -6.409  -13.001 5.324   1.00 21.83 ? 67  ASN A CG  1 
ATOM   513 O  OD1 . ASN A 1 67  ? -5.854  -14.098 5.392   1.00 31.05 ? 67  ASN A OD1 1 
ATOM   514 N  ND2 . ASN A 1 67  ? -6.193  -12.033 6.206   1.00 20.50 ? 67  ASN A ND2 1 
ATOM   515 N  N   . GLU A 1 68  ? -8.843  -9.746  2.879   1.00 17.90 ? 68  GLU A N   1 
ATOM   516 C  CA  . GLU A 1 68  ? -9.543  -9.205  1.726   1.00 14.72 ? 68  GLU A CA  1 
ATOM   517 C  C   . GLU A 1 68  ? -8.613  -8.990  0.534   1.00 10.06 ? 68  GLU A C   1 
ATOM   518 O  O   . GLU A 1 68  ? -7.393  -9.146  0.628   1.00 13.36 ? 68  GLU A O   1 
ATOM   519 C  CB  . GLU A 1 68  ? -10.204 -7.875  2.112   1.00 13.57 ? 68  GLU A CB  1 
ATOM   520 C  CG  . GLU A 1 68  ? -11.097 -7.927  3.359   1.00 20.58 ? 68  GLU A CG  1 
ATOM   521 C  CD  . GLU A 1 68  ? -12.342 -8.779  3.176   1.00 35.47 ? 68  GLU A CD  1 
ATOM   522 O  OE1 . GLU A 1 68  ? -12.208 -9.988  2.891   1.00 51.25 ? 68  GLU A OE1 1 
ATOM   523 O  OE2 . GLU A 1 68  ? -13.462 -8.245  3.321   1.00 36.84 ? 68  GLU A OE2 1 
ATOM   524 N  N   . GLN A 1 69  ? -9.209  -8.629  -0.594  1.00 14.24 ? 69  GLN A N   1 
ATOM   525 C  CA  . GLN A 1 69  ? -8.454  -8.375  -1.809  1.00 5.94  ? 69  GLN A CA  1 
ATOM   526 C  C   . GLN A 1 69  ? -9.214  -7.363  -2.634  1.00 8.62  ? 69  GLN A C   1 
ATOM   527 O  O   . GLN A 1 69  ? -10.434 -7.445  -2.764  1.00 13.82 ? 69  GLN A O   1 
ATOM   528 C  CB  . GLN A 1 69  ? -8.288  -9.658  -2.615  1.00 14.89 ? 69  GLN A CB  1 
ATOM   529 C  CG  . GLN A 1 69  ? -7.369  -9.500  -3.810  1.00 23.55 ? 69  GLN A CG  1 
ATOM   530 C  CD  . GLN A 1 69  ? -7.329  -10.740 -4.672  1.00 30.90 ? 69  GLN A CD  1 
ATOM   531 O  OE1 . GLN A 1 69  ? -8.299  -11.059 -5.361  1.00 36.68 ? 69  GLN A OE1 1 
ATOM   532 N  NE2 . GLN A 1 69  ? -6.213  -11.458 -4.631  1.00 16.90 ? 69  GLN A NE2 1 
ATOM   533 N  N   . ALA A 1 70  ? -8.499  -6.404  -3.198  1.00 9.91  ? 70  ALA A N   1 
ATOM   534 C  CA  . ALA A 1 70  ? -9.157  -5.396  -4.009  1.00 12.77 ? 70  ALA A CA  1 
ATOM   535 C  C   . ALA A 1 70  ? -8.144  -4.651  -4.849  1.00 9.49  ? 70  ALA A C   1 
ATOM   536 O  O   . ALA A 1 70  ? -6.948  -4.651  -4.555  1.00 12.20 ? 70  ALA A O   1 
ATOM   537 C  CB  . ALA A 1 70  ? -9.913  -4.426  -3.111  1.00 17.70 ? 70  ALA A CB  1 
ATOM   538 N  N   . ASP A 1 71  ? -8.635  -4.021  -5.907  1.00 8.73  ? 71  ASP A N   1 
ATOM   539 C  CA  . ASP A 1 71  ? -7.787  -3.247  -6.792  1.00 10.03 ? 71  ASP A CA  1 
ATOM   540 C  C   . ASP A 1 71  ? -7.842  -1.794  -6.366  1.00 10.45 ? 71  ASP A C   1 
ATOM   541 O  O   . ASP A 1 71  ? -8.891  -1.297  -5.941  1.00 10.63 ? 71  ASP A O   1 
ATOM   542 C  CB  . ASP A 1 71  ? -8.266  -3.352  -8.241  1.00 6.90  ? 71  ASP A CB  1 
ATOM   543 C  CG  . ASP A 1 71  ? -7.977  -4.693  -8.857  1.00 16.14 ? 71  ASP A CG  1 
ATOM   544 O  OD1 . ASP A 1 71  ? -6.860  -5.217  -8.653  1.00 13.70 ? 71  ASP A OD1 1 
ATOM   545 O  OD2 . ASP A 1 71  ? -8.866  -5.220  -9.566  1.00 20.88 ? 71  ASP A OD2 1 
ATOM   546 N  N   . ILE A 1 72  ? -6.709  -1.112  -6.479  1.00 5.44  ? 72  ILE A N   1 
ATOM   547 C  CA  . ILE A 1 72  ? -6.647  0.294   -6.117  1.00 10.36 ? 72  ILE A CA  1 
ATOM   548 C  C   . ILE A 1 72  ? -5.907  1.021   -7.223  1.00 8.24  ? 72  ILE A C   1 
ATOM   549 O  O   . ILE A 1 72  ? -4.863  0.570   -7.677  1.00 6.42  ? 72  ILE A O   1 
ATOM   550 C  CB  . ILE A 1 72  ? -5.919  0.489   -4.772  1.00 11.44 ? 72  ILE A CB  1 
ATOM   551 C  CG1 . ILE A 1 72  ? -6.647  -0.306  -3.684  1.00 10.31 ? 72  ILE A CG1 1 
ATOM   552 C  CG2 . ILE A 1 72  ? -5.898  1.967   -4.395  1.00 10.99 ? 72  ILE A CG2 1 
ATOM   553 C  CD1 . ILE A 1 72  ? -6.026  -0.157  -2.298  1.00 15.96 ? 72  ILE A CD1 1 
ATOM   554 N  N   . LYS A 1 73  ? -6.476  2.128   -7.684  1.00 6.93  ? 73  LYS A N   1 
ATOM   555 C  CA  . LYS A 1 73  ? -5.846  2.909   -8.735  1.00 6.86  ? 73  LYS A CA  1 
ATOM   556 C  C   . LYS A 1 73  ? -4.824  3.826   -8.084  1.00 7.03  ? 73  LYS A C   1 
ATOM   557 O  O   . LYS A 1 73  ? -5.092  4.433   -7.041  1.00 7.67  ? 73  LYS A O   1 
ATOM   558 C  CB  . LYS A 1 73  ? -6.896  3.724   -9.498  1.00 10.35 ? 73  LYS A CB  1 
ATOM   559 C  CG  . LYS A 1 73  ? -6.346  4.565   -10.646 1.00 14.20 ? 73  LYS A CG  1 
ATOM   560 C  CD  . LYS A 1 73  ? -7.424  4.854   -11.686 1.00 21.58 ? 73  LYS A CD  1 
ATOM   561 C  CE  . LYS A 1 73  ? -7.844  3.573   -12.402 1.00 15.24 ? 73  LYS A CE  1 
ATOM   562 N  NZ  . LYS A 1 73  ? -8.807  3.818   -13.516 1.00 31.57 ? 73  LYS A NZ  1 
ATOM   563 N  N   . LEU A 1 74  ? -3.648  3.915   -8.693  1.00 7.39  ? 74  LEU A N   1 
ATOM   564 C  CA  . LEU A 1 74  ? -2.583  4.760   -8.162  1.00 5.34  ? 74  LEU A CA  1 
ATOM   565 C  C   . LEU A 1 74  ? -2.853  6.205   -8.532  1.00 7.29  ? 74  LEU A C   1 
ATOM   566 O  O   . LEU A 1 74  ? -3.368  6.495   -9.610  1.00 8.71  ? 74  LEU A O   1 
ATOM   567 C  CB  . LEU A 1 74  ? -1.235  4.330   -8.734  1.00 4.94  ? 74  LEU A CB  1 
ATOM   568 C  CG  . LEU A 1 74  ? -0.775  2.917   -8.356  1.00 6.36  ? 74  LEU A CG  1 
ATOM   569 C  CD1 . LEU A 1 74  ? 0.610   2.682   -8.915  1.00 9.69  ? 74  LEU A CD1 1 
ATOM   570 C  CD2 . LEU A 1 74  ? -0.761  2.779   -6.835  1.00 4.79  ? 74  LEU A CD2 1 
ATOM   571 N  N   . THR A 1 75  ? -2.510  7.109   -7.624  1.00 7.40  ? 75  THR A N   1 
ATOM   572 C  CA  . THR A 1 75  ? -2.706  8.532   -7.854  1.00 5.74  ? 75  THR A CA  1 
ATOM   573 C  C   . THR A 1 75  ? -1.348  9.194   -7.658  1.00 6.37  ? 75  THR A C   1 
ATOM   574 O  O   . THR A 1 75  ? -0.366  8.511   -7.384  1.00 10.79 ? 75  THR A O   1 
ATOM   575 C  CB  . THR A 1 75  ? -3.746  9.112   -6.859  1.00 7.66  ? 75  THR A CB  1 
ATOM   576 O  OG1 . THR A 1 75  ? -4.055  10.466  -7.220  1.00 10.20 ? 75  THR A OG1 1 
ATOM   577 C  CG2 . THR A 1 75  ? -3.213  9.060   -5.436  1.00 12.21 ? 75  THR A CG2 1 
ATOM   578 N  N   . ALA A 1 76  ? -1.271  10.507  -7.829  1.00 5.08  ? 76  ALA A N   1 
ATOM   579 C  CA  . ALA A 1 76  ? -0.004  11.202  -7.640  1.00 8.93  ? 76  ALA A CA  1 
ATOM   580 C  C   . ALA A 1 76  ? 0.111   11.532  -6.154  1.00 7.90  ? 76  ALA A C   1 
ATOM   581 O  O   . ALA A 1 76  ? -0.828  12.087  -5.579  1.00 10.90 ? 76  ALA A O   1 
ATOM   582 C  CB  . ALA A 1 76  ? 0.011   12.489  -8.470  1.00 8.32  ? 76  ALA A CB  1 
ATOM   583 N  N   . ILE A 1 77  ? 1.232   11.194  -5.518  1.00 8.78  ? 77  ILE A N   1 
ATOM   584 C  CA  . ILE A 1 77  ? 1.365   11.505  -4.094  1.00 6.98  ? 77  ILE A CA  1 
ATOM   585 C  C   . ILE A 1 77  ? 2.262   12.696  -3.788  1.00 13.51 ? 77  ILE A C   1 
ATOM   586 O  O   . ILE A 1 77  ? 2.452   13.048  -2.623  1.00 13.95 ? 77  ILE A O   1 
ATOM   587 C  CB  . ILE A 1 77  ? 1.822   10.272  -3.242  1.00 9.12  ? 77  ILE A CB  1 
ATOM   588 C  CG1 . ILE A 1 77  ? 3.047   9.600   -3.861  1.00 12.60 ? 77  ILE A CG1 1 
ATOM   589 C  CG2 . ILE A 1 77  ? 0.671   9.294   -3.078  1.00 14.59 ? 77  ILE A CG2 1 
ATOM   590 C  CD1 . ILE A 1 77  ? 4.339   10.367  -3.631  1.00 16.82 ? 77  ILE A CD1 1 
ATOM   591 N  N   . ASP A 1 78  ? 2.816   13.323  -4.820  1.00 11.09 ? 78  ASP A N   1 
ATOM   592 C  CA  . ASP A 1 78  ? 3.640   14.511  -4.611  1.00 10.25 ? 78  ASP A CA  1 
ATOM   593 C  C   . ASP A 1 78  ? 3.642   15.394  -5.856  1.00 12.54 ? 78  ASP A C   1 
ATOM   594 O  O   . ASP A 1 78  ? 3.227   14.961  -6.932  1.00 13.36 ? 78  ASP A O   1 
ATOM   595 C  CB  . ASP A 1 78  ? 5.069   14.131  -4.181  1.00 11.96 ? 78  ASP A CB  1 
ATOM   596 C  CG  . ASP A 1 78  ? 5.849   13.419  -5.262  1.00 12.17 ? 78  ASP A CG  1 
ATOM   597 O  OD1 . ASP A 1 78  ? 6.876   12.783  -4.927  1.00 20.26 ? 78  ASP A OD1 1 
ATOM   598 O  OD2 . ASP A 1 78  ? 5.455   13.501  -6.437  1.00 12.01 ? 78  ASP A OD2 1 
ATOM   599 N  N   . LYS A 1 79  ? 4.085   16.637  -5.703  1.00 14.81 ? 79  LYS A N   1 
ATOM   600 C  CA  . LYS A 1 79  ? 4.094   17.580  -6.815  1.00 14.58 ? 79  LYS A CA  1 
ATOM   601 C  C   . LYS A 1 79  ? 4.980   17.158  -7.985  1.00 17.00 ? 79  LYS A C   1 
ATOM   602 O  O   . LYS A 1 79  ? 4.875   17.717  -9.078  1.00 8.46  ? 79  LYS A O   1 
ATOM   603 C  CB  . LYS A 1 79  ? 4.495   18.976  -6.319  1.00 13.48 ? 79  LYS A CB  1 
ATOM   604 C  CG  . LYS A 1 79  ? 5.856   19.051  -5.659  1.00 27.02 ? 79  LYS A CG  1 
ATOM   605 C  CD  . LYS A 1 79  ? 6.155   20.466  -5.193  1.00 30.87 ? 79  LYS A CD  1 
ATOM   606 C  CE  . LYS A 1 79  ? 7.553   20.557  -4.619  1.00 37.26 ? 79  LYS A CE  1 
ATOM   607 N  NZ  . LYS A 1 79  ? 8.577   20.161  -5.631  1.00 50.54 ? 79  LYS A NZ  1 
ATOM   608 N  N   . LYS A 1 80  ? 5.835   16.162  -7.763  1.00 13.94 ? 80  LYS A N   1 
ATOM   609 C  CA  . LYS A 1 80  ? 6.719   15.672  -8.815  1.00 13.45 ? 80  LYS A CA  1 
ATOM   610 C  C   . LYS A 1 80  ? 6.078   14.553  -9.629  1.00 12.79 ? 80  LYS A C   1 
ATOM   611 O  O   . LYS A 1 80  ? 6.668   14.063  -10.589 1.00 12.84 ? 80  LYS A O   1 
ATOM   612 C  CB  . LYS A 1 80  ? 8.048   15.190  -8.220  1.00 12.62 ? 80  LYS A CB  1 
ATOM   613 C  CG  . LYS A 1 80  ? 8.939   16.321  -7.729  1.00 20.95 ? 80  LYS A CG  1 
ATOM   614 C  CD  . LYS A 1 80  ? 9.192   17.333  -8.841  1.00 24.05 ? 80  LYS A CD  1 
ATOM   615 C  CE  . LYS A 1 80  ? 9.985   18.528  -8.339  1.00 34.22 ? 80  LYS A CE  1 
ATOM   616 N  NZ  . LYS A 1 80  ? 10.145  19.564  -9.399  1.00 31.69 ? 80  LYS A NZ  1 
ATOM   617 N  N   . GLY A 1 81  ? 4.873   14.143  -9.240  1.00 14.16 ? 81  GLY A N   1 
ATOM   618 C  CA  . GLY A 1 81  ? 4.177   13.101  -9.978  1.00 7.84  ? 81  GLY A CA  1 
ATOM   619 C  C   . GLY A 1 81  ? 4.469   11.670  -9.559  1.00 6.52  ? 81  GLY A C   1 
ATOM   620 O  O   . GLY A 1 81  ? 4.139   10.730  -10.287 1.00 9.71  ? 81  GLY A O   1 
ATOM   621 N  N   . THR A 1 82  ? 5.078   11.496  -8.392  1.00 6.77  ? 82  THR A N   1 
ATOM   622 C  CA  . THR A 1 82  ? 5.401   10.157  -7.898  1.00 7.50  ? 82  THR A CA  1 
ATOM   623 C  C   . THR A 1 82  ? 4.110   9.377   -7.676  1.00 5.82  ? 82  THR A C   1 
ATOM   624 O  O   . THR A 1 82  ? 3.197   9.867   -7.031  1.00 5.66  ? 82  THR A O   1 
ATOM   625 C  CB  . THR A 1 82  ? 6.167   10.238  -6.572  1.00 11.07 ? 82  THR A CB  1 
ATOM   626 O  OG1 . THR A 1 82  ? 7.360   11.017  -6.752  1.00 11.43 ? 82  THR A OG1 1 
ATOM   627 C  CG2 . THR A 1 82  ? 6.540   8.846   -6.095  1.00 10.05 ? 82  THR A CG2 1 
ATOM   628 N  N   . PRO A 1 83  ? 4.018   8.149   -8.213  1.00 7.02  ? 83  PRO A N   1 
ATOM   629 C  CA  . PRO A 1 83  ? 2.818   7.314   -8.065  1.00 5.70  ? 83  PRO A CA  1 
ATOM   630 C  C   . PRO A 1 83  ? 2.702   6.815   -6.630  1.00 5.53  ? 83  PRO A C   1 
ATOM   631 O  O   . PRO A 1 83  ? 3.717   6.566   -5.984  1.00 8.38  ? 83  PRO A O   1 
ATOM   632 C  CB  . PRO A 1 83  ? 3.071   6.155   -9.041  1.00 11.09 ? 83  PRO A CB  1 
ATOM   633 C  CG  . PRO A 1 83  ? 4.181   6.650   -9.945  1.00 17.41 ? 83  PRO A CG  1 
ATOM   634 C  CD  . PRO A 1 83  ? 5.037   7.454   -9.011  1.00 7.32  ? 83  PRO A CD  1 
ATOM   635 N  N   . GLY A 1 84  ? 1.473   6.673   -6.140  1.00 3.97  ? 84  GLY A N   1 
ATOM   636 C  CA  . GLY A 1 84  ? 1.266   6.193   -4.789  1.00 4.50  ? 84  GLY A CA  1 
ATOM   637 C  C   . GLY A 1 84  ? -0.159  5.724   -4.549  1.00 6.73  ? 84  GLY A C   1 
ATOM   638 O  O   . GLY A 1 84  ? -1.068  6.051   -5.310  1.00 7.95  ? 84  GLY A O   1 
ATOM   639 N  N   . ILE A 1 85  ? -0.350  4.938   -3.495  1.00 3.82  ? 85  ILE A N   1 
ATOM   640 C  CA  . ILE A 1 85  ? -1.669  4.446   -3.139  1.00 3.86  ? 85  ILE A CA  1 
ATOM   641 C  C   . ILE A 1 85  ? -2.398  5.550   -2.375  1.00 5.66  ? 85  ILE A C   1 
ATOM   642 O  O   . ILE A 1 85  ? -3.625  5.667   -2.439  1.00 9.27  ? 85  ILE A O   1 
ATOM   643 C  CB  . ILE A 1 85  ? -1.558  3.194   -2.241  1.00 7.92  ? 85  ILE A CB  1 
ATOM   644 C  CG1 . ILE A 1 85  ? -0.856  2.080   -3.004  1.00 5.35  ? 85  ILE A CG1 1 
ATOM   645 C  CG2 . ILE A 1 85  ? -2.953  2.739   -1.784  1.00 9.27  ? 85  ILE A CG2 1 
ATOM   646 C  CD1 . ILE A 1 85  ? -0.540  0.858   -2.150  1.00 4.65  ? 85  ILE A CD1 1 
ATOM   647 N  N   . GLY A 1 86  ? -1.622  6.358   -1.658  1.00 6.17  ? 86  GLY A N   1 
ATOM   648 C  CA  . GLY A 1 86  ? -2.178  7.459   -0.889  1.00 8.98  ? 86  GLY A CA  1 
ATOM   649 C  C   . GLY A 1 86  ? -2.295  7.117   0.580   1.00 9.10  ? 86  GLY A C   1 
ATOM   650 O  O   . GLY A 1 86  ? -3.297  7.441   1.213   1.00 13.03 ? 86  GLY A O   1 
ATOM   651 N  N   . ILE A 1 87  ? -1.260  6.480   1.126   1.00 11.18 ? 87  ILE A N   1 
ATOM   652 C  CA  . ILE A 1 87  ? -1.248  6.066   2.524   1.00 10.35 ? 87  ILE A CA  1 
ATOM   653 C  C   . ILE A 1 87  ? 0.106   6.285   3.197   1.00 10.60 ? 87  ILE A C   1 
ATOM   654 O  O   . ILE A 1 87  ? 1.131   6.436   2.525   1.00 12.48 ? 87  ILE A O   1 
ATOM   655 C  CB  . ILE A 1 87  ? -1.563  4.559   2.640   1.00 10.97 ? 87  ILE A CB  1 
ATOM   656 C  CG1 . ILE A 1 87  ? -0.546  3.760   1.813   1.00 12.99 ? 87  ILE A CG1 1 
ATOM   657 C  CG2 . ILE A 1 87  ? -2.976  4.271   2.158   1.00 8.28  ? 87  ILE A CG2 1 
ATOM   658 C  CD1 . ILE A 1 87  ? -0.777  2.249   1.802   1.00 10.27 ? 87  ILE A CD1 1 
ATOM   659 N  N   . THR A 1 88  ? 0.111   6.319   4.527   1.00 10.32 ? 88  THR A N   1 
ATOM   660 C  CA  . THR A 1 88  ? 1.362   6.424   5.266   1.00 7.54  ? 88  THR A CA  1 
ATOM   661 C  C   . THR A 1 88  ? 1.480   5.064   5.946   1.00 7.63  ? 88  THR A C   1 
ATOM   662 O  O   . THR A 1 88  ? 0.467   4.408   6.219   1.00 11.66 ? 88  THR A O   1 
ATOM   663 C  CB  . THR A 1 88  ? 1.355   7.553   6.335   1.00 9.96  ? 88  THR A CB  1 
ATOM   664 O  OG1 . THR A 1 88  ? 0.267   7.359   7.247   1.00 14.88 ? 88  THR A OG1 1 
ATOM   665 C  CG2 . THR A 1 88  ? 1.222   8.918   5.671   1.00 8.84  ? 88  THR A CG2 1 
ATOM   666 N  N   . LEU A 1 89  ? 2.710   4.638   6.202   1.00 7.99  ? 89  LEU A N   1 
ATOM   667 C  CA  . LEU A 1 89  ? 2.974   3.338   6.812   1.00 7.31  ? 89  LEU A CA  1 
ATOM   668 C  C   . LEU A 1 89  ? 3.628   3.485   8.178   1.00 10.02 ? 89  LEU A C   1 
ATOM   669 O  O   . LEU A 1 89  ? 4.312   4.472   8.445   1.00 16.62 ? 89  LEU A O   1 
ATOM   670 C  CB  . LEU A 1 89  ? 3.909   2.532   5.907   1.00 8.36  ? 89  LEU A CB  1 
ATOM   671 C  CG  . LEU A 1 89  ? 3.611   2.582   4.401   1.00 11.41 ? 89  LEU A CG  1 
ATOM   672 C  CD1 . LEU A 1 89  ? 4.733   1.908   3.618   1.00 18.55 ? 89  LEU A CD1 1 
ATOM   673 C  CD2 . LEU A 1 89  ? 2.282   1.921   4.126   1.00 19.42 ? 89  LEU A CD2 1 
ATOM   674 N  N   . VAL A 1 90  ? 3.435   2.490   9.037   1.00 14.73 ? 90  VAL A N   1 
ATOM   675 C  CA  . VAL A 1 90  ? 4.025   2.533   10.372  1.00 10.83 ? 90  VAL A CA  1 
ATOM   676 C  C   . VAL A 1 90  ? 5.552   2.621   10.308  1.00 18.17 ? 90  VAL A C   1 
ATOM   677 O  O   . VAL A 1 90  ? 6.188   3.184   11.201  1.00 15.59 ? 90  VAL A O   1 
ATOM   678 C  CB  . VAL A 1 90  ? 3.607   1.298   11.198  1.00 10.72 ? 90  VAL A CB  1 
ATOM   679 C  CG1 . VAL A 1 90  ? 4.389   1.250   12.503  1.00 14.20 ? 90  VAL A CG1 1 
ATOM   680 C  CG2 . VAL A 1 90  ? 2.113   1.362   11.488  1.00 13.79 ? 90  VAL A CG2 1 
ATOM   681 N  N   . ASP A 1 91  ? 6.135   2.080   9.241   1.00 16.50 ? 91  ASP A N   1 
ATOM   682 C  CA  . ASP A 1 91  ? 7.586   2.105   9.076   1.00 21.07 ? 91  ASP A CA  1 
ATOM   683 C  C   . ASP A 1 91  ? 8.089   3.536   8.898   1.00 21.37 ? 91  ASP A C   1 
ATOM   684 O  O   . ASP A 1 91  ? 9.261   3.826   9.149   1.00 23.95 ? 91  ASP A O   1 
ATOM   685 C  CB  . ASP A 1 91  ? 8.000   1.265   7.863   1.00 33.09 ? 91  ASP A CB  1 
ATOM   686 C  CG  . ASP A 1 91  ? 9.462   0.843   7.915   1.00 45.64 ? 91  ASP A CG  1 
ATOM   687 O  OD1 . ASP A 1 91  ? 9.808   -0.017  8.757   1.00 46.31 ? 91  ASP A OD1 1 
ATOM   688 O  OD2 . ASP A 1 91  ? 10.269  1.371   7.117   1.00 46.23 ? 91  ASP A OD2 1 
ATOM   689 N  N   . ASP A 1 92  ? 7.207   4.432   8.461   1.00 14.08 ? 92  ASP A N   1 
ATOM   690 C  CA  . ASP A 1 92  ? 7.597   5.823   8.266   1.00 22.08 ? 92  ASP A CA  1 
ATOM   691 C  C   . ASP A 1 92  ? 8.046   6.446   9.587   1.00 24.18 ? 92  ASP A C   1 
ATOM   692 O  O   . ASP A 1 92  ? 8.810   7.413   9.601   1.00 27.12 ? 92  ASP A O   1 
ATOM   693 C  CB  . ASP A 1 92  ? 6.443   6.642   7.667   1.00 19.52 ? 92  ASP A CB  1 
ATOM   694 C  CG  . ASP A 1 92  ? 6.114   6.236   6.238   1.00 34.00 ? 92  ASP A CG  1 
ATOM   695 O  OD1 . ASP A 1 92  ? 7.054   5.956   5.460   1.00 28.56 ? 92  ASP A OD1 1 
ATOM   696 O  OD2 . ASP A 1 92  ? 4.915   6.216   5.881   1.00 31.16 ? 92  ASP A OD2 1 
ATOM   697 N  N   . LEU A 1 93  ? 7.569   5.899   10.700  1.00 15.92 ? 93  LEU A N   1 
ATOM   698 C  CA  . LEU A 1 93  ? 7.953   6.418   12.007  1.00 26.63 ? 93  LEU A CA  1 
ATOM   699 C  C   . LEU A 1 93  ? 9.424   6.117   12.285  1.00 25.32 ? 93  LEU A C   1 
ATOM   700 O  O   . LEU A 1 93  ? 10.068  6.820   13.067  1.00 34.15 ? 93  LEU A O   1 
ATOM   701 C  CB  . LEU A 1 93  ? 7.085   5.801   13.105  1.00 18.18 ? 93  LEU A CB  1 
ATOM   702 C  CG  . LEU A 1 93  ? 5.592   6.129   13.046  1.00 17.51 ? 93  LEU A CG  1 
ATOM   703 C  CD1 . LEU A 1 93  ? 4.866   5.337   14.120  1.00 26.49 ? 93  LEU A CD1 1 
ATOM   704 C  CD2 . LEU A 1 93  ? 5.376   7.626   13.240  1.00 17.51 ? 93  LEU A CD2 1 
ATOM   705 N  N   . HIS A 1 98  ? 4.504   13.581  3.391   1.00 32.42 ? 98  HIS A N   1 
ATOM   706 C  CA  . HIS A 1 98  ? 4.918   12.497  2.506   1.00 34.12 ? 98  HIS A CA  1 
ATOM   707 C  C   . HIS A 1 98  ? 4.036   11.259  2.614   1.00 29.85 ? 98  HIS A C   1 
ATOM   708 O  O   . HIS A 1 98  ? 3.836   10.717  3.700   1.00 31.81 ? 98  HIS A O   1 
ATOM   709 C  CB  . HIS A 1 98  ? 6.365   12.088  2.798   1.00 42.10 ? 98  HIS A CB  1 
ATOM   710 C  CG  . HIS A 1 98  ? 7.387   12.955  2.131   1.00 45.03 ? 98  HIS A CG  1 
ATOM   711 N  ND1 . HIS A 1 98  ? 8.739   12.680  2.182   1.00 44.77 ? 98  HIS A ND1 1 
ATOM   712 C  CD2 . HIS A 1 98  ? 7.264   14.086  1.397   1.00 47.62 ? 98  HIS A CD2 1 
ATOM   713 C  CE1 . HIS A 1 98  ? 9.400   13.604  1.510   1.00 44.79 ? 98  HIS A CE1 1 
ATOM   714 N  NE2 . HIS A 1 98  ? 8.528   14.470  1.023   1.00 49.86 ? 98  HIS A NE2 1 
ATOM   715 N  N   . HIS A 1 99  ? 3.520   10.811  1.476   1.00 30.73 ? 99  HIS A N   1 
ATOM   716 C  CA  . HIS A 1 99  ? 2.682   9.619   1.428   1.00 21.50 ? 99  HIS A CA  1 
ATOM   717 C  C   . HIS A 1 99  ? 3.263   8.617   0.445   1.00 17.41 ? 99  HIS A C   1 
ATOM   718 O  O   . HIS A 1 99  ? 4.090   8.963   -0.401  1.00 18.97 ? 99  HIS A O   1 
ATOM   719 C  CB  . HIS A 1 99  ? 1.257   9.976   0.996   1.00 21.88 ? 99  HIS A CB  1 
ATOM   720 C  CG  . HIS A 1 99  ? 0.438   10.607  2.076   1.00 25.69 ? 99  HIS A CG  1 
ATOM   721 N  ND1 . HIS A 1 99  ? 0.732   11.842  2.611   1.00 26.76 ? 99  HIS A ND1 1 
ATOM   722 C  CD2 . HIS A 1 99  ? -0.664  10.166  2.729   1.00 16.82 ? 99  HIS A CD2 1 
ATOM   723 C  CE1 . HIS A 1 99  ? -0.152  12.136  3.548   1.00 24.10 ? 99  HIS A CE1 1 
ATOM   724 N  NE2 . HIS A 1 99  ? -1.010  11.135  3.640   1.00 19.91 ? 99  HIS A NE2 1 
ATOM   725 N  N   . HIS A 1 100 ? 2.828   7.367   0.568   1.00 13.98 ? 100 HIS A N   1 
ATOM   726 C  CA  . HIS A 1 100 ? 3.279   6.305   -0.327  1.00 12.19 ? 100 HIS A CA  1 
ATOM   727 C  C   . HIS A 1 100 ? 2.082   5.813   -1.120  1.00 11.24 ? 100 HIS A C   1 
ATOM   728 O  O   . HIS A 1 100 ? 0.957   6.256   -0.792  1.00 9.86  ? 100 HIS A O   1 
ATOM   729 C  CB  . HIS A 1 100 ? 3.873   5.143   0.473   1.00 15.16 ? 100 HIS A CB  1 
ATOM   730 C  CG  . HIS A 1 100 ? 5.030   5.537   1.334   1.00 15.48 ? 100 HIS A CG  1 
ATOM   731 N  ND1 . HIS A 1 100 ? 6.201   6.052   0.817   1.00 15.70 ? 100 HIS A ND1 1 
ATOM   732 C  CD2 . HIS A 1 100 ? 5.187   5.527   2.678   1.00 17.58 ? 100 HIS A CD2 1 
ATOM   733 C  CE1 . HIS A 1 100 ? 7.025   6.344   1.807   1.00 18.48 ? 100 HIS A CE1 1 
ATOM   734 N  NE2 . HIS A 1 100 ? 6.433   6.035   2.947   1.00 19.23 ? 100 HIS A NE2 1 
ATOM   735 O  OXT . HIS A 1 100 ? 2.282   4.993   -2.048  1.00 12.04 ? 100 HIS A OXT 1 
HETATM 736 BR BR  . BR  B 2 .   ? 5.243   -0.896  7.963   1.00 34.19 ? 101 BR  A BR  1 
HETATM 737 O  O   . HOH C 3 .   ? 8.957   2.330   -14.095 1.00 34.15 ? 102 HOH A O   1 
HETATM 738 O  O   . HOH C 3 .   ? 4.772   15.239  5.481   1.00 40.47 ? 103 HOH A O   1 
HETATM 739 O  O   . HOH C 3 .   ? 14.712  -5.071  -4.030  1.00 31.69 ? 104 HOH A O   1 
HETATM 740 O  O   . HOH C 3 .   ? -5.402  -12.469 10.131  1.00 38.25 ? 105 HOH A O   1 
HETATM 741 O  O   . HOH C 3 .   ? -14.566 -7.130  5.506   1.00 32.37 ? 106 HOH A O   1 
HETATM 742 O  O   . HOH C 3 .   ? 16.702  -5.337  0.284   1.00 19.44 ? 107 HOH A O   1 
HETATM 743 O  O   . HOH C 3 .   ? 8.546   -8.820  11.095  1.00 39.04 ? 108 HOH A O   1 
HETATM 744 O  O   . HOH C 3 .   ? 7.334   -6.075  -4.747  1.00 36.84 ? 109 HOH A O   1 
HETATM 745 O  O   . HOH C 3 .   ? 6.691   -15.534 5.614   1.00 36.82 ? 110 HOH A O   1 
HETATM 746 O  O   . HOH C 3 .   ? 7.994   2.162   13.061  1.00 39.10 ? 111 HOH A O   1 
HETATM 747 O  O   . HOH C 3 .   ? 1.242   13.049  -0.380  1.00 32.17 ? 112 HOH A O   1 
HETATM 748 O  O   . HOH C 3 .   ? 8.648   15.907  8.245   1.00 34.48 ? 113 HOH A O   1 
HETATM 749 O  O   . HOH C 3 .   ? -13.148 12.870  1.014   1.00 41.47 ? 114 HOH A O   1 
HETATM 750 O  O   . HOH C 3 .   ? 2.553   -12.383 4.689   1.00 45.07 ? 115 HOH A O   1 
HETATM 751 O  O   . HOH C 3 .   ? -1.192  -12.125 7.545   1.00 28.37 ? 116 HOH A O   1 
HETATM 752 O  O   . HOH C 3 .   ? 5.016   -7.628  -4.616  1.00 51.18 ? 117 HOH A O   1 
HETATM 753 O  O   . HOH C 3 .   ? -4.471  -5.619  10.328  1.00 19.84 ? 118 HOH A O   1 
HETATM 754 O  O   . HOH C 3 .   ? 0.631   -13.539 1.813   1.00 43.70 ? 119 HOH A O   1 
HETATM 755 O  O   . HOH C 3 .   ? -0.135  -7.067  14.577  1.00 29.54 ? 120 HOH A O   1 
HETATM 756 O  O   . HOH C 3 .   ? -2.602  -5.682  14.067  1.00 37.67 ? 121 HOH A O   1 
HETATM 757 O  O   . HOH C 3 .   ? 9.878   2.612   4.809   1.00 31.32 ? 122 HOH A O   1 
HETATM 758 O  O   . HOH C 3 .   ? 7.845   15.358  4.252   1.00 34.38 ? 123 HOH A O   1 
HETATM 759 O  O   . HOH C 3 .   ? -5.509  5.813   -4.459  1.00 12.67 ? 124 HOH A O   1 
HETATM 760 O  O   . HOH C 3 .   ? -10.972 2.345   -4.977  1.00 19.89 ? 125 HOH A O   1 
HETATM 761 O  O   . HOH C 3 .   ? -8.687  5.062   8.034   1.00 18.42 ? 126 HOH A O   1 
HETATM 762 O  O   . HOH C 3 .   ? -2.232  -1.246  -14.335 1.00 10.43 ? 127 HOH A O   1 
HETATM 763 O  O   . HOH C 3 .   ? 0.183   -2.715  -11.457 1.00 16.84 ? 128 HOH A O   1 
HETATM 764 O  O   . HOH C 3 .   ? -9.403  2.147   -7.555  1.00 8.21  ? 129 HOH A O   1 
HETATM 765 O  O   . HOH C 3 .   ? 4.555   -9.171  2.300   1.00 11.48 ? 130 HOH A O   1 
HETATM 766 O  O   . HOH C 3 .   ? 11.435  1.921   -8.273  1.00 19.26 ? 131 HOH A O   1 
HETATM 767 O  O   . HOH C 3 .   ? -3.787  -10.032 3.458   1.00 21.85 ? 132 HOH A O   1 
HETATM 768 O  O   . HOH C 3 .   ? 13.352  -6.693  -1.194  1.00 19.45 ? 133 HOH A O   1 
HETATM 769 O  O   . HOH C 3 .   ? -1.642  -8.697  -4.459  1.00 10.45 ? 134 HOH A O   1 
HETATM 770 O  O   . HOH C 3 .   ? -6.900  6.979   7.950   1.00 18.10 ? 135 HOH A O   1 
HETATM 771 O  O   . HOH C 3 .   ? 0.340   9.694   8.746   1.00 18.19 ? 136 HOH A O   1 
HETATM 772 O  O   . HOH C 3 .   ? -1.223  14.131  -3.743  1.00 23.85 ? 137 HOH A O   1 
HETATM 773 O  O   . HOH C 3 .   ? -3.074  -3.757  -13.466 1.00 15.82 ? 138 HOH A O   1 
HETATM 774 O  O   . HOH C 3 .   ? -1.499  -12.478 0.916   1.00 18.53 ? 139 HOH A O   1 
HETATM 775 O  O   . HOH C 3 .   ? 8.126   7.015   -10.438 1.00 22.68 ? 140 HOH A O   1 
HETATM 776 O  O   . HOH C 3 .   ? 4.379   -7.815  -7.284  1.00 24.54 ? 141 HOH A O   1 
HETATM 777 O  O   . HOH C 3 .   ? -10.405 -1.844  4.882   1.00 15.56 ? 142 HOH A O   1 
HETATM 778 O  O   . HOH C 3 .   ? -5.394  10.553  8.766   1.00 25.56 ? 143 HOH A O   1 
HETATM 779 O  O   . HOH C 3 .   ? -11.981 -3.904  3.640   1.00 28.99 ? 144 HOH A O   1 
HETATM 780 O  O   . HOH C 3 .   ? 12.141  -9.606  5.015   1.00 18.14 ? 145 HOH A O   1 
HETATM 781 O  O   . HOH C 3 .   ? -10.342 4.546   4.997   1.00 29.35 ? 146 HOH A O   1 
HETATM 782 O  O   . HOH C 3 .   ? 5.492   17.347  -11.776 1.00 17.53 ? 147 HOH A O   1 
HETATM 783 O  O   . HOH C 3 .   ? -5.268  -6.261  -10.676 1.00 19.99 ? 148 HOH A O   1 
HETATM 784 O  O   . HOH C 3 .   ? -0.961  -8.700  11.942  1.00 38.78 ? 149 HOH A O   1 
HETATM 785 O  O   . HOH C 3 .   ? 0.669   8.219   -15.969 1.00 15.17 ? 150 HOH A O   1 
HETATM 786 O  O   . HOH C 3 .   ? 13.202  -3.163  -4.885  1.00 14.88 ? 151 HOH A O   1 
HETATM 787 O  O   . HOH C 3 .   ? -2.432  -12.232 -4.810  1.00 18.63 ? 152 HOH A O   1 
HETATM 788 O  O   . HOH C 3 .   ? 10.604  -3.569  -5.378  1.00 20.47 ? 153 HOH A O   1 
HETATM 789 O  O   . HOH C 3 .   ? 5.758   6.993   -13.189 1.00 43.76 ? 154 HOH A O   1 
HETATM 790 O  O   . HOH C 3 .   ? -12.020 -9.785  -1.087  1.00 20.75 ? 155 HOH A O   1 
HETATM 791 O  O   . HOH C 3 .   ? 1.935   -2.117  -9.698  1.00 51.71 ? 156 HOH A O   1 
HETATM 792 O  O   . HOH C 3 .   ? -7.800  -2.113  10.504  1.00 33.79 ? 157 HOH A O   1 
HETATM 793 O  O   . HOH C 3 .   ? 4.431   10.615  -12.876 1.00 34.02 ? 158 HOH A O   1 
HETATM 794 O  O   . HOH C 3 .   ? 7.496   -2.896  6.793   1.00 21.97 ? 159 HOH A O   1 
HETATM 795 O  O   . HOH C 3 .   ? -1.395  5.108   -16.371 1.00 25.47 ? 160 HOH A O   1 
HETATM 796 O  O   . HOH C 3 .   ? 4.468   5.898   -3.413  1.00 10.54 ? 161 HOH A O   1 
HETATM 797 O  O   . HOH C 3 .   ? -8.881  15.849  2.080   1.00 50.11 ? 162 HOH A O   1 
HETATM 798 O  O   . HOH C 3 .   ? 5.241   -11.240 3.901   1.00 17.46 ? 163 HOH A O   1 
HETATM 799 O  O   . HOH C 3 .   ? -10.489 -14.150 5.967   1.00 18.03 ? 164 HOH A O   1 
HETATM 800 O  O   . HOH C 3 .   ? -5.685  -11.061 1.642   1.00 20.67 ? 165 HOH A O   1 
HETATM 801 O  O   . HOH C 3 .   ? -3.244  -12.004 5.907   1.00 41.47 ? 166 HOH A O   1 
HETATM 802 O  O   . HOH C 3 .   ? 11.216  -8.698  9.659   1.00 23.16 ? 167 HOH A O   1 
HETATM 803 O  O   . HOH C 3 .   ? 7.654   -11.341 2.574   1.00 30.91 ? 168 HOH A O   1 
HETATM 804 O  O   . HOH C 3 .   ? 13.793  -5.383  1.047   1.00 38.33 ? 169 HOH A O   1 
HETATM 805 O  O   . HOH C 3 .   ? 13.401  6.101   0.749   1.00 31.49 ? 170 HOH A O   1 
HETATM 806 O  O   . HOH C 3 .   ? 10.191  -2.802  6.610   1.00 27.33 ? 171 HOH A O   1 
HETATM 807 O  O   . HOH C 3 .   ? 12.151  -0.649  4.858   1.00 32.84 ? 172 HOH A O   1 
HETATM 808 O  O   . HOH C 3 .   ? 6.478   7.261   -1.937  1.00 25.54 ? 173 HOH A O   1 
HETATM 809 O  O   . HOH C 3 .   ? 3.229   -2.135  -14.433 1.00 35.32 ? 174 HOH A O   1 
HETATM 810 O  O   . HOH C 3 .   ? -5.503  -13.384 0.705   1.00 44.03 ? 175 HOH A O   1 
HETATM 811 O  O   . HOH C 3 .   ? -8.477  -12.634 0.078   1.00 28.67 ? 176 HOH A O   1 
HETATM 812 O  O   . HOH C 3 .   ? -7.212  -15.082 -0.897  1.00 27.35 ? 177 HOH A O   1 
HETATM 813 O  O   . HOH C 3 .   ? -12.518 -9.962  -3.653  1.00 32.41 ? 178 HOH A O   1 
HETATM 814 O  O   . HOH C 3 .   ? -11.730 -4.719  -6.825  1.00 13.81 ? 179 HOH A O   1 
HETATM 815 O  O   . HOH C 3 .   ? -13.803 -7.503  8.531   1.00 27.38 ? 180 HOH A O   1 
HETATM 816 O  O   . HOH C 3 .   ? 4.814   17.433  -2.751  1.00 12.88 ? 181 HOH A O   1 
HETATM 817 O  O   . HOH C 3 .   ? 7.658   16.795  -3.629  1.00 20.22 ? 182 HOH A O   1 
HETATM 818 O  O   . HOH C 3 .   ? 9.290   14.153  -5.613  1.00 41.70 ? 183 HOH A O   1 
HETATM 819 O  O   . HOH C 3 .   ? 7.198   11.923  -2.300  1.00 22.52 ? 184 HOH A O   1 
HETATM 820 O  O   . HOH C 3 .   ? 15.151  -3.255  0.499   1.00 12.26 ? 185 HOH A O   1 
HETATM 821 O  O   . HOH C 3 .   ? -5.384  1.360   -14.313 1.00 17.82 ? 186 HOH A O   1 
HETATM 822 O  O   . HOH C 3 .   ? 3.491   8.301   -13.668 1.00 16.98 ? 187 HOH A O   1 
HETATM 823 O  O   . HOH C 3 .   ? -10.906 4.147   -8.688  1.00 17.52 ? 188 HOH A O   1 
HETATM 824 O  O   . HOH C 3 .   ? -13.467 -1.985  1.784   1.00 27.97 ? 189 HOH A O   1 
HETATM 825 O  O   . HOH C 3 .   ? 6.777   9.650   -1.100  1.00 23.98 ? 190 HOH A O   1 
HETATM 826 O  O   . HOH C 3 .   ? 7.119   9.181   -11.762 1.00 28.75 ? 191 HOH A O   1 
HETATM 827 O  O   . HOH C 3 .   ? 9.758   8.149   -8.360  1.00 22.93 ? 192 HOH A O   1 
HETATM 828 O  O   . HOH C 3 .   ? -7.485  1.027   -10.754 1.00 37.70 ? 193 HOH A O   1 
HETATM 829 O  O   . HOH C 3 .   ? -7.703  9.569   8.636   1.00 30.16 ? 194 HOH A O   1 
HETATM 830 O  O   . HOH C 3 .   ? 15.070  -7.639  1.764   1.00 37.68 ? 195 HOH A O   1 
HETATM 831 O  O   . HOH C 3 .   ? 5.074   12.649  -14.198 1.00 23.81 ? 196 HOH A O   1 
HETATM 832 O  O   . HOH C 3 .   ? 4.722   -13.823 2.407   1.00 40.45 ? 197 HOH A O   1 
HETATM 833 O  O   . HOH C 3 .   ? 14.477  -9.821  3.347   1.00 30.00 ? 198 HOH A O   1 
HETATM 834 O  O   . HOH C 3 .   ? 11.604  2.788   -10.645 1.00 31.85 ? 199 HOH A O   1 
HETATM 835 O  O   . HOH C 3 .   ? -5.208  13.280  8.845   1.00 29.21 ? 200 HOH A O   1 
HETATM 836 O  O   . HOH C 3 .   ? 4.615   12.345  -0.574  1.00 28.01 ? 201 HOH A O   1 
HETATM 837 O  O   . HOH C 3 .   ? -9.414  7.728   4.744   1.00 37.99 ? 202 HOH A O   1 
HETATM 838 O  O   . HOH C 3 .   ? 4.900   8.497   4.168   1.00 42.72 ? 203 HOH A O   1 
HETATM 839 O  O   . HOH C 3 .   ? 6.553   14.587  7.509   1.00 39.05 ? 204 HOH A O   1 
HETATM 840 O  O   . HOH C 3 .   ? 12.813  1.661   5.617   1.00 30.51 ? 205 HOH A O   1 
HETATM 841 O  O   . HOH C 3 .   ? 3.210   0.826   -15.833 1.00 27.59 ? 206 HOH A O   1 
HETATM 842 O  O   . HOH C 3 .   ? 5.789   -4.998  9.208   1.00 16.16 ? 207 HOH A O   1 
HETATM 843 O  O   . HOH C 3 .   ? 9.346   -5.489  -6.676  1.00 29.17 ? 208 HOH A O   1 
HETATM 844 O  O   . HOH C 3 .   ? -0.646  12.006  7.573   1.00 39.20 ? 209 HOH A O   1 
HETATM 845 O  O   . HOH C 3 .   ? 1.442   -11.576 6.855   1.00 30.92 ? 210 HOH A O   1 
HETATM 846 O  O   . HOH C 3 .   ? -9.665  -14.696 2.025   1.00 27.89 ? 211 HOH A O   1 
HETATM 847 O  O   . HOH C 3 .   ? 10.627  -3.198  -8.069  1.00 26.71 ? 212 HOH A O   1 
HETATM 848 O  O   . HOH C 3 .   ? 8.343   -13.794 6.469   1.00 21.83 ? 213 HOH A O   1 
HETATM 849 O  O   . HOH C 3 .   ? 11.006  -14.697 6.714   1.00 39.80 ? 214 HOH A O   1 
HETATM 850 O  O   . HOH C 3 .   ? -12.373 -4.852  -0.299  1.00 39.39 ? 215 HOH A O   1 
HETATM 851 O  O   . HOH C 3 .   ? 18.212  -12.346 4.185   1.00 22.32 ? 216 HOH A O   1 
HETATM 852 O  O   . HOH C 3 .   ? 9.576   14.542  5.923   1.00 43.89 ? 217 HOH A O   1 
HETATM 853 O  O   . HOH C 3 .   ? -11.661 -1.217  -5.690  1.00 38.92 ? 218 HOH A O   1 
HETATM 854 O  O   . HOH C 3 .   ? -4.076  -14.405 8.151   1.00 41.32 ? 219 HOH A O   1 
HETATM 855 O  O   . HOH C 3 .   ? 7.545   9.064   3.478   1.00 35.28 ? 220 HOH A O   1 
HETATM 856 O  O   . HOH C 3 .   ? -12.495 1.633   2.438   1.00 44.46 ? 221 HOH A O   1 
HETATM 857 O  O   . HOH C 3 .   ? -4.766  1.489   -16.644 1.00 29.66 ? 222 HOH A O   1 
HETATM 858 O  O   . HOH C 3 .   ? 10.635  -11.833 4.530   1.00 36.85 ? 223 HOH A O   1 
# 
